data_1WI7
#
_entry.id   1WI7
#
_entity_poly.entity_id   1
_entity_poly.type   'polypeptide(L)'
_entity_poly.pdbx_seq_one_letter_code
;GSSGSSGRRCQVAFSYLPQNDDELELKVGDIIEVVGEVEEGWWEGVLNGKTGMFPSNFIKELSGPSSG
;
_entity_poly.pdbx_strand_id   A
#
# COMPACT_ATOMS: atom_id res chain seq x y z
N GLY A 1 24.71 11.38 13.36
CA GLY A 1 24.01 10.85 12.21
C GLY A 1 22.67 10.24 12.61
N SER A 2 21.61 10.98 12.33
CA SER A 2 20.26 10.51 12.65
C SER A 2 19.28 10.99 11.60
N SER A 3 18.32 10.14 11.28
CA SER A 3 17.31 10.46 10.30
C SER A 3 15.95 9.88 10.72
N GLY A 4 14.91 10.38 10.08
CA GLY A 4 13.56 9.92 10.38
C GLY A 4 12.90 9.30 9.15
N SER A 5 12.83 7.97 9.17
CA SER A 5 12.24 7.24 8.07
C SER A 5 10.81 6.83 8.43
N SER A 6 9.87 7.29 7.61
CA SER A 6 8.46 6.98 7.82
C SER A 6 7.64 7.46 6.64
N GLY A 7 6.93 6.52 6.01
CA GLY A 7 6.10 6.84 4.87
C GLY A 7 6.65 6.19 3.60
N ARG A 8 5.91 5.20 3.11
CA ARG A 8 6.31 4.50 1.90
C ARG A 8 5.16 4.48 0.89
N ARG A 9 5.53 4.44 -0.37
CA ARG A 9 4.55 4.41 -1.44
C ARG A 9 4.79 3.21 -2.36
N CYS A 10 3.70 2.65 -2.85
CA CYS A 10 3.77 1.50 -3.74
C CYS A 10 2.58 1.57 -4.70
N GLN A 11 2.83 1.11 -5.93
CA GLN A 11 1.80 1.11 -6.95
C GLN A 11 1.18 -0.28 -7.07
N VAL A 12 -0.15 -0.30 -7.14
CA VAL A 12 -0.88 -1.55 -7.25
C VAL A 12 -0.76 -2.08 -8.68
N ALA A 13 -0.18 -3.27 -8.79
CA ALA A 13 0.00 -3.89 -10.09
C ALA A 13 -1.19 -4.80 -10.39
N PHE A 14 -1.90 -5.17 -9.33
CA PHE A 14 -3.06 -6.03 -9.45
C PHE A 14 -4.20 -5.54 -8.57
N SER A 15 -5.36 -5.37 -9.20
CA SER A 15 -6.54 -4.91 -8.49
C SER A 15 -7.03 -6.00 -7.53
N TYR A 16 -7.43 -5.57 -6.34
CA TYR A 16 -7.92 -6.49 -5.34
C TYR A 16 -9.22 -5.97 -4.70
N LEU A 17 -10.24 -6.81 -4.75
CA LEU A 17 -11.53 -6.46 -4.18
C LEU A 17 -11.61 -6.96 -2.73
N PRO A 18 -11.96 -6.02 -1.82
CA PRO A 18 -12.07 -6.35 -0.41
C PRO A 18 -13.36 -7.15 -0.14
N GLN A 19 -13.17 -8.39 0.26
CA GLN A 19 -14.30 -9.27 0.55
C GLN A 19 -14.85 -8.97 1.95
N ASN A 20 -14.32 -7.91 2.55
CA ASN A 20 -14.75 -7.50 3.87
C ASN A 20 -14.82 -5.97 3.94
N ASP A 21 -15.37 -5.49 5.03
CA ASP A 21 -15.51 -4.04 5.22
C ASP A 21 -14.34 -3.54 6.08
N ASP A 22 -13.21 -4.21 5.94
CA ASP A 22 -12.03 -3.84 6.70
C ASP A 22 -10.78 -4.09 5.83
N GLU A 23 -11.01 -4.21 4.53
CA GLU A 23 -9.93 -4.44 3.60
C GLU A 23 -9.79 -3.28 2.63
N LEU A 24 -8.69 -3.29 1.89
CA LEU A 24 -8.43 -2.23 0.92
C LEU A 24 -8.75 -2.74 -0.48
N GLU A 25 -9.12 -1.81 -1.35
CA GLU A 25 -9.45 -2.15 -2.72
C GLU A 25 -8.32 -1.73 -3.66
N LEU A 26 -7.50 -2.70 -4.02
CA LEU A 26 -6.38 -2.44 -4.92
C LEU A 26 -6.90 -2.29 -6.35
N LYS A 27 -6.32 -1.32 -7.05
CA LYS A 27 -6.71 -1.06 -8.43
C LYS A 27 -5.48 -0.69 -9.24
N VAL A 28 -5.17 -1.53 -10.22
CA VAL A 28 -4.03 -1.30 -11.08
C VAL A 28 -3.87 0.20 -11.33
N GLY A 29 -2.84 0.76 -10.71
CA GLY A 29 -2.57 2.18 -10.86
C GLY A 29 -2.71 2.91 -9.52
N ASP A 30 -3.37 2.24 -8.59
CA ASP A 30 -3.58 2.82 -7.27
C ASP A 30 -2.26 2.82 -6.51
N ILE A 31 -2.11 3.83 -5.66
CA ILE A 31 -0.90 3.97 -4.87
C ILE A 31 -1.26 3.99 -3.38
N ILE A 32 -0.79 2.97 -2.67
CA ILE A 32 -1.06 2.86 -1.25
C ILE A 32 0.18 3.29 -0.47
N GLU A 33 -0.02 4.25 0.43
CA GLU A 33 1.06 4.76 1.24
C GLU A 33 1.34 3.81 2.41
N VAL A 34 2.19 2.83 2.14
CA VAL A 34 2.56 1.84 3.14
C VAL A 34 2.86 2.56 4.46
N VAL A 35 2.01 2.35 5.43
CA VAL A 35 2.18 2.97 6.74
C VAL A 35 2.90 1.99 7.67
N GLY A 36 2.60 0.72 7.48
CA GLY A 36 3.20 -0.32 8.29
C GLY A 36 3.09 -1.69 7.62
N GLU A 37 3.00 -2.72 8.44
CA GLU A 37 2.90 -4.07 7.94
C GLU A 37 2.00 -4.92 8.85
N VAL A 38 0.99 -5.52 8.25
CA VAL A 38 0.06 -6.34 9.00
C VAL A 38 0.74 -7.67 9.36
N GLU A 39 0.87 -8.52 8.36
CA GLU A 39 1.50 -9.82 8.55
C GLU A 39 2.27 -10.23 7.30
N GLU A 40 2.95 -11.36 7.41
CA GLU A 40 3.73 -11.88 6.29
C GLU A 40 2.88 -11.94 5.02
N GLY A 41 3.27 -11.13 4.05
CA GLY A 41 2.55 -11.10 2.78
C GLY A 41 1.41 -10.08 2.83
N TRP A 42 1.21 -9.50 4.03
CA TRP A 42 0.17 -8.52 4.22
C TRP A 42 0.81 -7.26 4.79
N TRP A 43 0.54 -6.14 4.13
CA TRP A 43 1.08 -4.87 4.56
C TRP A 43 -0.09 -3.93 4.88
N GLU A 44 0.24 -2.80 5.47
CA GLU A 44 -0.77 -1.81 5.83
C GLU A 44 -0.44 -0.45 5.23
N GLY A 45 -1.41 0.11 4.54
CA GLY A 45 -1.24 1.41 3.91
C GLY A 45 -2.57 2.16 3.80
N VAL A 46 -2.54 3.24 3.04
CA VAL A 46 -3.73 4.05 2.85
C VAL A 46 -4.06 4.11 1.35
N LEU A 47 -5.35 4.03 1.06
CA LEU A 47 -5.80 4.08 -0.32
C LEU A 47 -6.71 5.31 -0.51
N ASN A 48 -6.07 6.42 -0.81
CA ASN A 48 -6.80 7.67 -1.03
C ASN A 48 -7.49 8.07 0.28
N GLY A 49 -6.73 8.02 1.36
CA GLY A 49 -7.26 8.38 2.66
C GLY A 49 -7.75 7.14 3.41
N LYS A 50 -8.24 6.18 2.64
CA LYS A 50 -8.74 4.94 3.22
C LYS A 50 -7.58 4.17 3.86
N THR A 51 -7.92 3.04 4.45
CA THR A 51 -6.92 2.21 5.11
C THR A 51 -7.43 0.78 5.25
N GLY A 52 -6.50 -0.15 5.25
CA GLY A 52 -6.84 -1.56 5.39
C GLY A 52 -5.63 -2.45 5.05
N MET A 53 -5.76 -3.72 5.40
CA MET A 53 -4.71 -4.68 5.14
C MET A 53 -4.79 -5.21 3.71
N PHE A 54 -3.64 -5.20 3.04
CA PHE A 54 -3.57 -5.68 1.68
C PHE A 54 -2.31 -6.53 1.45
N PRO A 55 -2.38 -7.40 0.41
CA PRO A 55 -1.27 -8.26 0.09
C PRO A 55 -0.15 -7.48 -0.61
N SER A 56 1.05 -7.60 -0.06
CA SER A 56 2.20 -6.91 -0.60
C SER A 56 2.83 -7.75 -1.71
N ASN A 57 2.11 -8.78 -2.12
CA ASN A 57 2.59 -9.67 -3.16
C ASN A 57 1.84 -9.38 -4.46
N PHE A 58 1.17 -8.24 -4.47
CA PHE A 58 0.41 -7.82 -5.64
C PHE A 58 0.61 -6.33 -5.93
N ILE A 59 1.81 -5.87 -5.63
CA ILE A 59 2.15 -4.47 -5.86
C ILE A 59 3.59 -4.37 -6.35
N LYS A 60 4.06 -3.14 -6.45
CA LYS A 60 5.42 -2.89 -6.91
C LYS A 60 5.96 -1.62 -6.26
N GLU A 61 6.84 -1.81 -5.29
CA GLU A 61 7.43 -0.69 -4.58
C GLU A 61 8.00 0.33 -5.57
N LEU A 62 8.28 1.52 -5.05
CA LEU A 62 8.82 2.58 -5.88
C LEU A 62 9.86 3.37 -5.07
N SER A 63 11.07 3.38 -5.59
CA SER A 63 12.16 4.07 -4.93
C SER A 63 13.04 4.78 -5.97
N GLY A 64 13.61 5.89 -5.57
CA GLY A 64 14.47 6.67 -6.45
C GLY A 64 13.65 7.45 -7.47
N PRO A 65 14.37 8.07 -8.44
CA PRO A 65 13.72 8.86 -9.47
C PRO A 65 13.04 7.96 -10.51
N SER A 66 12.06 7.20 -10.02
CA SER A 66 11.33 6.30 -10.88
C SER A 66 9.96 6.91 -11.26
N SER A 67 9.92 7.48 -12.44
CA SER A 67 8.70 8.10 -12.92
C SER A 67 8.32 7.54 -14.29
N GLY A 68 7.04 7.63 -14.60
CA GLY A 68 6.54 7.12 -15.88
C GLY A 68 6.83 8.12 -17.01
N GLY A 1 -1.45 15.23 5.72
CA GLY A 1 -0.85 14.96 7.02
C GLY A 1 0.51 15.64 7.15
N SER A 2 0.90 15.88 8.39
CA SER A 2 2.17 16.52 8.65
C SER A 2 2.94 15.74 9.74
N SER A 3 3.75 14.80 9.29
CA SER A 3 4.54 13.99 10.20
C SER A 3 5.46 13.06 9.41
N GLY A 4 6.66 12.88 9.94
CA GLY A 4 7.64 12.03 9.30
C GLY A 4 7.91 10.78 10.14
N SER A 5 7.06 9.78 9.95
CA SER A 5 7.19 8.54 10.68
C SER A 5 6.77 7.36 9.79
N SER A 6 7.77 6.67 9.27
CA SER A 6 7.51 5.52 8.40
C SER A 6 6.47 5.90 7.33
N GLY A 7 6.99 6.33 6.19
CA GLY A 7 6.13 6.72 5.09
C GLY A 7 6.62 6.13 3.77
N ARG A 8 6.01 5.01 3.39
CA ARG A 8 6.38 4.34 2.15
C ARG A 8 5.22 4.38 1.15
N ARG A 9 5.55 4.13 -0.09
CA ARG A 9 4.55 4.14 -1.15
C ARG A 9 4.84 3.01 -2.16
N CYS A 10 3.76 2.44 -2.68
CA CYS A 10 3.87 1.37 -3.64
C CYS A 10 2.66 1.43 -4.58
N GLN A 11 2.89 1.03 -5.82
CA GLN A 11 1.83 1.03 -6.81
C GLN A 11 1.16 -0.35 -6.88
N VAL A 12 -0.13 -0.32 -7.20
CA VAL A 12 -0.89 -1.55 -7.29
C VAL A 12 -0.80 -2.10 -8.72
N ALA A 13 -0.20 -3.27 -8.84
CA ALA A 13 -0.04 -3.90 -10.14
C ALA A 13 -1.27 -4.78 -10.43
N PHE A 14 -1.86 -5.27 -9.36
CA PHE A 14 -3.03 -6.12 -9.48
C PHE A 14 -4.16 -5.64 -8.56
N SER A 15 -5.31 -5.35 -9.17
CA SER A 15 -6.46 -4.89 -8.42
C SER A 15 -6.94 -5.98 -7.47
N TYR A 16 -7.39 -5.55 -6.29
CA TYR A 16 -7.88 -6.47 -5.29
C TYR A 16 -9.17 -5.96 -4.67
N LEU A 17 -10.19 -6.80 -4.71
CA LEU A 17 -11.48 -6.45 -4.15
C LEU A 17 -11.57 -6.96 -2.71
N PRO A 18 -11.93 -6.02 -1.79
CA PRO A 18 -12.05 -6.36 -0.38
C PRO A 18 -13.31 -7.16 -0.11
N GLN A 19 -13.12 -8.40 0.29
CA GLN A 19 -14.25 -9.28 0.58
C GLN A 19 -14.79 -9.00 1.99
N ASN A 20 -14.27 -7.94 2.58
CA ASN A 20 -14.69 -7.55 3.92
C ASN A 20 -14.73 -6.02 4.02
N ASP A 21 -15.40 -5.54 5.06
CA ASP A 21 -15.52 -4.12 5.28
C ASP A 21 -14.36 -3.64 6.15
N ASP A 22 -13.20 -4.25 5.95
CA ASP A 22 -12.02 -3.91 6.71
C ASP A 22 -10.78 -4.18 5.86
N GLU A 23 -10.98 -4.23 4.55
CA GLU A 23 -9.89 -4.48 3.63
C GLU A 23 -9.74 -3.31 2.66
N LEU A 24 -8.63 -3.33 1.93
CA LEU A 24 -8.35 -2.28 0.97
C LEU A 24 -8.69 -2.77 -0.44
N GLU A 25 -9.09 -1.83 -1.28
CA GLU A 25 -9.45 -2.15 -2.65
C GLU A 25 -8.33 -1.72 -3.61
N LEU A 26 -7.48 -2.69 -3.96
CA LEU A 26 -6.38 -2.42 -4.86
C LEU A 26 -6.91 -2.26 -6.29
N LYS A 27 -6.36 -1.28 -6.99
CA LYS A 27 -6.77 -1.02 -8.36
C LYS A 27 -5.53 -0.71 -9.20
N VAL A 28 -5.30 -1.56 -10.18
CA VAL A 28 -4.16 -1.40 -11.06
C VAL A 28 -3.93 0.09 -11.31
N GLY A 29 -2.90 0.62 -10.68
CA GLY A 29 -2.58 2.03 -10.83
C GLY A 29 -2.96 2.82 -9.57
N ASP A 30 -2.80 2.17 -8.43
CA ASP A 30 -3.12 2.79 -7.16
C ASP A 30 -1.88 2.82 -6.28
N ILE A 31 -1.68 3.97 -5.64
CA ILE A 31 -0.52 4.14 -4.77
C ILE A 31 -1.00 4.13 -3.31
N ILE A 32 -0.52 3.13 -2.57
CA ILE A 32 -0.88 3.00 -1.18
C ILE A 32 0.30 3.44 -0.31
N GLU A 33 0.10 4.54 0.40
CA GLU A 33 1.14 5.08 1.27
C GLU A 33 1.44 4.10 2.40
N VAL A 34 2.20 3.06 2.05
CA VAL A 34 2.57 2.05 3.02
C VAL A 34 2.91 2.72 4.35
N VAL A 35 2.08 2.46 5.35
CA VAL A 35 2.28 3.03 6.67
C VAL A 35 3.05 2.03 7.54
N GLY A 36 2.64 0.78 7.45
CA GLY A 36 3.28 -0.28 8.21
C GLY A 36 3.04 -1.64 7.57
N GLU A 37 2.98 -2.66 8.41
CA GLU A 37 2.78 -4.01 7.93
C GLU A 37 1.81 -4.77 8.86
N VAL A 38 0.87 -5.47 8.24
CA VAL A 38 -0.11 -6.22 9.00
C VAL A 38 0.47 -7.59 9.35
N GLU A 39 0.74 -8.36 8.31
CA GLU A 39 1.30 -9.70 8.49
C GLU A 39 1.95 -10.18 7.20
N GLU A 40 2.76 -11.22 7.33
CA GLU A 40 3.46 -11.79 6.19
C GLU A 40 2.53 -11.82 4.97
N GLY A 41 3.04 -11.31 3.86
CA GLY A 41 2.27 -11.27 2.64
C GLY A 41 1.11 -10.27 2.74
N TRP A 42 1.20 -9.41 3.75
CA TRP A 42 0.18 -8.41 3.97
C TRP A 42 0.84 -7.19 4.61
N TRP A 43 0.58 -6.04 4.00
CA TRP A 43 1.14 -4.79 4.50
C TRP A 43 -0.02 -3.84 4.82
N GLU A 44 0.32 -2.77 5.51
CA GLU A 44 -0.68 -1.78 5.89
C GLU A 44 -0.36 -0.42 5.25
N GLY A 45 -1.37 0.16 4.61
CA GLY A 45 -1.21 1.44 3.96
C GLY A 45 -2.56 2.16 3.82
N VAL A 46 -2.53 3.26 3.10
CA VAL A 46 -3.73 4.04 2.87
C VAL A 46 -4.06 4.07 1.37
N LEU A 47 -5.35 4.10 1.08
CA LEU A 47 -5.80 4.14 -0.30
C LEU A 47 -6.77 5.30 -0.49
N ASN A 48 -6.22 6.46 -0.83
CA ASN A 48 -7.02 7.65 -1.03
C ASN A 48 -7.72 8.02 0.27
N GLY A 49 -6.95 8.03 1.34
CA GLY A 49 -7.48 8.36 2.65
C GLY A 49 -7.92 7.11 3.41
N LYS A 50 -8.45 6.15 2.65
CA LYS A 50 -8.92 4.90 3.23
C LYS A 50 -7.72 4.14 3.80
N THR A 51 -8.03 3.03 4.46
CA THR A 51 -7.00 2.20 5.05
C THR A 51 -7.47 0.76 5.18
N GLY A 52 -6.52 -0.15 5.31
CA GLY A 52 -6.82 -1.56 5.45
C GLY A 52 -5.58 -2.41 5.23
N MET A 53 -5.79 -3.73 5.22
CA MET A 53 -4.70 -4.66 5.02
C MET A 53 -4.76 -5.27 3.61
N PHE A 54 -3.64 -5.14 2.91
CA PHE A 54 -3.55 -5.67 1.55
C PHE A 54 -2.27 -6.49 1.38
N PRO A 55 -2.30 -7.39 0.36
CA PRO A 55 -1.16 -8.24 0.08
C PRO A 55 -0.05 -7.46 -0.61
N SER A 56 1.17 -7.61 -0.09
CA SER A 56 2.32 -6.92 -0.65
C SER A 56 2.92 -7.75 -1.79
N ASN A 57 2.31 -8.90 -2.02
CA ASN A 57 2.77 -9.79 -3.08
C ASN A 57 1.96 -9.54 -4.34
N PHE A 58 1.38 -8.35 -4.41
CA PHE A 58 0.56 -7.98 -5.56
C PHE A 58 0.67 -6.48 -5.84
N ILE A 59 1.87 -5.95 -5.64
CA ILE A 59 2.11 -4.54 -5.86
C ILE A 59 3.50 -4.36 -6.48
N LYS A 60 3.90 -3.09 -6.61
CA LYS A 60 5.19 -2.78 -7.19
C LYS A 60 5.77 -1.54 -6.50
N GLU A 61 6.75 -1.79 -5.66
CA GLU A 61 7.40 -0.70 -4.93
C GLU A 61 7.88 0.38 -5.90
N LEU A 62 8.28 1.50 -5.32
CA LEU A 62 8.78 2.61 -6.12
C LEU A 62 9.88 3.34 -5.35
N SER A 63 10.82 3.89 -6.11
CA SER A 63 11.93 4.62 -5.52
C SER A 63 12.57 3.78 -4.42
N GLY A 64 13.44 2.87 -4.84
CA GLY A 64 14.13 2.00 -3.90
C GLY A 64 15.65 2.21 -3.97
N PRO A 65 16.36 1.52 -3.04
CA PRO A 65 17.82 1.62 -2.99
C PRO A 65 18.46 0.82 -4.12
N SER A 66 18.09 1.19 -5.34
CA SER A 66 18.63 0.53 -6.51
C SER A 66 20.15 0.44 -6.42
N SER A 67 20.65 -0.80 -6.50
CA SER A 67 22.08 -1.03 -6.42
C SER A 67 22.82 -0.06 -7.34
N GLY A 68 22.47 -0.12 -8.61
CA GLY A 68 23.09 0.76 -9.59
C GLY A 68 24.28 0.06 -10.27
N GLY A 1 2.90 22.66 7.37
CA GLY A 1 3.51 21.36 7.61
C GLY A 1 3.74 20.62 6.30
N SER A 2 4.92 20.80 5.74
CA SER A 2 5.27 20.15 4.49
C SER A 2 6.73 19.67 4.54
N SER A 3 6.91 18.51 5.14
CA SER A 3 8.25 17.93 5.27
C SER A 3 8.46 16.88 4.18
N GLY A 4 7.58 15.89 4.18
CA GLY A 4 7.66 14.81 3.22
C GLY A 4 8.58 13.69 3.72
N SER A 5 8.17 13.08 4.81
CA SER A 5 8.95 11.99 5.40
C SER A 5 8.01 10.98 6.07
N SER A 6 8.52 9.77 6.23
CA SER A 6 7.74 8.71 6.86
C SER A 6 6.54 8.37 5.99
N GLY A 7 6.56 7.15 5.44
CA GLY A 7 5.48 6.68 4.60
C GLY A 7 6.01 6.22 3.23
N ARG A 8 5.93 4.91 3.02
CA ARG A 8 6.39 4.33 1.78
C ARG A 8 5.26 4.30 0.74
N ARG A 9 5.66 4.34 -0.51
CA ARG A 9 4.70 4.32 -1.60
C ARG A 9 4.91 3.09 -2.49
N CYS A 10 3.80 2.55 -2.97
CA CYS A 10 3.85 1.37 -3.82
C CYS A 10 2.67 1.44 -4.80
N GLN A 11 2.91 0.91 -5.99
CA GLN A 11 1.89 0.90 -7.02
C GLN A 11 1.22 -0.47 -7.09
N VAL A 12 -0.10 -0.44 -7.30
CA VAL A 12 -0.87 -1.68 -7.39
C VAL A 12 -0.71 -2.26 -8.80
N ALA A 13 -0.12 -3.44 -8.85
CA ALA A 13 0.08 -4.12 -10.12
C ALA A 13 -1.12 -5.03 -10.41
N PHE A 14 -1.86 -5.33 -9.35
CA PHE A 14 -3.03 -6.19 -9.48
C PHE A 14 -4.16 -5.72 -8.56
N SER A 15 -5.29 -5.44 -9.17
CA SER A 15 -6.45 -4.97 -8.43
C SER A 15 -6.92 -6.06 -7.45
N TYR A 16 -7.39 -5.61 -6.30
CA TYR A 16 -7.86 -6.54 -5.28
C TYR A 16 -9.16 -6.03 -4.65
N LEU A 17 -10.21 -6.82 -4.80
CA LEU A 17 -11.51 -6.47 -4.27
C LEU A 17 -11.59 -6.95 -2.82
N PRO A 18 -11.96 -6.00 -1.91
CA PRO A 18 -12.09 -6.31 -0.50
C PRO A 18 -13.36 -7.12 -0.22
N GLN A 19 -13.16 -8.35 0.22
CA GLN A 19 -14.28 -9.23 0.52
C GLN A 19 -14.86 -8.88 1.89
N ASN A 20 -14.35 -7.81 2.47
CA ASN A 20 -14.81 -7.36 3.78
C ASN A 20 -14.98 -5.85 3.76
N ASP A 21 -15.39 -5.31 4.90
CA ASP A 21 -15.59 -3.88 5.04
C ASP A 21 -14.46 -3.29 5.87
N ASP A 22 -13.30 -3.91 5.76
CA ASP A 22 -12.13 -3.45 6.50
C ASP A 22 -10.87 -3.76 5.69
N GLU A 23 -11.07 -3.95 4.39
CA GLU A 23 -9.96 -4.25 3.50
C GLU A 23 -9.77 -3.12 2.49
N LEU A 24 -8.61 -3.11 1.86
CA LEU A 24 -8.30 -2.09 0.88
C LEU A 24 -8.57 -2.64 -0.52
N GLU A 25 -9.09 -1.76 -1.37
CA GLU A 25 -9.41 -2.14 -2.73
C GLU A 25 -8.29 -1.71 -3.68
N LEU A 26 -7.45 -2.68 -4.03
CA LEU A 26 -6.34 -2.42 -4.92
C LEU A 26 -6.87 -2.20 -6.34
N LYS A 27 -6.28 -1.23 -7.03
CA LYS A 27 -6.68 -0.92 -8.39
C LYS A 27 -5.43 -0.59 -9.22
N VAL A 28 -5.18 -1.42 -10.21
CA VAL A 28 -4.04 -1.23 -11.08
C VAL A 28 -3.82 0.26 -11.31
N GLY A 29 -2.79 0.79 -10.66
CA GLY A 29 -2.47 2.20 -10.79
C GLY A 29 -2.53 2.90 -9.43
N ASP A 30 -3.49 2.48 -8.63
CA ASP A 30 -3.66 3.06 -7.30
C ASP A 30 -2.33 2.99 -6.54
N ILE A 31 -2.11 3.99 -5.70
CA ILE A 31 -0.89 4.05 -4.91
C ILE A 31 -1.25 4.10 -3.43
N ILE A 32 -0.77 3.09 -2.71
CA ILE A 32 -1.01 3.00 -1.29
C ILE A 32 0.23 3.42 -0.52
N GLU A 33 0.04 4.41 0.35
CA GLU A 33 1.14 4.91 1.16
C GLU A 33 1.43 3.98 2.31
N VAL A 34 2.18 2.92 2.01
CA VAL A 34 2.55 1.94 3.01
C VAL A 34 2.89 2.65 4.32
N VAL A 35 2.10 2.34 5.35
CA VAL A 35 2.31 2.94 6.65
C VAL A 35 2.95 1.92 7.59
N GLY A 36 2.40 0.71 7.56
CA GLY A 36 2.91 -0.36 8.39
C GLY A 36 2.70 -1.72 7.73
N GLU A 37 3.02 -2.77 8.48
CA GLU A 37 2.87 -4.12 7.97
C GLU A 37 2.01 -4.96 8.91
N VAL A 38 1.06 -5.67 8.33
CA VAL A 38 0.16 -6.50 9.12
C VAL A 38 0.86 -7.84 9.41
N GLU A 39 1.04 -8.62 8.36
CA GLU A 39 1.68 -9.91 8.50
C GLU A 39 2.42 -10.29 7.22
N GLU A 40 3.21 -11.35 7.30
CA GLU A 40 3.97 -11.81 6.16
C GLU A 40 3.06 -11.95 4.93
N GLY A 41 3.29 -11.08 3.97
CA GLY A 41 2.49 -11.10 2.75
C GLY A 41 1.38 -10.05 2.79
N TRP A 42 1.12 -9.57 4.00
CA TRP A 42 0.09 -8.57 4.19
C TRP A 42 0.75 -7.33 4.80
N TRP A 43 0.50 -6.19 4.18
CA TRP A 43 1.05 -4.93 4.65
C TRP A 43 -0.10 -3.99 4.99
N GLU A 44 0.22 -2.92 5.68
CA GLU A 44 -0.78 -1.94 6.08
C GLU A 44 -0.42 -0.56 5.52
N GLY A 45 -1.38 0.01 4.82
CA GLY A 45 -1.19 1.33 4.23
C GLY A 45 -2.53 2.06 4.05
N VAL A 46 -2.48 3.11 3.26
CA VAL A 46 -3.68 3.91 3.00
C VAL A 46 -4.02 3.83 1.51
N LEU A 47 -5.30 3.98 1.22
CA LEU A 47 -5.77 3.94 -0.15
C LEU A 47 -6.78 5.08 -0.38
N ASN A 48 -6.24 6.19 -0.87
CA ASN A 48 -7.08 7.35 -1.15
C ASN A 48 -7.67 7.87 0.17
N GLY A 49 -6.88 7.73 1.23
CA GLY A 49 -7.31 8.17 2.54
C GLY A 49 -7.72 6.99 3.42
N LYS A 50 -8.40 6.04 2.78
CA LYS A 50 -8.86 4.85 3.49
C LYS A 50 -7.65 4.04 3.95
N THR A 51 -7.89 3.22 4.97
CA THR A 51 -6.83 2.38 5.51
C THR A 51 -7.32 0.94 5.68
N GLY A 52 -6.42 0.01 5.43
CA GLY A 52 -6.76 -1.40 5.55
C GLY A 52 -5.52 -2.28 5.33
N MET A 53 -5.75 -3.58 5.30
CA MET A 53 -4.67 -4.53 5.09
C MET A 53 -4.75 -5.15 3.69
N PHE A 54 -3.65 -5.02 2.96
CA PHE A 54 -3.58 -5.56 1.61
C PHE A 54 -2.33 -6.43 1.43
N PRO A 55 -2.40 -7.34 0.43
CA PRO A 55 -1.29 -8.23 0.15
C PRO A 55 -0.16 -7.49 -0.56
N SER A 56 1.04 -7.65 -0.02
CA SER A 56 2.21 -7.00 -0.59
C SER A 56 2.82 -7.89 -1.67
N ASN A 57 2.05 -8.89 -2.07
CA ASN A 57 2.51 -9.81 -3.10
C ASN A 57 1.77 -9.51 -4.41
N PHE A 58 1.14 -8.36 -4.44
CA PHE A 58 0.40 -7.94 -5.63
C PHE A 58 0.59 -6.45 -5.89
N ILE A 59 1.80 -5.98 -5.61
CA ILE A 59 2.12 -4.57 -5.82
C ILE A 59 3.55 -4.46 -6.35
N LYS A 60 4.02 -3.23 -6.44
CA LYS A 60 5.36 -2.97 -6.93
C LYS A 60 5.92 -1.71 -6.26
N GLU A 61 6.83 -1.93 -5.32
CA GLU A 61 7.43 -0.83 -4.59
C GLU A 61 8.01 0.20 -5.58
N LEU A 62 8.32 1.37 -5.05
CA LEU A 62 8.87 2.44 -5.86
C LEU A 62 9.89 3.23 -5.04
N SER A 63 10.71 4.00 -5.74
CA SER A 63 11.73 4.80 -5.08
C SER A 63 11.78 6.19 -5.72
N GLY A 64 10.97 7.09 -5.18
CA GLY A 64 10.91 8.45 -5.69
C GLY A 64 9.64 8.68 -6.50
N PRO A 65 9.63 9.83 -7.23
CA PRO A 65 8.49 10.17 -8.07
C PRO A 65 8.46 9.33 -9.33
N SER A 66 7.89 8.14 -9.21
CA SER A 66 7.79 7.23 -10.34
C SER A 66 6.59 7.60 -11.20
N SER A 67 6.85 7.77 -12.49
CA SER A 67 5.80 8.13 -13.43
C SER A 67 4.87 9.17 -12.80
N GLY A 68 5.30 10.42 -12.91
CA GLY A 68 4.51 11.52 -12.36
C GLY A 68 5.28 12.24 -11.25
N GLY A 1 24.57 13.23 5.06
CA GLY A 1 23.69 13.12 6.20
C GLY A 1 22.31 13.74 5.90
N SER A 2 21.53 13.00 5.13
CA SER A 2 20.20 13.46 4.76
C SER A 2 19.33 12.27 4.35
N SER A 3 18.41 11.91 5.25
CA SER A 3 17.52 10.80 5.00
C SER A 3 16.10 11.16 5.43
N GLY A 4 15.13 10.54 4.76
CA GLY A 4 13.73 10.79 5.07
C GLY A 4 12.86 9.64 4.58
N SER A 5 12.69 8.66 5.44
CA SER A 5 11.87 7.50 5.10
C SER A 5 10.65 7.43 6.03
N SER A 6 9.64 8.21 5.67
CA SER A 6 8.42 8.25 6.46
C SER A 6 7.21 7.99 5.55
N GLY A 7 6.83 6.72 5.47
CA GLY A 7 5.69 6.34 4.66
C GLY A 7 6.14 5.96 3.24
N ARG A 8 6.21 4.66 3.00
CA ARG A 8 6.63 4.17 1.70
C ARG A 8 5.42 4.06 0.76
N ARG A 9 5.64 4.43 -0.49
CA ARG A 9 4.59 4.37 -1.48
C ARG A 9 4.80 3.19 -2.43
N CYS A 10 3.69 2.57 -2.82
CA CYS A 10 3.75 1.43 -3.71
C CYS A 10 2.57 1.52 -4.68
N GLN A 11 2.81 1.08 -5.90
CA GLN A 11 1.78 1.10 -6.93
C GLN A 11 1.16 -0.30 -7.08
N VAL A 12 -0.17 -0.31 -7.11
CA VAL A 12 -0.90 -1.55 -7.26
C VAL A 12 -0.71 -2.10 -8.67
N ALA A 13 -0.23 -3.32 -8.75
CA ALA A 13 0.01 -3.96 -10.05
C ALA A 13 -1.17 -4.88 -10.37
N PHE A 14 -1.94 -5.20 -9.33
CA PHE A 14 -3.10 -6.06 -9.50
C PHE A 14 -4.27 -5.57 -8.65
N SER A 15 -5.45 -5.60 -9.25
CA SER A 15 -6.65 -5.17 -8.57
C SER A 15 -7.10 -6.24 -7.58
N TYR A 16 -7.44 -5.78 -6.38
CA TYR A 16 -7.89 -6.67 -5.33
C TYR A 16 -9.17 -6.17 -4.67
N LEU A 17 -10.22 -6.95 -4.82
CA LEU A 17 -11.51 -6.59 -4.26
C LEU A 17 -11.59 -7.08 -2.81
N PRO A 18 -11.93 -6.13 -1.89
CA PRO A 18 -12.03 -6.46 -0.48
C PRO A 18 -13.31 -7.25 -0.20
N GLN A 19 -13.12 -8.48 0.25
CA GLN A 19 -14.24 -9.35 0.57
C GLN A 19 -14.86 -8.96 1.91
N ASN A 20 -14.30 -7.90 2.49
CA ASN A 20 -14.78 -7.42 3.78
C ASN A 20 -14.79 -5.90 3.76
N ASP A 21 -15.36 -5.33 4.83
CA ASP A 21 -15.43 -3.88 4.95
C ASP A 21 -14.28 -3.38 5.83
N ASP A 22 -13.17 -4.11 5.76
CA ASP A 22 -11.99 -3.75 6.53
C ASP A 22 -10.74 -4.02 5.70
N GLU A 23 -10.95 -4.20 4.41
CA GLU A 23 -9.85 -4.46 3.50
C GLU A 23 -9.71 -3.32 2.49
N LEU A 24 -8.53 -3.27 1.87
CA LEU A 24 -8.25 -2.23 0.89
C LEU A 24 -8.55 -2.76 -0.51
N GLU A 25 -9.05 -1.88 -1.35
CA GLU A 25 -9.38 -2.24 -2.72
C GLU A 25 -8.26 -1.82 -3.67
N LEU A 26 -7.44 -2.79 -4.03
CA LEU A 26 -6.32 -2.53 -4.93
C LEU A 26 -6.86 -2.34 -6.35
N LYS A 27 -6.30 -1.33 -7.02
CA LYS A 27 -6.71 -1.02 -8.38
C LYS A 27 -5.49 -0.62 -9.20
N VAL A 28 -5.18 -1.45 -10.20
CA VAL A 28 -4.04 -1.19 -11.06
C VAL A 28 -3.89 0.32 -11.26
N GLY A 29 -2.88 0.88 -10.60
CA GLY A 29 -2.62 2.31 -10.70
C GLY A 29 -2.69 2.97 -9.32
N ASP A 30 -3.63 2.49 -8.51
CA ASP A 30 -3.82 3.02 -7.18
C ASP A 30 -2.48 2.99 -6.43
N ILE A 31 -2.30 3.97 -5.56
CA ILE A 31 -1.08 4.07 -4.78
C ILE A 31 -1.43 4.06 -3.29
N ILE A 32 -0.90 3.06 -2.60
CA ILE A 32 -1.15 2.91 -1.18
C ILE A 32 0.08 3.39 -0.41
N GLU A 33 -0.15 4.30 0.54
CA GLU A 33 0.92 4.83 1.35
C GLU A 33 1.25 3.88 2.50
N VAL A 34 2.17 2.96 2.22
CA VAL A 34 2.59 1.99 3.21
C VAL A 34 2.86 2.70 4.54
N VAL A 35 2.02 2.39 5.52
CA VAL A 35 2.15 3.00 6.83
C VAL A 35 2.94 2.05 7.74
N GLY A 36 2.62 0.78 7.62
CA GLY A 36 3.29 -0.24 8.42
C GLY A 36 3.21 -1.61 7.76
N GLU A 37 2.90 -2.62 8.57
CA GLU A 37 2.79 -3.98 8.07
C GLU A 37 1.88 -4.80 8.99
N VAL A 38 0.99 -5.55 8.36
CA VAL A 38 0.06 -6.39 9.10
C VAL A 38 0.73 -7.72 9.43
N GLU A 39 0.87 -8.55 8.39
CA GLU A 39 1.48 -9.85 8.56
C GLU A 39 2.29 -10.21 7.31
N GLU A 40 3.01 -11.32 7.42
CA GLU A 40 3.83 -11.79 6.31
C GLU A 40 2.99 -11.86 5.03
N GLY A 41 3.37 -11.02 4.06
CA GLY A 41 2.67 -10.99 2.79
C GLY A 41 1.54 -9.97 2.83
N TRP A 42 1.30 -9.43 4.02
CA TRP A 42 0.25 -8.44 4.19
C TRP A 42 0.87 -7.19 4.80
N TRP A 43 0.57 -6.06 4.19
CA TRP A 43 1.10 -4.79 4.67
C TRP A 43 -0.08 -3.87 4.98
N GLU A 44 0.23 -2.69 5.51
CA GLU A 44 -0.79 -1.73 5.86
C GLU A 44 -0.46 -0.36 5.26
N GLY A 45 -1.45 0.22 4.58
CA GLY A 45 -1.27 1.52 3.96
C GLY A 45 -2.60 2.26 3.86
N VAL A 46 -2.57 3.36 3.11
CA VAL A 46 -3.76 4.16 2.93
C VAL A 46 -4.11 4.21 1.44
N LEU A 47 -5.40 4.04 1.16
CA LEU A 47 -5.87 4.06 -0.21
C LEU A 47 -6.77 5.28 -0.42
N ASN A 48 -6.13 6.41 -0.71
CA ASN A 48 -6.85 7.64 -0.93
C ASN A 48 -7.63 8.01 0.35
N GLY A 49 -6.89 8.10 1.43
CA GLY A 49 -7.49 8.44 2.72
C GLY A 49 -7.95 7.18 3.45
N LYS A 50 -8.35 6.18 2.68
CA LYS A 50 -8.82 4.93 3.24
C LYS A 50 -7.64 4.20 3.89
N THR A 51 -7.95 3.09 4.54
CA THR A 51 -6.93 2.30 5.21
C THR A 51 -7.41 0.86 5.38
N GLY A 52 -6.46 -0.06 5.36
CA GLY A 52 -6.76 -1.46 5.51
C GLY A 52 -5.51 -2.33 5.30
N MET A 53 -5.74 -3.63 5.20
CA MET A 53 -4.64 -4.57 4.99
C MET A 53 -4.71 -5.19 3.60
N PHE A 54 -3.60 -5.06 2.89
CA PHE A 54 -3.52 -5.61 1.54
C PHE A 54 -2.25 -6.45 1.35
N PRO A 55 -2.31 -7.38 0.37
CA PRO A 55 -1.18 -8.25 0.08
C PRO A 55 -0.08 -7.49 -0.64
N SER A 56 1.15 -7.67 -0.17
CA SER A 56 2.30 -7.02 -0.77
C SER A 56 2.88 -7.89 -1.88
N ASN A 57 2.10 -8.89 -2.27
CA ASN A 57 2.51 -9.80 -3.33
C ASN A 57 1.75 -9.48 -4.61
N PHE A 58 1.16 -8.30 -4.64
CA PHE A 58 0.40 -7.86 -5.79
C PHE A 58 0.60 -6.37 -6.05
N ILE A 59 1.80 -5.90 -5.72
CA ILE A 59 2.12 -4.50 -5.92
C ILE A 59 3.57 -4.38 -6.43
N LYS A 60 4.04 -3.14 -6.49
CA LYS A 60 5.40 -2.89 -6.94
C LYS A 60 5.91 -1.61 -6.30
N GLU A 61 6.79 -1.79 -5.33
CA GLU A 61 7.38 -0.66 -4.62
C GLU A 61 7.86 0.40 -5.61
N LEU A 62 8.23 1.54 -5.06
CA LEU A 62 8.72 2.64 -5.89
C LEU A 62 9.85 3.36 -5.16
N SER A 63 11.07 2.92 -5.45
CA SER A 63 12.23 3.51 -4.82
C SER A 63 13.17 4.08 -5.89
N GLY A 64 13.68 5.27 -5.63
CA GLY A 64 14.57 5.94 -6.56
C GLY A 64 14.10 7.35 -6.87
N PRO A 65 14.98 8.11 -7.58
CA PRO A 65 14.65 9.48 -7.95
C PRO A 65 13.65 9.50 -9.10
N SER A 66 12.59 10.28 -8.91
CA SER A 66 11.56 10.41 -9.92
C SER A 66 10.68 11.62 -9.62
N SER A 67 10.38 12.38 -10.67
CA SER A 67 9.55 13.56 -10.53
C SER A 67 8.40 13.51 -11.53
N GLY A 68 7.19 13.51 -10.99
CA GLY A 68 5.99 13.46 -11.81
C GLY A 68 5.34 12.08 -11.76
N GLY A 1 14.51 2.96 18.97
CA GLY A 1 14.93 3.59 17.74
C GLY A 1 13.93 3.31 16.61
N SER A 2 13.75 4.31 15.77
CA SER A 2 12.83 4.19 14.64
C SER A 2 13.21 5.18 13.54
N SER A 3 13.24 4.68 12.32
CA SER A 3 13.58 5.51 11.18
C SER A 3 12.80 6.83 11.24
N GLY A 4 13.55 7.92 11.10
CA GLY A 4 12.94 9.24 11.13
C GLY A 4 11.58 9.24 10.43
N SER A 5 11.64 9.36 9.11
CA SER A 5 10.43 9.37 8.31
C SER A 5 10.08 7.96 7.86
N SER A 6 9.20 7.32 8.62
CA SER A 6 8.78 5.96 8.31
C SER A 6 7.51 5.99 7.46
N GLY A 7 7.69 5.73 6.17
CA GLY A 7 6.58 5.73 5.24
C GLY A 7 7.07 5.61 3.80
N ARG A 8 6.56 4.60 3.12
CA ARG A 8 6.93 4.37 1.72
C ARG A 8 5.69 4.31 0.84
N ARG A 9 5.92 4.34 -0.46
CA ARG A 9 4.83 4.28 -1.42
C ARG A 9 5.01 3.09 -2.36
N CYS A 10 3.89 2.54 -2.79
CA CYS A 10 3.91 1.40 -3.70
C CYS A 10 2.67 1.49 -4.59
N GLN A 11 2.84 1.00 -5.82
CA GLN A 11 1.75 1.01 -6.78
C GLN A 11 1.12 -0.38 -6.90
N VAL A 12 -0.15 -0.39 -7.25
CA VAL A 12 -0.88 -1.64 -7.40
C VAL A 12 -0.87 -2.06 -8.86
N ALA A 13 -0.26 -3.23 -9.11
CA ALA A 13 -0.17 -3.75 -10.46
C ALA A 13 -1.39 -4.64 -10.73
N PHE A 14 -1.99 -5.11 -9.65
CA PHE A 14 -3.15 -5.98 -9.76
C PHE A 14 -4.28 -5.49 -8.85
N SER A 15 -5.41 -5.19 -9.47
CA SER A 15 -6.57 -4.71 -8.72
C SER A 15 -7.05 -5.79 -7.75
N TYR A 16 -7.12 -5.41 -6.48
CA TYR A 16 -7.55 -6.32 -5.44
C TYR A 16 -8.90 -5.89 -4.86
N LEU A 17 -9.72 -6.88 -4.56
CA LEU A 17 -11.04 -6.63 -4.01
C LEU A 17 -11.10 -7.18 -2.58
N PRO A 18 -11.53 -6.30 -1.64
CA PRO A 18 -11.63 -6.69 -0.24
C PRO A 18 -12.87 -7.58 -0.01
N GLN A 19 -12.59 -8.85 0.27
CA GLN A 19 -13.67 -9.79 0.51
C GLN A 19 -14.47 -9.39 1.74
N ASN A 20 -13.95 -8.41 2.45
CA ASN A 20 -14.61 -7.91 3.65
C ASN A 20 -14.90 -6.42 3.49
N ASP A 21 -15.82 -5.94 4.32
CA ASP A 21 -16.19 -4.54 4.28
C ASP A 21 -15.31 -3.74 5.26
N ASP A 22 -14.04 -3.67 4.91
CA ASP A 22 -13.09 -2.95 5.74
C ASP A 22 -11.70 -3.01 5.09
N GLU A 23 -11.43 -4.15 4.46
CA GLU A 23 -10.16 -4.35 3.79
C GLU A 23 -9.92 -3.26 2.75
N LEU A 24 -8.70 -3.24 2.22
CA LEU A 24 -8.34 -2.25 1.22
C LEU A 24 -8.61 -2.82 -0.18
N GLU A 25 -9.01 -1.94 -1.08
CA GLU A 25 -9.30 -2.34 -2.44
C GLU A 25 -8.25 -1.77 -3.40
N LEU A 26 -7.33 -2.63 -3.80
CA LEU A 26 -6.28 -2.24 -4.71
C LEU A 26 -6.84 -2.15 -6.13
N LYS A 27 -6.35 -1.16 -6.87
CA LYS A 27 -6.79 -0.96 -8.24
C LYS A 27 -5.58 -0.65 -9.12
N VAL A 28 -5.41 -1.47 -10.15
CA VAL A 28 -4.30 -1.28 -11.08
C VAL A 28 -4.07 0.21 -11.30
N GLY A 29 -3.02 0.71 -10.68
CA GLY A 29 -2.67 2.13 -10.80
C GLY A 29 -3.00 2.89 -9.52
N ASP A 30 -3.00 2.15 -8.41
CA ASP A 30 -3.29 2.73 -7.13
C ASP A 30 -2.00 2.87 -6.32
N ILE A 31 -1.88 4.00 -5.63
CA ILE A 31 -0.71 4.27 -4.83
C ILE A 31 -1.10 4.31 -3.36
N ILE A 32 -0.67 3.28 -2.63
CA ILE A 32 -0.97 3.19 -1.22
C ILE A 32 0.27 3.61 -0.41
N GLU A 33 0.10 4.67 0.36
CA GLU A 33 1.19 5.19 1.17
C GLU A 33 1.51 4.19 2.29
N VAL A 34 2.26 3.17 1.94
CA VAL A 34 2.64 2.14 2.90
C VAL A 34 2.99 2.82 4.23
N VAL A 35 2.20 2.47 5.24
CA VAL A 35 2.40 3.03 6.57
C VAL A 35 3.16 2.00 7.43
N GLY A 36 2.61 0.80 7.47
CA GLY A 36 3.22 -0.27 8.24
C GLY A 36 2.97 -1.63 7.60
N GLU A 37 3.01 -2.67 8.43
CA GLU A 37 2.80 -4.02 7.95
C GLU A 37 1.98 -4.82 8.97
N VAL A 38 1.00 -5.55 8.47
CA VAL A 38 0.16 -6.36 9.32
C VAL A 38 0.87 -7.68 9.63
N GLU A 39 0.99 -8.50 8.61
CA GLU A 39 1.65 -9.79 8.76
C GLU A 39 2.36 -10.18 7.46
N GLU A 40 3.17 -11.21 7.56
CA GLU A 40 3.92 -11.69 6.40
C GLU A 40 2.99 -11.87 5.20
N GLY A 41 3.27 -11.10 4.16
CA GLY A 41 2.46 -11.16 2.95
C GLY A 41 1.35 -10.12 2.98
N TRP A 42 1.15 -9.55 4.15
CA TRP A 42 0.13 -8.53 4.32
C TRP A 42 0.79 -7.27 4.89
N TRP A 43 0.61 -6.17 4.19
CA TRP A 43 1.17 -4.91 4.62
C TRP A 43 0.03 -3.95 4.95
N GLU A 44 0.38 -2.85 5.61
CA GLU A 44 -0.60 -1.86 5.99
C GLU A 44 -0.27 -0.50 5.36
N GLY A 45 -1.29 0.11 4.76
CA GLY A 45 -1.12 1.40 4.12
C GLY A 45 -2.46 2.12 3.97
N VAL A 46 -2.43 3.21 3.23
CA VAL A 46 -3.63 4.00 3.01
C VAL A 46 -3.98 3.97 1.52
N LEU A 47 -5.21 4.37 1.23
CA LEU A 47 -5.68 4.39 -0.15
C LEU A 47 -6.66 5.55 -0.33
N ASN A 48 -6.11 6.72 -0.63
CA ASN A 48 -6.93 7.90 -0.83
C ASN A 48 -7.72 8.19 0.46
N GLY A 49 -7.02 8.12 1.57
CA GLY A 49 -7.64 8.37 2.86
C GLY A 49 -8.10 7.06 3.51
N LYS A 50 -8.38 6.09 2.66
CA LYS A 50 -8.83 4.79 3.13
C LYS A 50 -7.63 4.02 3.70
N THR A 51 -7.95 3.05 4.56
CA THR A 51 -6.91 2.24 5.17
C THR A 51 -7.39 0.80 5.33
N GLY A 52 -6.43 -0.09 5.57
CA GLY A 52 -6.74 -1.49 5.75
C GLY A 52 -5.53 -2.37 5.42
N MET A 53 -5.74 -3.68 5.56
CA MET A 53 -4.67 -4.62 5.27
C MET A 53 -4.79 -5.18 3.86
N PHE A 54 -3.66 -5.26 3.18
CA PHE A 54 -3.63 -5.76 1.82
C PHE A 54 -2.37 -6.60 1.58
N PRO A 55 -2.45 -7.47 0.53
CA PRO A 55 -1.33 -8.32 0.18
C PRO A 55 -0.23 -7.52 -0.52
N SER A 56 0.99 -7.71 -0.04
CA SER A 56 2.14 -7.02 -0.61
C SER A 56 2.70 -7.81 -1.80
N ASN A 57 2.00 -8.89 -2.12
CA ASN A 57 2.43 -9.75 -3.21
C ASN A 57 1.57 -9.45 -4.44
N PHE A 58 0.98 -8.27 -4.44
CA PHE A 58 0.13 -7.85 -5.55
C PHE A 58 0.29 -6.36 -5.83
N ILE A 59 1.51 -5.87 -5.62
CA ILE A 59 1.81 -4.47 -5.85
C ILE A 59 3.19 -4.34 -6.49
N LYS A 60 3.65 -3.10 -6.59
CA LYS A 60 4.95 -2.83 -7.18
C LYS A 60 5.57 -1.61 -6.50
N GLU A 61 6.57 -1.88 -5.68
CA GLU A 61 7.26 -0.82 -4.96
C GLU A 61 7.77 0.23 -5.94
N LEU A 62 8.21 1.36 -5.37
CA LEU A 62 8.72 2.44 -6.19
C LEU A 62 9.85 3.15 -5.42
N SER A 63 11.08 2.80 -5.77
CA SER A 63 12.24 3.39 -5.12
C SER A 63 12.16 4.92 -5.21
N GLY A 64 12.05 5.54 -4.05
CA GLY A 64 11.96 6.98 -3.98
C GLY A 64 13.27 7.64 -4.45
N PRO A 65 13.22 8.98 -4.61
CA PRO A 65 14.38 9.73 -5.05
C PRO A 65 15.41 9.86 -3.92
N SER A 66 14.90 10.20 -2.74
CA SER A 66 15.75 10.37 -1.58
C SER A 66 16.48 11.71 -1.67
N SER A 67 17.25 11.86 -2.73
CA SER A 67 18.01 13.08 -2.94
C SER A 67 17.06 14.25 -3.20
N GLY A 68 16.26 14.10 -4.24
CA GLY A 68 15.30 15.14 -4.59
C GLY A 68 14.51 14.74 -5.85
N GLY A 1 -0.33 19.53 13.88
CA GLY A 1 -1.07 20.10 12.77
C GLY A 1 -0.91 19.25 11.51
N SER A 2 0.06 19.64 10.70
CA SER A 2 0.33 18.92 9.46
C SER A 2 1.81 18.63 9.34
N SER A 3 2.14 17.72 8.42
CA SER A 3 3.52 17.34 8.20
C SER A 3 3.65 16.51 6.92
N GLY A 4 4.77 16.69 6.24
CA GLY A 4 5.01 15.96 5.00
C GLY A 4 5.39 14.51 5.29
N SER A 5 4.44 13.79 5.87
CA SER A 5 4.66 12.39 6.19
C SER A 5 5.46 11.70 5.07
N SER A 6 6.64 11.22 5.43
CA SER A 6 7.49 10.55 4.47
C SER A 6 7.55 9.05 4.79
N GLY A 7 6.45 8.37 4.49
CA GLY A 7 6.36 6.94 4.73
C GLY A 7 6.83 6.14 3.50
N ARG A 8 6.01 5.18 3.12
CA ARG A 8 6.31 4.35 1.96
C ARG A 8 5.11 4.27 1.02
N ARG A 9 5.41 4.30 -0.28
CA ARG A 9 4.37 4.23 -1.28
C ARG A 9 4.64 3.08 -2.25
N CYS A 10 3.56 2.45 -2.69
CA CYS A 10 3.67 1.34 -3.62
C CYS A 10 2.49 1.41 -4.59
N GLN A 11 2.72 0.90 -5.79
CA GLN A 11 1.68 0.90 -6.82
C GLN A 11 1.04 -0.48 -6.91
N VAL A 12 -0.26 -0.48 -7.21
CA VAL A 12 -1.00 -1.72 -7.32
C VAL A 12 -0.78 -2.31 -8.72
N ALA A 13 -0.23 -3.51 -8.74
CA ALA A 13 0.04 -4.19 -9.99
C ALA A 13 -1.11 -5.15 -10.31
N PHE A 14 -1.94 -5.37 -9.30
CA PHE A 14 -3.08 -6.27 -9.46
C PHE A 14 -4.27 -5.78 -8.61
N SER A 15 -5.39 -5.61 -9.29
CA SER A 15 -6.61 -5.16 -8.62
C SER A 15 -7.08 -6.22 -7.62
N TYR A 16 -7.49 -5.75 -6.45
CA TYR A 16 -7.97 -6.64 -5.41
C TYR A 16 -9.23 -6.07 -4.74
N LEU A 17 -10.30 -6.84 -4.86
CA LEU A 17 -11.57 -6.44 -4.29
C LEU A 17 -11.65 -6.94 -2.84
N PRO A 18 -11.98 -5.99 -1.93
CA PRO A 18 -12.09 -6.32 -0.51
C PRO A 18 -13.37 -7.09 -0.23
N GLN A 19 -13.20 -8.33 0.21
CA GLN A 19 -14.34 -9.19 0.52
C GLN A 19 -14.97 -8.77 1.84
N ASN A 20 -14.39 -7.74 2.44
CA ASN A 20 -14.88 -7.23 3.71
C ASN A 20 -14.89 -5.70 3.68
N ASP A 21 -15.32 -5.12 4.79
CA ASP A 21 -15.37 -3.67 4.90
C ASP A 21 -14.21 -3.18 5.75
N ASP A 22 -13.14 -3.97 5.75
CA ASP A 22 -11.95 -3.63 6.52
C ASP A 22 -10.71 -3.91 5.67
N GLU A 23 -10.95 -4.12 4.38
CA GLU A 23 -9.86 -4.40 3.46
C GLU A 23 -9.71 -3.24 2.47
N LEU A 24 -8.54 -3.20 1.83
CA LEU A 24 -8.25 -2.16 0.86
C LEU A 24 -8.58 -2.66 -0.55
N GLU A 25 -9.04 -1.74 -1.38
CA GLU A 25 -9.38 -2.09 -2.75
C GLU A 25 -8.24 -1.69 -3.70
N LEU A 26 -7.46 -2.69 -4.08
CA LEU A 26 -6.34 -2.47 -4.98
C LEU A 26 -6.87 -2.23 -6.40
N LYS A 27 -6.30 -1.24 -7.05
CA LYS A 27 -6.70 -0.90 -8.41
C LYS A 27 -5.46 -0.52 -9.22
N VAL A 28 -5.15 -1.35 -10.21
CA VAL A 28 -4.00 -1.12 -11.07
C VAL A 28 -3.84 0.38 -11.27
N GLY A 29 -2.82 0.93 -10.63
CA GLY A 29 -2.54 2.35 -10.74
C GLY A 29 -2.62 3.04 -9.37
N ASP A 30 -3.49 2.51 -8.53
CA ASP A 30 -3.68 3.05 -7.20
C ASP A 30 -2.38 2.91 -6.41
N ILE A 31 -2.29 3.69 -5.34
CA ILE A 31 -1.11 3.67 -4.49
C ILE A 31 -1.53 3.66 -3.02
N ILE A 32 -1.03 2.69 -2.29
CA ILE A 32 -1.34 2.57 -0.88
C ILE A 32 -0.18 3.11 -0.05
N GLU A 33 -0.45 4.19 0.68
CA GLU A 33 0.56 4.80 1.51
C GLU A 33 0.99 3.84 2.62
N VAL A 34 1.95 2.99 2.28
CA VAL A 34 2.46 2.02 3.23
C VAL A 34 2.85 2.74 4.53
N VAL A 35 2.10 2.45 5.58
CA VAL A 35 2.35 3.06 6.88
C VAL A 35 3.10 2.06 7.77
N GLY A 36 2.74 0.79 7.60
CA GLY A 36 3.36 -0.26 8.38
C GLY A 36 3.24 -1.61 7.66
N GLU A 37 3.07 -2.66 8.46
CA GLU A 37 2.93 -4.00 7.92
C GLU A 37 2.04 -4.85 8.83
N VAL A 38 1.12 -5.56 8.20
CA VAL A 38 0.20 -6.41 8.93
C VAL A 38 0.88 -7.75 9.22
N GLU A 39 1.01 -8.56 8.17
CA GLU A 39 1.63 -9.86 8.31
C GLU A 39 2.45 -10.19 7.06
N GLU A 40 3.21 -11.27 7.15
CA GLU A 40 4.04 -11.70 6.04
C GLU A 40 3.21 -11.79 4.76
N GLY A 41 3.50 -10.89 3.83
CA GLY A 41 2.78 -10.86 2.57
C GLY A 41 1.66 -9.83 2.60
N TRP A 42 1.35 -9.38 3.80
CA TRP A 42 0.30 -8.39 3.98
C TRP A 42 0.91 -7.15 4.64
N TRP A 43 0.66 -6.00 4.03
CA TRP A 43 1.18 -4.75 4.55
C TRP A 43 -0.01 -3.84 4.86
N GLU A 44 0.30 -2.70 5.48
CA GLU A 44 -0.73 -1.75 5.85
C GLU A 44 -0.35 -0.35 5.35
N GLY A 45 -1.27 0.25 4.62
CA GLY A 45 -1.05 1.58 4.07
C GLY A 45 -2.38 2.33 3.90
N VAL A 46 -2.33 3.35 3.06
CA VAL A 46 -3.52 4.15 2.80
C VAL A 46 -3.73 4.25 1.29
N LEU A 47 -4.85 3.68 0.84
CA LEU A 47 -5.19 3.70 -0.58
C LEU A 47 -5.31 5.14 -1.05
N ASN A 48 -6.49 5.71 -0.77
CA ASN A 48 -6.76 7.10 -1.16
C ASN A 48 -7.58 7.78 -0.06
N GLY A 49 -6.99 7.84 1.13
CA GLY A 49 -7.65 8.45 2.25
C GLY A 49 -8.21 7.40 3.21
N LYS A 50 -8.21 6.16 2.74
CA LYS A 50 -8.69 5.05 3.54
C LYS A 50 -7.51 4.31 4.16
N THR A 51 -7.79 3.12 4.66
CA THR A 51 -6.77 2.30 5.27
C THR A 51 -7.26 0.86 5.44
N GLY A 52 -6.32 -0.08 5.34
CA GLY A 52 -6.65 -1.48 5.48
C GLY A 52 -5.42 -2.36 5.22
N MET A 53 -5.64 -3.66 5.25
CA MET A 53 -4.57 -4.61 5.02
C MET A 53 -4.65 -5.21 3.61
N PHE A 54 -3.55 -5.08 2.88
CA PHE A 54 -3.49 -5.60 1.53
C PHE A 54 -2.22 -6.44 1.31
N PRO A 55 -2.30 -7.36 0.32
CA PRO A 55 -1.19 -8.23 0.02
C PRO A 55 -0.09 -7.46 -0.74
N SER A 56 1.11 -7.50 -0.18
CA SER A 56 2.24 -6.83 -0.78
C SER A 56 2.79 -7.66 -1.95
N ASN A 57 2.18 -8.81 -2.15
CA ASN A 57 2.60 -9.71 -3.22
C ASN A 57 1.85 -9.34 -4.50
N PHE A 58 0.91 -8.40 -4.36
CA PHE A 58 0.12 -7.96 -5.49
C PHE A 58 0.33 -6.47 -5.76
N ILE A 59 1.55 -6.02 -5.44
CA ILE A 59 1.89 -4.62 -5.65
C ILE A 59 3.32 -4.53 -6.18
N LYS A 60 3.80 -3.29 -6.30
CA LYS A 60 5.14 -3.05 -6.80
C LYS A 60 5.74 -1.84 -6.08
N GLU A 61 6.66 -2.12 -5.18
CA GLU A 61 7.31 -1.07 -4.42
C GLU A 61 7.87 0.00 -5.37
N LEU A 62 8.22 1.14 -4.78
CA LEU A 62 8.76 2.24 -5.56
C LEU A 62 9.85 2.93 -4.75
N SER A 63 10.57 3.83 -5.41
CA SER A 63 11.65 4.56 -4.78
C SER A 63 12.28 5.53 -5.78
N GLY A 64 12.11 6.82 -5.48
CA GLY A 64 12.65 7.86 -6.34
C GLY A 64 12.58 9.23 -5.65
N PRO A 65 13.42 10.17 -6.16
CA PRO A 65 13.46 11.51 -5.61
C PRO A 65 12.24 12.32 -6.04
N SER A 66 11.85 13.25 -5.19
CA SER A 66 10.71 14.10 -5.47
C SER A 66 10.56 15.17 -4.37
N SER A 67 10.46 16.41 -4.82
CA SER A 67 10.33 17.53 -3.90
C SER A 67 9.26 18.50 -4.41
N GLY A 68 9.47 18.95 -5.64
CA GLY A 68 8.55 19.89 -6.26
C GLY A 68 8.10 20.96 -5.25
N GLY A 1 5.87 20.30 1.25
CA GLY A 1 5.36 19.18 0.50
C GLY A 1 3.83 19.21 0.41
N SER A 2 3.24 18.03 0.39
CA SER A 2 1.79 17.92 0.30
C SER A 2 1.26 17.17 1.52
N SER A 3 1.76 15.96 1.71
CA SER A 3 1.35 15.14 2.83
C SER A 3 2.28 15.36 4.02
N GLY A 4 1.84 14.90 5.18
CA GLY A 4 2.62 15.05 6.39
C GLY A 4 3.81 14.08 6.40
N SER A 5 3.53 12.84 6.80
CA SER A 5 4.55 11.82 6.84
C SER A 5 4.65 11.10 5.49
N SER A 6 5.87 10.76 5.12
CA SER A 6 6.10 10.07 3.87
C SER A 6 6.76 8.72 4.13
N GLY A 7 5.93 7.76 4.52
CA GLY A 7 6.41 6.42 4.80
C GLY A 7 6.88 5.72 3.54
N ARG A 8 6.01 4.88 2.99
CA ARG A 8 6.32 4.15 1.78
C ARG A 8 5.15 4.22 0.81
N ARG A 9 5.45 3.96 -0.46
CA ARG A 9 4.44 4.00 -1.50
C ARG A 9 4.64 2.82 -2.46
N CYS A 10 3.51 2.31 -2.95
CA CYS A 10 3.54 1.19 -3.87
C CYS A 10 2.54 1.48 -5.01
N GLN A 11 2.77 0.79 -6.12
CA GLN A 11 1.90 0.97 -7.28
C GLN A 11 1.12 -0.32 -7.55
N VAL A 12 -0.10 -0.36 -7.01
CA VAL A 12 -0.96 -1.51 -7.19
C VAL A 12 -0.84 -2.02 -8.62
N ALA A 13 -0.15 -3.14 -8.77
CA ALA A 13 0.04 -3.73 -10.09
C ALA A 13 -1.12 -4.67 -10.38
N PHE A 14 -1.81 -5.07 -9.32
CA PHE A 14 -2.95 -5.97 -9.45
C PHE A 14 -4.15 -5.47 -8.66
N SER A 15 -5.31 -5.51 -9.30
CA SER A 15 -6.54 -5.06 -8.67
C SER A 15 -7.04 -6.12 -7.69
N TYR A 16 -7.33 -5.66 -6.48
CA TYR A 16 -7.82 -6.55 -5.44
C TYR A 16 -9.16 -6.07 -4.88
N LEU A 17 -10.01 -7.03 -4.57
CA LEU A 17 -11.33 -6.72 -4.02
C LEU A 17 -11.39 -7.16 -2.57
N PRO A 18 -11.78 -6.20 -1.69
CA PRO A 18 -11.88 -6.49 -0.27
C PRO A 18 -13.13 -7.31 0.04
N GLN A 19 -12.90 -8.54 0.50
CA GLN A 19 -13.99 -9.43 0.83
C GLN A 19 -14.74 -8.93 2.06
N ASN A 20 -14.19 -7.87 2.65
CA ASN A 20 -14.80 -7.29 3.84
C ASN A 20 -14.75 -5.76 3.73
N ASP A 21 -15.47 -5.11 4.64
CA ASP A 21 -15.52 -3.67 4.66
C ASP A 21 -14.41 -3.14 5.58
N ASP A 22 -13.39 -3.95 5.76
CA ASP A 22 -12.27 -3.58 6.61
C ASP A 22 -10.97 -3.77 5.84
N GLU A 23 -11.12 -4.12 4.57
CA GLU A 23 -9.96 -4.34 3.70
C GLU A 23 -9.79 -3.16 2.74
N LEU A 24 -8.73 -3.23 1.96
CA LEU A 24 -8.44 -2.18 0.99
C LEU A 24 -8.71 -2.70 -0.42
N GLU A 25 -9.13 -1.78 -1.29
CA GLU A 25 -9.43 -2.13 -2.66
C GLU A 25 -8.30 -1.69 -3.58
N LEU A 26 -7.46 -2.65 -3.95
CA LEU A 26 -6.33 -2.37 -4.83
C LEU A 26 -6.83 -2.19 -6.25
N LYS A 27 -6.42 -1.08 -6.86
CA LYS A 27 -6.83 -0.78 -8.23
C LYS A 27 -5.58 -0.47 -9.06
N VAL A 28 -5.36 -1.31 -10.07
CA VAL A 28 -4.22 -1.13 -10.95
C VAL A 28 -3.94 0.36 -11.13
N GLY A 29 -2.80 0.79 -10.59
CA GLY A 29 -2.40 2.19 -10.68
C GLY A 29 -2.45 2.86 -9.31
N ASP A 30 -3.44 2.45 -8.52
CA ASP A 30 -3.62 3.01 -7.19
C ASP A 30 -2.25 3.06 -6.49
N ILE A 31 -2.07 4.10 -5.70
CA ILE A 31 -0.83 4.28 -4.96
C ILE A 31 -1.12 4.26 -3.46
N ILE A 32 -0.77 3.15 -2.83
CA ILE A 32 -0.98 2.99 -1.40
C ILE A 32 0.25 3.49 -0.64
N GLU A 33 -0.01 4.36 0.32
CA GLU A 33 1.06 4.91 1.12
C GLU A 33 1.43 3.95 2.26
N VAL A 34 2.11 2.88 1.88
CA VAL A 34 2.52 1.88 2.85
C VAL A 34 2.98 2.58 4.13
N VAL A 35 2.20 2.39 5.18
CA VAL A 35 2.51 3.00 6.47
C VAL A 35 3.21 1.97 7.35
N GLY A 36 2.66 0.77 7.34
CA GLY A 36 3.23 -0.31 8.15
C GLY A 36 2.98 -1.67 7.49
N GLU A 37 3.18 -2.72 8.27
CA GLU A 37 2.98 -4.07 7.78
C GLU A 37 2.10 -4.86 8.76
N VAL A 38 1.10 -5.51 8.19
CA VAL A 38 0.18 -6.31 8.99
C VAL A 38 0.84 -7.65 9.33
N GLU A 39 1.06 -8.45 8.29
CA GLU A 39 1.67 -9.75 8.47
C GLU A 39 2.39 -10.18 7.18
N GLU A 40 3.11 -11.27 7.28
CA GLU A 40 3.84 -11.80 6.15
C GLU A 40 2.93 -11.91 4.93
N GLY A 41 3.25 -11.13 3.90
CA GLY A 41 2.48 -11.13 2.69
C GLY A 41 1.34 -10.10 2.75
N TRP A 42 1.21 -9.49 3.93
CA TRP A 42 0.18 -8.49 4.13
C TRP A 42 0.85 -7.23 4.69
N TRP A 43 0.55 -6.11 4.04
CA TRP A 43 1.11 -4.84 4.46
C TRP A 43 -0.05 -3.91 4.85
N GLU A 44 0.30 -2.85 5.56
CA GLU A 44 -0.69 -1.89 6.00
C GLU A 44 -0.38 -0.50 5.42
N GLY A 45 -1.33 0.01 4.64
CA GLY A 45 -1.16 1.32 4.03
C GLY A 45 -2.51 2.02 3.89
N VAL A 46 -2.51 3.08 3.09
CA VAL A 46 -3.72 3.85 2.86
C VAL A 46 -4.07 3.81 1.38
N LEU A 47 -5.31 4.17 1.08
CA LEU A 47 -5.79 4.19 -0.30
C LEU A 47 -6.77 5.34 -0.48
N ASN A 48 -6.23 6.49 -0.82
CA ASN A 48 -7.05 7.68 -1.03
C ASN A 48 -7.75 8.05 0.27
N GLY A 49 -7.01 7.89 1.37
CA GLY A 49 -7.56 8.19 2.68
C GLY A 49 -8.05 6.93 3.38
N LYS A 50 -8.42 5.95 2.58
CA LYS A 50 -8.91 4.69 3.11
C LYS A 50 -7.73 3.88 3.66
N THR A 51 -8.05 3.03 4.62
CA THR A 51 -7.03 2.19 5.24
C THR A 51 -7.52 0.75 5.34
N GLY A 52 -6.56 -0.17 5.38
CA GLY A 52 -6.87 -1.58 5.47
C GLY A 52 -5.66 -2.44 5.11
N MET A 53 -5.75 -3.72 5.45
CA MET A 53 -4.68 -4.65 5.16
C MET A 53 -4.77 -5.18 3.73
N PHE A 54 -3.64 -5.14 3.04
CA PHE A 54 -3.58 -5.62 1.67
C PHE A 54 -2.34 -6.50 1.45
N PRO A 55 -2.44 -7.36 0.40
CA PRO A 55 -1.36 -8.26 0.07
C PRO A 55 -0.22 -7.51 -0.61
N SER A 56 0.96 -7.62 -0.02
CA SER A 56 2.14 -6.96 -0.56
C SER A 56 2.73 -7.78 -1.71
N ASN A 57 2.05 -8.88 -2.01
CA ASN A 57 2.49 -9.76 -3.07
C ASN A 57 1.77 -9.38 -4.37
N PHE A 58 1.11 -8.24 -4.33
CA PHE A 58 0.38 -7.75 -5.50
C PHE A 58 0.61 -6.26 -5.70
N ILE A 59 1.86 -5.85 -5.49
CA ILE A 59 2.23 -4.45 -5.65
C ILE A 59 3.62 -4.37 -6.27
N LYS A 60 4.13 -3.15 -6.33
CA LYS A 60 5.46 -2.91 -6.89
C LYS A 60 6.10 -1.73 -6.18
N GLU A 61 6.99 -2.05 -5.24
CA GLU A 61 7.68 -1.01 -4.48
C GLU A 61 8.06 0.15 -5.40
N LEU A 62 8.24 1.31 -4.78
CA LEU A 62 8.60 2.51 -5.52
C LEU A 62 9.62 3.31 -4.71
N SER A 63 10.86 3.29 -5.17
CA SER A 63 11.92 4.02 -4.51
C SER A 63 12.33 5.23 -5.34
N GLY A 64 12.27 6.40 -4.71
CA GLY A 64 12.64 7.64 -5.38
C GLY A 64 14.04 7.53 -6.00
N PRO A 65 14.31 8.43 -6.98
CA PRO A 65 15.60 8.45 -7.65
C PRO A 65 16.67 9.05 -6.76
N SER A 66 16.31 10.15 -6.10
CA SER A 66 17.23 10.83 -5.21
C SER A 66 16.62 10.96 -3.82
N SER A 67 17.35 10.45 -2.83
CA SER A 67 16.88 10.49 -1.45
C SER A 67 15.41 10.06 -1.38
N GLY A 68 15.21 8.76 -1.40
CA GLY A 68 13.86 8.21 -1.32
C GLY A 68 13.79 6.87 -2.05
N GLY A 1 19.88 14.30 11.39
CA GLY A 1 18.85 15.24 11.80
C GLY A 1 18.44 16.14 10.63
N SER A 2 17.19 15.96 10.20
CA SER A 2 16.67 16.74 9.10
C SER A 2 15.16 16.50 8.96
N SER A 3 14.82 15.23 8.75
CA SER A 3 13.43 14.85 8.60
C SER A 3 13.26 13.35 8.86
N GLY A 4 12.06 12.98 9.28
CA GLY A 4 11.77 11.59 9.57
C GLY A 4 10.68 11.06 8.63
N SER A 5 11.13 10.59 7.47
CA SER A 5 10.21 10.05 6.48
C SER A 5 9.85 8.61 6.83
N SER A 6 8.57 8.42 7.15
CA SER A 6 8.09 7.09 7.51
C SER A 6 6.99 6.66 6.54
N GLY A 7 7.05 5.40 6.14
CA GLY A 7 6.07 4.85 5.23
C GLY A 7 6.52 4.98 3.78
N ARG A 8 6.56 3.85 3.09
CA ARG A 8 6.99 3.83 1.70
C ARG A 8 5.77 3.87 0.77
N ARG A 9 6.05 3.98 -0.52
CA ARG A 9 4.99 4.02 -1.52
C ARG A 9 5.08 2.81 -2.44
N CYS A 10 3.92 2.34 -2.87
CA CYS A 10 3.85 1.20 -3.76
C CYS A 10 2.64 1.37 -4.66
N GLN A 11 2.79 0.91 -5.91
CA GLN A 11 1.72 1.00 -6.88
C GLN A 11 1.03 -0.35 -7.04
N VAL A 12 -0.29 -0.31 -7.08
CA VAL A 12 -1.08 -1.53 -7.23
C VAL A 12 -0.86 -2.09 -8.64
N ALA A 13 -0.19 -3.23 -8.69
CA ALA A 13 0.09 -3.89 -9.96
C ALA A 13 -1.11 -4.75 -10.35
N PHE A 14 -1.87 -5.15 -9.34
CA PHE A 14 -3.04 -5.98 -9.57
C PHE A 14 -4.18 -5.59 -8.63
N SER A 15 -5.31 -5.21 -9.24
CA SER A 15 -6.47 -4.80 -8.48
C SER A 15 -6.90 -5.94 -7.54
N TYR A 16 -7.35 -5.54 -6.36
CA TYR A 16 -7.79 -6.51 -5.38
C TYR A 16 -9.11 -6.06 -4.73
N LEU A 17 -10.12 -6.90 -4.89
CA LEU A 17 -11.43 -6.61 -4.31
C LEU A 17 -11.48 -7.12 -2.88
N PRO A 18 -11.88 -6.20 -1.96
CA PRO A 18 -11.97 -6.54 -0.55
C PRO A 18 -13.21 -7.39 -0.27
N GLN A 19 -12.98 -8.65 0.05
CA GLN A 19 -14.06 -9.57 0.34
C GLN A 19 -14.53 -9.40 1.79
N ASN A 20 -14.06 -8.32 2.41
CA ASN A 20 -14.43 -8.04 3.79
C ASN A 20 -14.80 -6.56 3.91
N ASP A 21 -15.07 -6.15 5.14
CA ASP A 21 -15.45 -4.77 5.41
C ASP A 21 -14.30 -4.09 6.17
N ASP A 22 -13.10 -4.55 5.92
CA ASP A 22 -11.92 -4.00 6.56
C ASP A 22 -10.70 -4.23 5.68
N GLU A 23 -10.95 -4.39 4.39
CA GLU A 23 -9.89 -4.62 3.43
C GLU A 23 -9.79 -3.45 2.45
N LEU A 24 -8.61 -3.30 1.87
CA LEU A 24 -8.38 -2.23 0.91
C LEU A 24 -8.67 -2.74 -0.50
N GLU A 25 -9.16 -1.83 -1.32
CA GLU A 25 -9.50 -2.17 -2.70
C GLU A 25 -8.37 -1.70 -3.65
N LEU A 26 -7.50 -2.64 -3.97
CA LEU A 26 -6.39 -2.34 -4.87
C LEU A 26 -6.92 -2.14 -6.30
N LYS A 27 -6.44 -1.09 -6.93
CA LYS A 27 -6.86 -0.78 -8.29
C LYS A 27 -5.62 -0.44 -9.13
N VAL A 28 -5.35 -1.31 -10.10
CA VAL A 28 -4.21 -1.11 -10.98
C VAL A 28 -4.02 0.37 -11.24
N GLY A 29 -2.97 0.91 -10.62
CA GLY A 29 -2.66 2.33 -10.78
C GLY A 29 -2.69 3.05 -9.42
N ASP A 30 -3.64 2.63 -8.59
CA ASP A 30 -3.78 3.22 -7.27
C ASP A 30 -2.47 3.08 -6.51
N ILE A 31 -2.15 4.12 -5.74
CA ILE A 31 -0.93 4.12 -4.95
C ILE A 31 -1.29 4.14 -3.47
N ILE A 32 -0.84 3.10 -2.78
CA ILE A 32 -1.09 2.97 -1.35
C ILE A 32 0.15 3.40 -0.57
N GLU A 33 -0.04 4.38 0.30
CA GLU A 33 1.05 4.89 1.10
C GLU A 33 1.35 3.92 2.25
N VAL A 34 2.37 3.09 2.04
CA VAL A 34 2.76 2.12 3.04
C VAL A 34 2.98 2.83 4.37
N VAL A 35 2.09 2.51 5.32
CA VAL A 35 2.17 3.11 6.64
C VAL A 35 2.81 2.12 7.61
N GLY A 36 2.39 0.86 7.48
CA GLY A 36 2.93 -0.18 8.34
C GLY A 36 2.76 -1.55 7.68
N GLU A 37 2.87 -2.58 8.52
CA GLU A 37 2.72 -3.96 8.03
C GLU A 37 1.80 -4.75 8.95
N VAL A 38 0.85 -5.43 8.33
CA VAL A 38 -0.11 -6.23 9.09
C VAL A 38 0.54 -7.56 9.45
N GLU A 39 0.66 -8.42 8.46
CA GLU A 39 1.25 -9.74 8.65
C GLU A 39 2.05 -10.15 7.42
N GLU A 40 2.72 -11.28 7.54
CA GLU A 40 3.53 -11.80 6.45
C GLU A 40 2.70 -11.87 5.16
N GLY A 41 3.12 -11.09 4.18
CA GLY A 41 2.43 -11.05 2.90
C GLY A 41 1.31 -10.01 2.92
N TRP A 42 1.10 -9.43 4.09
CA TRP A 42 0.08 -8.41 4.25
C TRP A 42 0.73 -7.16 4.84
N TRP A 43 0.48 -6.04 4.17
CA TRP A 43 1.04 -4.77 4.61
C TRP A 43 -0.12 -3.82 4.91
N GLU A 44 0.22 -2.70 5.53
CA GLU A 44 -0.78 -1.70 5.86
C GLU A 44 -0.42 -0.36 5.22
N GLY A 45 -1.36 0.16 4.45
CA GLY A 45 -1.16 1.44 3.78
C GLY A 45 -2.47 2.24 3.71
N VAL A 46 -2.40 3.34 2.99
CA VAL A 46 -3.57 4.20 2.83
C VAL A 46 -3.93 4.30 1.35
N LEU A 47 -5.23 4.17 1.08
CA LEU A 47 -5.72 4.24 -0.29
C LEU A 47 -6.55 5.52 -0.46
N ASN A 48 -5.86 6.61 -0.73
CA ASN A 48 -6.53 7.88 -0.92
C ASN A 48 -7.28 8.26 0.36
N GLY A 49 -6.53 8.29 1.45
CA GLY A 49 -7.11 8.64 2.74
C GLY A 49 -7.62 7.39 3.46
N LYS A 50 -8.07 6.43 2.67
CA LYS A 50 -8.59 5.18 3.21
C LYS A 50 -7.44 4.39 3.83
N THR A 51 -7.80 3.26 4.43
CA THR A 51 -6.82 2.40 5.06
C THR A 51 -7.35 0.97 5.18
N GLY A 52 -6.42 0.04 5.28
CA GLY A 52 -6.79 -1.36 5.40
C GLY A 52 -5.60 -2.27 5.08
N MET A 53 -5.79 -3.55 5.35
CA MET A 53 -4.74 -4.52 5.10
C MET A 53 -4.81 -5.04 3.65
N PHE A 54 -3.64 -5.11 3.02
CA PHE A 54 -3.55 -5.58 1.65
C PHE A 54 -2.34 -6.48 1.45
N PRO A 55 -2.44 -7.36 0.43
CA PRO A 55 -1.36 -8.28 0.12
C PRO A 55 -0.20 -7.56 -0.57
N SER A 56 1.00 -7.80 -0.06
CA SER A 56 2.19 -7.18 -0.61
C SER A 56 2.77 -8.06 -1.72
N ASN A 57 1.97 -9.03 -2.13
CA ASN A 57 2.41 -9.95 -3.18
C ASN A 57 1.67 -9.60 -4.48
N PHE A 58 1.03 -8.44 -4.47
CA PHE A 58 0.29 -7.98 -5.64
C PHE A 58 0.51 -6.49 -5.87
N ILE A 59 1.73 -6.05 -5.56
CA ILE A 59 2.07 -4.64 -5.72
C ILE A 59 3.50 -4.55 -6.26
N LYS A 60 3.99 -3.31 -6.33
CA LYS A 60 5.34 -3.07 -6.83
C LYS A 60 5.89 -1.81 -6.15
N GLU A 61 6.80 -2.03 -5.21
CA GLU A 61 7.42 -0.93 -4.49
C GLU A 61 7.89 0.14 -5.47
N LEU A 62 8.26 1.28 -4.91
CA LEU A 62 8.74 2.39 -5.72
C LEU A 62 9.87 3.11 -4.98
N SER A 63 10.59 3.93 -5.72
CA SER A 63 11.69 4.69 -5.15
C SER A 63 11.92 5.98 -5.95
N GLY A 64 12.44 6.97 -5.26
CA GLY A 64 12.70 8.26 -5.88
C GLY A 64 14.19 8.61 -5.81
N PRO A 65 14.59 9.65 -6.59
CA PRO A 65 15.96 10.09 -6.62
C PRO A 65 16.32 10.87 -5.35
N SER A 66 16.51 10.13 -4.26
CA SER A 66 16.85 10.73 -2.99
C SER A 66 18.30 11.23 -3.02
N SER A 67 18.55 12.28 -2.24
CA SER A 67 19.88 12.85 -2.17
C SER A 67 20.75 12.04 -1.20
N GLY A 68 21.67 11.29 -1.78
CA GLY A 68 22.57 10.46 -0.98
C GLY A 68 22.81 9.11 -1.65
N GLY A 1 7.37 15.09 0.71
CA GLY A 1 7.67 13.94 1.54
C GLY A 1 6.39 13.35 2.14
N SER A 2 6.54 12.77 3.32
CA SER A 2 5.40 12.17 4.01
C SER A 2 5.37 12.62 5.47
N SER A 3 6.47 12.37 6.16
CA SER A 3 6.58 12.76 7.56
C SER A 3 7.97 12.39 8.09
N GLY A 4 8.92 13.27 7.83
CA GLY A 4 10.29 13.07 8.27
C GLY A 4 10.95 11.91 7.50
N SER A 5 10.46 10.71 7.76
CA SER A 5 10.98 9.53 7.09
C SER A 5 9.89 8.47 6.97
N SER A 6 9.16 8.28 8.07
CA SER A 6 8.09 7.30 8.08
C SER A 6 7.08 7.61 6.97
N GLY A 7 7.15 6.83 5.91
CA GLY A 7 6.25 7.02 4.78
C GLY A 7 6.80 6.32 3.53
N ARG A 8 6.00 5.38 3.03
CA ARG A 8 6.39 4.63 1.85
C ARG A 8 5.23 4.59 0.85
N ARG A 9 5.59 4.44 -0.42
CA ARG A 9 4.59 4.38 -1.48
C ARG A 9 4.84 3.17 -2.37
N CYS A 10 3.75 2.61 -2.87
CA CYS A 10 3.82 1.45 -3.73
C CYS A 10 2.65 1.49 -4.70
N GLN A 11 2.89 0.96 -5.90
CA GLN A 11 1.87 0.93 -6.92
C GLN A 11 1.22 -0.45 -7.01
N VAL A 12 -0.03 -0.47 -7.44
CA VAL A 12 -0.76 -1.72 -7.56
C VAL A 12 -0.66 -2.22 -9.00
N ALA A 13 -0.28 -3.48 -9.13
CA ALA A 13 -0.13 -4.09 -10.45
C ALA A 13 -1.33 -5.01 -10.71
N PHE A 14 -2.01 -5.36 -9.63
CA PHE A 14 -3.17 -6.23 -9.73
C PHE A 14 -4.30 -5.73 -8.82
N SER A 15 -5.42 -5.40 -9.45
CA SER A 15 -6.57 -4.91 -8.71
C SER A 15 -7.06 -5.98 -7.73
N TYR A 16 -7.30 -5.55 -6.51
CA TYR A 16 -7.77 -6.47 -5.46
C TYR A 16 -9.08 -5.97 -4.85
N LEU A 17 -10.07 -6.85 -4.86
CA LEU A 17 -11.37 -6.52 -4.31
C LEU A 17 -11.47 -7.08 -2.88
N PRO A 18 -11.88 -6.18 -1.94
CA PRO A 18 -12.02 -6.57 -0.56
C PRO A 18 -13.28 -7.42 -0.34
N GLN A 19 -13.06 -8.67 0.00
CA GLN A 19 -14.17 -9.58 0.23
C GLN A 19 -14.78 -9.34 1.61
N ASN A 20 -14.27 -8.31 2.27
CA ASN A 20 -14.76 -7.96 3.60
C ASN A 20 -15.11 -6.48 3.63
N ASP A 21 -15.13 -5.92 4.84
CA ASP A 21 -15.45 -4.52 5.02
C ASP A 21 -14.33 -3.85 5.82
N ASP A 22 -13.17 -4.49 5.82
CA ASP A 22 -12.02 -3.97 6.53
C ASP A 22 -10.77 -4.16 5.69
N GLU A 23 -10.99 -4.48 4.42
CA GLU A 23 -9.89 -4.69 3.50
C GLU A 23 -9.78 -3.53 2.52
N LEU A 24 -8.60 -3.40 1.93
CA LEU A 24 -8.35 -2.34 0.96
C LEU A 24 -8.66 -2.85 -0.44
N GLU A 25 -9.13 -1.94 -1.28
CA GLU A 25 -9.45 -2.27 -2.65
C GLU A 25 -8.37 -1.77 -3.61
N LEU A 26 -7.47 -2.68 -3.95
CA LEU A 26 -6.39 -2.34 -4.86
C LEU A 26 -6.93 -2.21 -6.28
N LYS A 27 -6.37 -1.25 -7.01
CA LYS A 27 -6.78 -1.00 -8.38
C LYS A 27 -5.56 -0.67 -9.22
N VAL A 28 -5.34 -1.49 -10.24
CA VAL A 28 -4.21 -1.29 -11.14
C VAL A 28 -3.97 0.22 -11.32
N GLY A 29 -2.90 0.70 -10.71
CA GLY A 29 -2.55 2.10 -10.81
C GLY A 29 -2.89 2.84 -9.51
N ASP A 30 -2.86 2.09 -8.42
CA ASP A 30 -3.15 2.66 -7.11
C ASP A 30 -1.85 3.07 -6.44
N ILE A 31 -1.99 3.78 -5.32
CA ILE A 31 -0.84 4.25 -4.58
C ILE A 31 -1.17 4.24 -3.08
N ILE A 32 -0.86 3.12 -2.44
CA ILE A 32 -1.13 2.98 -1.02
C ILE A 32 0.11 3.41 -0.23
N GLU A 33 -0.04 4.49 0.50
CA GLU A 33 1.05 5.03 1.30
C GLU A 33 1.41 4.05 2.42
N VAL A 34 2.24 3.08 2.09
CA VAL A 34 2.67 2.08 3.05
C VAL A 34 3.02 2.78 4.37
N VAL A 35 2.20 2.51 5.37
CA VAL A 35 2.42 3.10 6.69
C VAL A 35 3.16 2.09 7.58
N GLY A 36 2.68 0.85 7.52
CA GLY A 36 3.28 -0.20 8.33
C GLY A 36 3.10 -1.57 7.65
N GLU A 37 2.85 -2.57 8.48
CA GLU A 37 2.66 -3.92 7.98
C GLU A 37 1.74 -4.71 8.91
N VAL A 38 0.83 -5.46 8.30
CA VAL A 38 -0.11 -6.26 9.07
C VAL A 38 0.54 -7.58 9.45
N GLU A 39 0.69 -8.43 8.44
CA GLU A 39 1.30 -9.74 8.65
C GLU A 39 2.10 -10.16 7.42
N GLU A 40 2.80 -11.27 7.56
CA GLU A 40 3.61 -11.79 6.47
C GLU A 40 2.78 -11.88 5.20
N GLY A 41 3.18 -11.10 4.19
CA GLY A 41 2.48 -11.09 2.92
C GLY A 41 1.37 -10.04 2.91
N TRP A 42 1.15 -9.45 4.08
CA TRP A 42 0.13 -8.43 4.22
C TRP A 42 0.77 -7.18 4.81
N TRP A 43 0.52 -6.06 4.16
CA TRP A 43 1.07 -4.79 4.60
C TRP A 43 -0.09 -3.84 4.90
N GLU A 44 0.23 -2.75 5.58
CA GLU A 44 -0.78 -1.77 5.93
C GLU A 44 -0.40 -0.39 5.36
N GLY A 45 -1.35 0.20 4.67
CA GLY A 45 -1.14 1.51 4.07
C GLY A 45 -2.45 2.30 3.99
N VAL A 46 -2.42 3.37 3.21
CA VAL A 46 -3.59 4.21 3.05
C VAL A 46 -3.91 4.34 1.56
N LEU A 47 -5.16 4.07 1.23
CA LEU A 47 -5.60 4.17 -0.15
C LEU A 47 -6.42 5.45 -0.34
N ASN A 48 -5.70 6.53 -0.56
CA ASN A 48 -6.34 7.83 -0.76
C ASN A 48 -7.11 8.22 0.50
N GLY A 49 -6.39 8.22 1.62
CA GLY A 49 -6.99 8.57 2.89
C GLY A 49 -7.54 7.32 3.60
N LYS A 50 -8.00 6.38 2.79
CA LYS A 50 -8.55 5.14 3.32
C LYS A 50 -7.44 4.36 4.04
N THR A 51 -7.82 3.21 4.57
CA THR A 51 -6.87 2.37 5.28
C THR A 51 -7.40 0.94 5.37
N GLY A 52 -6.47 0.00 5.44
CA GLY A 52 -6.83 -1.41 5.53
C GLY A 52 -5.60 -2.30 5.34
N MET A 53 -5.85 -3.60 5.27
CA MET A 53 -4.78 -4.55 5.08
C MET A 53 -4.83 -5.17 3.67
N PHE A 54 -3.71 -5.06 2.97
CA PHE A 54 -3.61 -5.59 1.63
C PHE A 54 -2.34 -6.43 1.46
N PRO A 55 -2.40 -7.36 0.48
CA PRO A 55 -1.26 -8.24 0.21
C PRO A 55 -0.15 -7.47 -0.53
N SER A 56 1.05 -7.61 0.00
CA SER A 56 2.20 -6.94 -0.58
C SER A 56 2.78 -7.79 -1.73
N ASN A 57 2.03 -8.84 -2.07
CA ASN A 57 2.45 -9.74 -3.13
C ASN A 57 1.63 -9.44 -4.38
N PHE A 58 1.01 -8.27 -4.39
CA PHE A 58 0.19 -7.86 -5.52
C PHE A 58 0.36 -6.37 -5.81
N ILE A 59 1.58 -5.89 -5.58
CA ILE A 59 1.88 -4.50 -5.82
C ILE A 59 3.30 -4.38 -6.39
N LYS A 60 3.75 -3.14 -6.51
CA LYS A 60 5.08 -2.88 -7.03
C LYS A 60 5.67 -1.64 -6.35
N GLU A 61 6.61 -1.90 -5.45
CA GLU A 61 7.25 -0.81 -4.72
C GLU A 61 7.67 0.30 -5.67
N LEU A 62 8.10 1.41 -5.09
CA LEU A 62 8.52 2.55 -5.88
C LEU A 62 9.74 3.20 -5.20
N SER A 63 10.87 3.12 -5.87
CA SER A 63 12.09 3.70 -5.35
C SER A 63 12.26 5.12 -5.85
N GLY A 64 11.77 6.06 -5.04
CA GLY A 64 11.86 7.47 -5.40
C GLY A 64 13.32 7.89 -5.62
N PRO A 65 13.48 9.05 -6.31
CA PRO A 65 14.81 9.57 -6.58
C PRO A 65 15.42 10.21 -5.33
N SER A 66 16.07 9.36 -4.54
CA SER A 66 16.70 9.83 -3.32
C SER A 66 18.01 9.06 -3.08
N SER A 67 19.04 9.49 -3.79
CA SER A 67 20.34 8.86 -3.67
C SER A 67 20.88 9.03 -2.25
N GLY A 68 21.00 10.29 -1.84
CA GLY A 68 21.49 10.60 -0.50
C GLY A 68 20.90 11.92 0.00
N GLY A 1 3.12 -2.96 15.27
CA GLY A 1 4.45 -3.34 15.76
C GLY A 1 5.37 -2.12 15.82
N SER A 2 6.43 -2.27 16.61
CA SER A 2 7.39 -1.19 16.77
C SER A 2 7.84 -0.68 15.40
N SER A 3 8.41 -1.58 14.62
CA SER A 3 8.88 -1.24 13.30
C SER A 3 9.90 -0.09 13.39
N GLY A 4 10.53 0.18 12.26
CA GLY A 4 11.51 1.24 12.19
C GLY A 4 11.00 2.43 11.38
N SER A 5 11.22 2.35 10.07
CA SER A 5 10.78 3.40 9.17
C SER A 5 9.27 3.29 8.93
N SER A 6 8.66 4.43 8.63
CA SER A 6 7.23 4.47 8.39
C SER A 6 6.91 5.58 7.38
N GLY A 7 6.73 5.17 6.14
CA GLY A 7 6.42 6.11 5.08
C GLY A 7 6.89 5.60 3.72
N ARG A 8 6.10 4.70 3.16
CA ARG A 8 6.42 4.11 1.86
C ARG A 8 5.22 4.21 0.92
N ARG A 9 5.48 3.90 -0.35
CA ARG A 9 4.44 3.95 -1.35
C ARG A 9 4.64 2.84 -2.38
N CYS A 10 3.52 2.33 -2.88
CA CYS A 10 3.57 1.26 -3.88
C CYS A 10 2.55 1.58 -4.97
N GLN A 11 2.71 0.91 -6.10
CA GLN A 11 1.81 1.12 -7.23
C GLN A 11 1.06 -0.18 -7.54
N VAL A 12 -0.11 -0.31 -6.92
CA VAL A 12 -0.94 -1.49 -7.13
C VAL A 12 -0.85 -1.92 -8.59
N ALA A 13 -0.30 -3.11 -8.79
CA ALA A 13 -0.15 -3.65 -10.13
C ALA A 13 -1.29 -4.65 -10.40
N PHE A 14 -1.94 -5.05 -9.33
CA PHE A 14 -3.05 -5.99 -9.44
C PHE A 14 -4.25 -5.53 -8.62
N SER A 15 -5.38 -5.40 -9.29
CA SER A 15 -6.60 -4.96 -8.64
C SER A 15 -7.08 -6.03 -7.66
N TYR A 16 -7.36 -5.60 -6.44
CA TYR A 16 -7.83 -6.51 -5.41
C TYR A 16 -9.13 -6.00 -4.78
N LEU A 17 -10.14 -6.85 -4.84
CA LEU A 17 -11.44 -6.51 -4.28
C LEU A 17 -11.53 -7.04 -2.85
N PRO A 18 -11.92 -6.12 -1.92
CA PRO A 18 -12.06 -6.49 -0.52
C PRO A 18 -13.32 -7.32 -0.29
N GLN A 19 -13.11 -8.58 0.08
CA GLN A 19 -14.22 -9.48 0.34
C GLN A 19 -14.79 -9.24 1.73
N ASN A 20 -14.28 -8.20 2.37
CA ASN A 20 -14.73 -7.85 3.71
C ASN A 20 -14.98 -6.33 3.78
N ASP A 21 -15.25 -5.87 4.99
CA ASP A 21 -15.51 -4.46 5.20
C ASP A 21 -14.38 -3.86 6.04
N ASP A 22 -13.20 -4.45 5.89
CA ASP A 22 -12.04 -3.99 6.62
C ASP A 22 -10.79 -4.20 5.76
N GLU A 23 -11.02 -4.36 4.47
CA GLU A 23 -9.93 -4.57 3.53
C GLU A 23 -9.81 -3.37 2.58
N LEU A 24 -8.67 -3.31 1.89
CA LEU A 24 -8.43 -2.23 0.96
C LEU A 24 -8.72 -2.73 -0.46
N GLU A 25 -9.17 -1.81 -1.30
CA GLU A 25 -9.49 -2.14 -2.68
C GLU A 25 -8.36 -1.68 -3.61
N LEU A 26 -7.51 -2.63 -3.95
CA LEU A 26 -6.38 -2.34 -4.83
C LEU A 26 -6.88 -2.19 -6.27
N LYS A 27 -6.42 -1.13 -6.91
CA LYS A 27 -6.81 -0.86 -8.29
C LYS A 27 -5.57 -0.46 -9.09
N VAL A 28 -5.25 -1.29 -10.08
CA VAL A 28 -4.12 -1.04 -10.93
C VAL A 28 -3.93 0.47 -11.09
N GLY A 29 -2.86 0.97 -10.48
CA GLY A 29 -2.56 2.39 -10.55
C GLY A 29 -2.66 3.05 -9.17
N ASP A 30 -3.49 2.45 -8.33
CA ASP A 30 -3.69 2.96 -6.99
C ASP A 30 -2.34 3.02 -6.26
N ILE A 31 -2.12 4.13 -5.58
CA ILE A 31 -0.88 4.33 -4.86
C ILE A 31 -1.16 4.24 -3.36
N ILE A 32 -0.90 3.06 -2.80
CA ILE A 32 -1.12 2.83 -1.39
C ILE A 32 0.10 3.31 -0.60
N GLU A 33 -0.08 4.40 0.12
CA GLU A 33 1.00 4.96 0.91
C GLU A 33 1.37 4.01 2.05
N VAL A 34 2.19 3.02 1.72
CA VAL A 34 2.62 2.04 2.69
C VAL A 34 3.02 2.76 3.98
N VAL A 35 2.23 2.54 5.02
CA VAL A 35 2.49 3.16 6.31
C VAL A 35 3.22 2.17 7.20
N GLY A 36 2.74 0.93 7.19
CA GLY A 36 3.34 -0.11 7.99
C GLY A 36 3.13 -1.49 7.35
N GLU A 37 2.99 -2.50 8.20
CA GLU A 37 2.79 -3.86 7.74
C GLU A 37 1.98 -4.65 8.76
N VAL A 38 1.03 -5.44 8.25
CA VAL A 38 0.19 -6.24 9.10
C VAL A 38 0.91 -7.55 9.44
N GLU A 39 1.02 -8.41 8.45
CA GLU A 39 1.69 -9.69 8.62
C GLU A 39 2.38 -10.12 7.32
N GLU A 40 3.13 -11.21 7.42
CA GLU A 40 3.84 -11.72 6.27
C GLU A 40 2.90 -11.85 5.08
N GLY A 41 3.22 -11.12 4.02
CA GLY A 41 2.41 -11.14 2.81
C GLY A 41 1.28 -10.13 2.89
N TRP A 42 1.18 -9.49 4.05
CA TRP A 42 0.14 -8.49 4.27
C TRP A 42 0.81 -7.22 4.77
N TRP A 43 0.50 -6.12 4.10
CA TRP A 43 1.06 -4.83 4.47
C TRP A 43 -0.09 -3.90 4.86
N GLU A 44 0.28 -2.74 5.37
CA GLU A 44 -0.71 -1.76 5.78
C GLU A 44 -0.38 -0.39 5.20
N GLY A 45 -1.34 0.15 4.47
CA GLY A 45 -1.16 1.45 3.84
C GLY A 45 -2.49 2.21 3.78
N VAL A 46 -2.49 3.26 2.97
CA VAL A 46 -3.69 4.08 2.80
C VAL A 46 -4.06 4.14 1.31
N LEU A 47 -5.35 4.02 1.06
CA LEU A 47 -5.85 4.05 -0.31
C LEU A 47 -6.72 5.31 -0.50
N ASN A 48 -6.06 6.40 -0.85
CA ASN A 48 -6.76 7.65 -1.06
C ASN A 48 -7.42 8.09 0.25
N GLY A 49 -6.63 8.03 1.32
CA GLY A 49 -7.13 8.42 2.63
C GLY A 49 -7.65 7.20 3.40
N LYS A 50 -8.16 6.24 2.65
CA LYS A 50 -8.69 5.03 3.24
C LYS A 50 -7.55 4.25 3.89
N THR A 51 -7.92 3.15 4.54
CA THR A 51 -6.93 2.30 5.21
C THR A 51 -7.45 0.86 5.31
N GLY A 52 -6.51 -0.07 5.35
CA GLY A 52 -6.84 -1.47 5.45
C GLY A 52 -5.64 -2.36 5.10
N MET A 53 -5.75 -3.62 5.49
CA MET A 53 -4.68 -4.56 5.23
C MET A 53 -4.75 -5.10 3.80
N PHE A 54 -3.61 -5.06 3.12
CA PHE A 54 -3.54 -5.54 1.75
C PHE A 54 -2.33 -6.45 1.55
N PRO A 55 -2.41 -7.30 0.50
CA PRO A 55 -1.33 -8.22 0.19
C PRO A 55 -0.17 -7.49 -0.47
N SER A 56 1.02 -7.75 0.05
CA SER A 56 2.22 -7.13 -0.48
C SER A 56 2.77 -7.94 -1.65
N ASN A 57 2.01 -8.96 -2.03
CA ASN A 57 2.40 -9.83 -3.13
C ASN A 57 1.62 -9.42 -4.39
N PHE A 58 1.02 -8.24 -4.32
CA PHE A 58 0.26 -7.73 -5.44
C PHE A 58 0.52 -6.23 -5.65
N ILE A 59 1.77 -5.85 -5.41
CA ILE A 59 2.15 -4.46 -5.57
C ILE A 59 3.54 -4.39 -6.20
N LYS A 60 4.08 -3.18 -6.28
CA LYS A 60 5.38 -2.97 -6.86
C LYS A 60 6.05 -1.76 -6.18
N GLU A 61 6.92 -2.06 -5.23
CA GLU A 61 7.64 -1.03 -4.51
C GLU A 61 8.11 0.06 -5.47
N LEU A 62 8.34 1.24 -4.91
CA LEU A 62 8.79 2.37 -5.70
C LEU A 62 9.75 3.22 -4.86
N SER A 63 11.03 2.92 -5.01
CA SER A 63 12.06 3.65 -4.28
C SER A 63 12.55 4.83 -5.11
N GLY A 64 12.85 5.92 -4.40
CA GLY A 64 13.33 7.13 -5.06
C GLY A 64 12.89 8.37 -4.31
N PRO A 65 13.65 9.48 -4.54
CA PRO A 65 13.34 10.74 -3.89
C PRO A 65 12.11 11.41 -4.52
N SER A 66 10.95 10.93 -4.13
CA SER A 66 9.70 11.46 -4.66
C SER A 66 9.60 11.18 -6.16
N SER A 67 8.67 10.30 -6.50
CA SER A 67 8.47 9.93 -7.89
C SER A 67 8.01 11.16 -8.70
N GLY A 68 6.88 11.71 -8.28
CA GLY A 68 6.33 12.88 -8.94
C GLY A 68 5.80 13.89 -7.92
N GLY A 1 1.16 21.66 12.38
CA GLY A 1 0.60 20.38 12.00
C GLY A 1 0.88 20.07 10.53
N SER A 2 2.07 19.53 10.29
CA SER A 2 2.48 19.18 8.94
C SER A 2 3.24 17.84 8.96
N SER A 3 4.31 17.82 9.73
CA SER A 3 5.12 16.62 9.83
C SER A 3 5.83 16.35 8.50
N GLY A 4 7.15 16.51 8.52
CA GLY A 4 7.94 16.29 7.32
C GLY A 4 8.50 14.87 7.30
N SER A 5 7.77 13.98 6.66
CA SER A 5 8.18 12.59 6.55
C SER A 5 7.22 11.82 5.65
N SER A 6 7.78 10.87 4.91
CA SER A 6 6.98 10.06 4.01
C SER A 6 7.35 8.58 4.16
N GLY A 7 6.37 7.81 4.59
CA GLY A 7 6.58 6.38 4.77
C GLY A 7 7.05 5.71 3.47
N ARG A 8 6.19 4.84 2.97
CA ARG A 8 6.50 4.13 1.73
C ARG A 8 5.30 4.18 0.78
N ARG A 9 5.61 3.99 -0.50
CA ARG A 9 4.57 4.01 -1.52
C ARG A 9 4.75 2.84 -2.49
N CYS A 10 3.63 2.34 -2.98
CA CYS A 10 3.65 1.22 -3.91
C CYS A 10 2.63 1.50 -5.02
N GLN A 11 2.80 0.79 -6.12
CA GLN A 11 1.90 0.94 -7.25
C GLN A 11 1.15 -0.36 -7.53
N VAL A 12 -0.05 -0.43 -7.00
CA VAL A 12 -0.88 -1.62 -7.17
C VAL A 12 -0.73 -2.13 -8.60
N ALA A 13 -0.18 -3.32 -8.72
CA ALA A 13 0.03 -3.93 -10.03
C ALA A 13 -1.11 -4.90 -10.31
N PHE A 14 -1.93 -5.12 -9.30
CA PHE A 14 -3.07 -6.01 -9.43
C PHE A 14 -4.24 -5.55 -8.56
N SER A 15 -5.38 -5.40 -9.20
CA SER A 15 -6.58 -4.96 -8.51
C SER A 15 -7.05 -6.05 -7.54
N TYR A 16 -7.41 -5.62 -6.33
CA TYR A 16 -7.87 -6.53 -5.32
C TYR A 16 -9.17 -6.03 -4.67
N LEU A 17 -10.19 -6.88 -4.74
CA LEU A 17 -11.48 -6.54 -4.18
C LEU A 17 -11.55 -7.03 -2.74
N PRO A 18 -11.92 -6.09 -1.82
CA PRO A 18 -12.03 -6.42 -0.41
C PRO A 18 -13.30 -7.25 -0.14
N GLN A 19 -13.07 -8.49 0.26
CA GLN A 19 -14.18 -9.38 0.56
C GLN A 19 -14.71 -9.11 1.97
N ASN A 20 -14.21 -8.04 2.57
CA ASN A 20 -14.62 -7.65 3.90
C ASN A 20 -14.84 -6.14 3.95
N ASP A 21 -15.20 -5.66 5.13
CA ASP A 21 -15.44 -4.24 5.33
C ASP A 21 -14.28 -3.64 6.13
N ASP A 22 -13.11 -4.22 5.94
CA ASP A 22 -11.92 -3.76 6.64
C ASP A 22 -10.68 -4.02 5.78
N GLU A 23 -10.93 -4.17 4.49
CA GLU A 23 -9.85 -4.43 3.55
C GLU A 23 -9.73 -3.27 2.55
N LEU A 24 -8.56 -3.18 1.94
CA LEU A 24 -8.30 -2.13 0.97
C LEU A 24 -8.58 -2.66 -0.44
N GLU A 25 -9.11 -1.78 -1.28
CA GLU A 25 -9.42 -2.14 -2.65
C GLU A 25 -8.30 -1.71 -3.59
N LEU A 26 -7.47 -2.67 -3.95
CA LEU A 26 -6.35 -2.41 -4.85
C LEU A 26 -6.88 -2.22 -6.26
N LYS A 27 -6.34 -1.22 -6.94
CA LYS A 27 -6.75 -0.93 -8.31
C LYS A 27 -5.51 -0.56 -9.13
N VAL A 28 -5.26 -1.38 -10.15
CA VAL A 28 -4.11 -1.16 -11.01
C VAL A 28 -3.88 0.35 -11.18
N GLY A 29 -2.78 0.80 -10.61
CA GLY A 29 -2.43 2.21 -10.69
C GLY A 29 -2.50 2.86 -9.30
N ASP A 30 -3.45 2.40 -8.51
CA ASP A 30 -3.63 2.93 -7.17
C ASP A 30 -2.29 2.97 -6.45
N ILE A 31 -2.08 4.04 -5.69
CA ILE A 31 -0.84 4.21 -4.95
C ILE A 31 -1.15 4.19 -3.46
N ILE A 32 -0.77 3.09 -2.82
CA ILE A 32 -0.98 2.93 -1.39
C ILE A 32 0.24 3.44 -0.64
N GLU A 33 0.00 4.39 0.25
CA GLU A 33 1.08 4.97 1.04
C GLU A 33 1.45 4.03 2.20
N VAL A 34 2.18 2.99 1.84
CA VAL A 34 2.61 2.01 2.84
C VAL A 34 2.95 2.72 4.14
N VAL A 35 2.17 2.42 5.17
CA VAL A 35 2.38 3.03 6.47
C VAL A 35 3.02 2.00 7.40
N GLY A 36 2.52 0.78 7.34
CA GLY A 36 3.04 -0.30 8.16
C GLY A 36 2.80 -1.66 7.52
N GLU A 37 3.04 -2.70 8.30
CA GLU A 37 2.86 -4.06 7.81
C GLU A 37 1.95 -4.85 8.75
N VAL A 38 0.97 -5.51 8.15
CA VAL A 38 0.04 -6.31 8.93
C VAL A 38 0.68 -7.65 9.29
N GLU A 39 0.96 -8.43 8.26
CA GLU A 39 1.58 -9.73 8.46
C GLU A 39 2.29 -10.17 7.18
N GLU A 40 2.99 -11.30 7.29
CA GLU A 40 3.72 -11.85 6.16
C GLU A 40 2.79 -11.96 4.93
N GLY A 41 3.12 -11.17 3.92
CA GLY A 41 2.34 -11.17 2.70
C GLY A 41 1.22 -10.12 2.77
N TRP A 42 1.11 -9.50 3.92
CA TRP A 42 0.09 -8.48 4.13
C TRP A 42 0.78 -7.23 4.68
N TRP A 43 0.48 -6.10 4.05
CA TRP A 43 1.06 -4.83 4.47
C TRP A 43 -0.08 -3.90 4.84
N GLU A 44 0.27 -2.85 5.58
CA GLU A 44 -0.72 -1.86 6.00
C GLU A 44 -0.38 -0.49 5.43
N GLY A 45 -1.32 0.04 4.65
CA GLY A 45 -1.13 1.34 4.04
C GLY A 45 -2.47 2.05 3.87
N VAL A 46 -2.43 3.17 3.16
CA VAL A 46 -3.63 3.96 2.91
C VAL A 46 -4.01 3.86 1.43
N LEU A 47 -5.28 4.13 1.17
CA LEU A 47 -5.78 4.07 -0.19
C LEU A 47 -6.77 5.21 -0.41
N ASN A 48 -6.23 6.33 -0.89
CA ASN A 48 -7.05 7.50 -1.14
C ASN A 48 -7.78 7.92 0.14
N GLY A 49 -7.00 7.99 1.21
CA GLY A 49 -7.54 8.37 2.51
C GLY A 49 -7.99 7.14 3.30
N LYS A 50 -8.41 6.12 2.56
CA LYS A 50 -8.87 4.89 3.17
C LYS A 50 -7.66 4.16 3.78
N THR A 51 -7.97 3.18 4.62
CA THR A 51 -6.93 2.40 5.28
C THR A 51 -7.42 0.98 5.53
N GLY A 52 -6.50 0.03 5.39
CA GLY A 52 -6.82 -1.36 5.61
C GLY A 52 -5.58 -2.25 5.43
N MET A 53 -5.83 -3.54 5.23
CA MET A 53 -4.76 -4.48 5.03
C MET A 53 -4.80 -5.08 3.62
N PHE A 54 -3.70 -4.93 2.91
CA PHE A 54 -3.59 -5.45 1.56
C PHE A 54 -2.36 -6.34 1.40
N PRO A 55 -2.43 -7.24 0.39
CA PRO A 55 -1.33 -8.16 0.12
C PRO A 55 -0.16 -7.43 -0.56
N SER A 56 1.03 -7.69 -0.04
CA SER A 56 2.22 -7.07 -0.59
C SER A 56 2.76 -7.90 -1.76
N ASN A 57 1.97 -8.89 -2.15
CA ASN A 57 2.35 -9.75 -3.26
C ASN A 57 1.62 -9.31 -4.53
N PHE A 58 0.99 -8.15 -4.44
CA PHE A 58 0.27 -7.59 -5.56
C PHE A 58 0.55 -6.10 -5.74
N ILE A 59 1.83 -5.75 -5.53
CA ILE A 59 2.24 -4.37 -5.65
C ILE A 59 3.64 -4.33 -6.27
N LYS A 60 4.21 -3.13 -6.28
CA LYS A 60 5.54 -2.93 -6.83
C LYS A 60 6.19 -1.72 -6.18
N GLU A 61 7.05 -1.98 -5.21
CA GLU A 61 7.75 -0.93 -4.50
C GLU A 61 8.16 0.18 -5.48
N LEU A 62 8.38 1.37 -4.92
CA LEU A 62 8.77 2.51 -5.72
C LEU A 62 9.69 3.41 -4.90
N SER A 63 10.99 3.18 -5.06
CA SER A 63 11.98 3.96 -4.35
C SER A 63 11.84 5.44 -4.70
N GLY A 64 12.14 6.29 -3.72
CA GLY A 64 12.05 7.73 -3.91
C GLY A 64 10.62 8.14 -4.29
N PRO A 65 10.45 9.47 -4.51
CA PRO A 65 9.16 10.01 -4.88
C PRO A 65 8.83 9.69 -6.34
N SER A 66 7.55 9.46 -6.58
CA SER A 66 7.09 9.15 -7.93
C SER A 66 6.90 10.43 -8.74
N SER A 67 8.00 10.89 -9.31
CA SER A 67 7.97 12.11 -10.11
C SER A 67 7.93 11.77 -11.60
N GLY A 68 7.24 12.62 -12.36
CA GLY A 68 7.12 12.41 -13.79
C GLY A 68 5.66 12.21 -14.19
N GLY A 1 12.33 22.77 8.04
CA GLY A 1 13.43 21.89 7.65
C GLY A 1 13.20 20.46 8.13
N SER A 2 12.85 19.61 7.18
CA SER A 2 12.59 18.21 7.49
C SER A 2 12.47 17.41 6.19
N SER A 3 12.98 16.18 6.25
CA SER A 3 12.92 15.29 5.10
C SER A 3 11.59 14.56 5.05
N GLY A 4 11.34 13.80 6.10
CA GLY A 4 10.10 13.04 6.19
C GLY A 4 10.32 11.58 5.77
N SER A 5 10.85 10.80 6.71
CA SER A 5 11.11 9.40 6.45
C SER A 5 10.13 8.53 7.24
N SER A 6 8.98 8.30 6.64
CA SER A 6 7.95 7.50 7.27
C SER A 6 6.92 7.04 6.22
N GLY A 7 6.67 5.74 6.22
CA GLY A 7 5.72 5.17 5.28
C GLY A 7 6.23 5.29 3.85
N ARG A 8 6.31 4.14 3.18
CA ARG A 8 6.78 4.12 1.80
C ARG A 8 5.59 4.12 0.83
N ARG A 9 5.90 4.27 -0.44
CA ARG A 9 4.87 4.29 -1.47
C ARG A 9 5.02 3.07 -2.38
N CYS A 10 3.87 2.53 -2.78
CA CYS A 10 3.86 1.38 -3.66
C CYS A 10 2.62 1.47 -4.55
N GLN A 11 2.78 1.00 -5.78
CA GLN A 11 1.67 1.02 -6.74
C GLN A 11 1.00 -0.35 -6.80
N VAL A 12 -0.20 -0.36 -7.35
CA VAL A 12 -0.95 -1.59 -7.48
C VAL A 12 -0.87 -2.10 -8.92
N ALA A 13 -0.24 -3.25 -9.07
CA ALA A 13 -0.08 -3.85 -10.38
C ALA A 13 -1.27 -4.76 -10.68
N PHE A 14 -2.00 -5.09 -9.61
CA PHE A 14 -3.15 -5.95 -9.74
C PHE A 14 -4.28 -5.50 -8.80
N SER A 15 -5.43 -5.23 -9.41
CA SER A 15 -6.59 -4.78 -8.63
C SER A 15 -7.05 -5.89 -7.70
N TYR A 16 -7.39 -5.49 -6.48
CA TYR A 16 -7.85 -6.44 -5.48
C TYR A 16 -9.15 -5.96 -4.83
N LEU A 17 -10.15 -6.83 -4.87
CA LEU A 17 -11.45 -6.51 -4.28
C LEU A 17 -11.49 -7.04 -2.85
N PRO A 18 -11.85 -6.12 -1.91
CA PRO A 18 -11.94 -6.48 -0.51
C PRO A 18 -13.20 -7.29 -0.23
N GLN A 19 -12.99 -8.54 0.14
CA GLN A 19 -14.11 -9.43 0.45
C GLN A 19 -14.66 -9.13 1.83
N ASN A 20 -14.12 -8.09 2.44
CA ASN A 20 -14.54 -7.70 3.78
C ASN A 20 -14.78 -6.19 3.80
N ASP A 21 -14.99 -5.67 5.01
CA ASP A 21 -15.22 -4.24 5.19
C ASP A 21 -14.06 -3.63 5.98
N ASP A 22 -12.91 -4.29 5.88
CA ASP A 22 -11.72 -3.83 6.57
C ASP A 22 -10.50 -4.06 5.69
N GLU A 23 -10.76 -4.31 4.41
CA GLU A 23 -9.69 -4.55 3.46
C GLU A 23 -9.57 -3.39 2.48
N LEU A 24 -8.43 -3.31 1.83
CA LEU A 24 -8.17 -2.26 0.86
C LEU A 24 -8.51 -2.76 -0.54
N GLU A 25 -9.02 -1.85 -1.36
CA GLU A 25 -9.38 -2.19 -2.72
C GLU A 25 -8.30 -1.73 -3.69
N LEU A 26 -7.44 -2.68 -4.06
CA LEU A 26 -6.35 -2.38 -4.98
C LEU A 26 -6.92 -2.23 -6.40
N LYS A 27 -6.39 -1.23 -7.10
CA LYS A 27 -6.83 -0.97 -8.46
C LYS A 27 -5.61 -0.60 -9.31
N VAL A 28 -5.38 -1.41 -10.34
CA VAL A 28 -4.26 -1.17 -11.23
C VAL A 28 -4.06 0.33 -11.41
N GLY A 29 -3.05 0.85 -10.72
CA GLY A 29 -2.75 2.27 -10.80
C GLY A 29 -3.10 2.97 -9.48
N ASP A 30 -3.03 2.21 -8.40
CA ASP A 30 -3.33 2.74 -7.08
C ASP A 30 -2.05 2.79 -6.25
N ILE A 31 -1.95 3.84 -5.45
CA ILE A 31 -0.79 4.02 -4.59
C ILE A 31 -1.22 3.96 -3.13
N ILE A 32 -0.71 2.94 -2.44
CA ILE A 32 -1.04 2.75 -1.04
C ILE A 32 0.10 3.30 -0.18
N GLU A 33 -0.15 4.45 0.41
CA GLU A 33 0.85 5.09 1.26
C GLU A 33 1.22 4.17 2.43
N VAL A 34 2.10 3.23 2.13
CA VAL A 34 2.55 2.29 3.14
C VAL A 34 2.74 3.02 4.47
N VAL A 35 1.96 2.59 5.45
CA VAL A 35 2.02 3.19 6.78
C VAL A 35 2.63 2.19 7.76
N GLY A 36 2.24 0.94 7.59
CA GLY A 36 2.73 -0.12 8.45
C GLY A 36 2.48 -1.50 7.82
N GLU A 37 2.64 -2.53 8.64
CA GLU A 37 2.44 -3.89 8.18
C GLU A 37 1.66 -4.69 9.22
N VAL A 38 0.74 -5.51 8.73
CA VAL A 38 -0.08 -6.33 9.59
C VAL A 38 0.61 -7.66 9.85
N GLU A 39 0.69 -8.46 8.79
CA GLU A 39 1.34 -9.76 8.88
C GLU A 39 2.09 -10.07 7.60
N GLU A 40 2.98 -11.06 7.69
CA GLU A 40 3.77 -11.46 6.53
C GLU A 40 2.88 -11.63 5.31
N GLY A 41 3.23 -10.91 4.26
CA GLY A 41 2.47 -10.97 3.02
C GLY A 41 1.32 -9.96 3.03
N TRP A 42 1.11 -9.35 4.19
CA TRP A 42 0.06 -8.37 4.35
C TRP A 42 0.67 -7.12 4.97
N TRP A 43 0.47 -6.00 4.29
CA TRP A 43 1.00 -4.73 4.76
C TRP A 43 -0.19 -3.82 5.08
N GLU A 44 0.12 -2.68 5.68
CA GLU A 44 -0.90 -1.71 6.04
C GLU A 44 -0.52 -0.32 5.54
N GLY A 45 -1.39 0.23 4.71
CA GLY A 45 -1.16 1.56 4.15
C GLY A 45 -2.48 2.29 3.88
N VAL A 46 -2.39 3.36 3.12
CA VAL A 46 -3.56 4.15 2.78
C VAL A 46 -3.68 4.24 1.26
N LEU A 47 -4.82 3.77 0.77
CA LEU A 47 -5.07 3.79 -0.66
C LEU A 47 -5.35 5.23 -1.11
N ASN A 48 -6.39 5.81 -0.54
CA ASN A 48 -6.76 7.17 -0.87
C ASN A 48 -7.61 7.76 0.27
N GLY A 49 -6.97 7.91 1.42
CA GLY A 49 -7.65 8.45 2.58
C GLY A 49 -8.15 7.33 3.49
N LYS A 50 -8.25 6.14 2.92
CA LYS A 50 -8.71 4.98 3.67
C LYS A 50 -7.51 4.26 4.27
N THR A 51 -7.75 3.03 4.70
CA THR A 51 -6.70 2.23 5.30
C THR A 51 -7.17 0.79 5.49
N GLY A 52 -6.23 -0.14 5.32
CA GLY A 52 -6.54 -1.55 5.47
C GLY A 52 -5.29 -2.41 5.25
N MET A 53 -5.52 -3.71 5.18
CA MET A 53 -4.43 -4.65 4.97
C MET A 53 -4.50 -5.28 3.58
N PHE A 54 -3.48 -5.00 2.78
CA PHE A 54 -3.42 -5.54 1.43
C PHE A 54 -2.19 -6.42 1.24
N PRO A 55 -2.30 -7.36 0.27
CA PRO A 55 -1.20 -8.28 -0.02
C PRO A 55 -0.09 -7.56 -0.78
N SER A 56 1.13 -7.76 -0.30
CA SER A 56 2.30 -7.15 -0.92
C SER A 56 2.79 -8.02 -2.08
N ASN A 57 1.98 -9.02 -2.42
CA ASN A 57 2.32 -9.92 -3.51
C ASN A 57 1.48 -9.57 -4.73
N PHE A 58 0.98 -8.34 -4.74
CA PHE A 58 0.16 -7.88 -5.85
C PHE A 58 0.32 -6.37 -6.05
N ILE A 59 1.53 -5.90 -5.79
CA ILE A 59 1.84 -4.49 -5.95
C ILE A 59 3.22 -4.34 -6.58
N LYS A 60 3.68 -3.09 -6.63
CA LYS A 60 4.99 -2.80 -7.20
C LYS A 60 5.59 -1.60 -6.47
N GLU A 61 6.59 -1.89 -5.65
CA GLU A 61 7.26 -0.86 -4.88
C GLU A 61 7.79 0.23 -5.83
N LEU A 62 8.21 1.33 -5.23
CA LEU A 62 8.74 2.45 -5.99
C LEU A 62 9.85 3.14 -5.19
N SER A 63 10.73 3.81 -5.92
CA SER A 63 11.84 4.51 -5.30
C SER A 63 12.57 3.57 -4.34
N GLY A 64 13.31 2.64 -4.93
CA GLY A 64 14.06 1.68 -4.15
C GLY A 64 15.53 2.09 -4.04
N PRO A 65 16.21 1.56 -2.98
CA PRO A 65 17.61 1.87 -2.77
C PRO A 65 18.50 1.11 -3.76
N SER A 66 18.52 1.61 -4.99
CA SER A 66 19.31 0.99 -6.03
C SER A 66 20.81 1.17 -5.71
N SER A 67 21.42 0.09 -5.25
CA SER A 67 22.83 0.11 -4.91
C SER A 67 23.62 -0.74 -5.91
N GLY A 68 24.19 -0.07 -6.89
CA GLY A 68 24.97 -0.74 -7.91
C GLY A 68 26.11 -1.56 -7.27
N GLY A 1 10.53 21.20 5.22
CA GLY A 1 11.88 21.19 4.70
C GLY A 1 12.44 19.77 4.64
N SER A 2 13.24 19.44 5.64
CA SER A 2 13.84 18.12 5.72
C SER A 2 13.71 17.56 7.14
N SER A 3 12.64 16.83 7.36
CA SER A 3 12.39 16.23 8.66
C SER A 3 12.69 14.74 8.63
N GLY A 4 12.04 14.05 7.70
CA GLY A 4 12.24 12.62 7.55
C GLY A 4 10.90 11.89 7.45
N SER A 5 10.34 11.56 8.61
CA SER A 5 9.07 10.85 8.67
C SER A 5 9.18 9.50 7.96
N SER A 6 8.26 8.62 8.29
CA SER A 6 8.24 7.29 7.71
C SER A 6 6.96 7.09 6.89
N GLY A 7 7.15 6.92 5.59
CA GLY A 7 6.03 6.72 4.70
C GLY A 7 6.51 6.18 3.34
N ARG A 8 6.15 4.93 3.08
CA ARG A 8 6.53 4.29 1.83
C ARG A 8 5.37 4.36 0.83
N ARG A 9 5.73 4.23 -0.44
CA ARG A 9 4.74 4.28 -1.50
C ARG A 9 4.89 3.07 -2.43
N CYS A 10 3.76 2.59 -2.92
CA CYS A 10 3.77 1.45 -3.82
C CYS A 10 2.56 1.56 -4.75
N GLN A 11 2.73 1.04 -5.95
CA GLN A 11 1.67 1.09 -6.95
C GLN A 11 1.00 -0.28 -7.05
N VAL A 12 -0.33 -0.25 -7.18
CA VAL A 12 -1.09 -1.47 -7.30
C VAL A 12 -0.96 -2.03 -8.72
N ALA A 13 -0.27 -3.16 -8.81
CA ALA A 13 -0.06 -3.80 -10.10
C ALA A 13 -1.28 -4.65 -10.45
N PHE A 14 -2.00 -5.06 -9.40
CA PHE A 14 -3.17 -5.88 -9.58
C PHE A 14 -4.27 -5.49 -8.59
N SER A 15 -5.41 -5.10 -9.15
CA SER A 15 -6.54 -4.69 -8.33
C SER A 15 -6.96 -5.83 -7.41
N TYR A 16 -7.36 -5.45 -6.20
CA TYR A 16 -7.79 -6.44 -5.22
C TYR A 16 -9.08 -6.00 -4.52
N LEU A 17 -10.15 -6.73 -4.81
CA LEU A 17 -11.45 -6.43 -4.23
C LEU A 17 -11.51 -7.03 -2.82
N PRO A 18 -11.88 -6.15 -1.85
CA PRO A 18 -11.99 -6.59 -0.46
C PRO A 18 -13.26 -7.41 -0.24
N GLN A 19 -13.06 -8.69 0.03
CA GLN A 19 -14.18 -9.60 0.25
C GLN A 19 -14.86 -9.27 1.57
N ASN A 20 -14.28 -8.31 2.28
CA ASN A 20 -14.83 -7.88 3.56
C ASN A 20 -14.97 -6.36 3.57
N ASP A 21 -15.62 -5.87 4.62
CA ASP A 21 -15.83 -4.45 4.77
C ASP A 21 -14.77 -3.87 5.71
N ASP A 22 -13.56 -3.73 5.18
CA ASP A 22 -12.46 -3.19 5.97
C ASP A 22 -11.16 -3.30 5.16
N GLU A 23 -11.10 -4.35 4.34
CA GLU A 23 -9.93 -4.57 3.51
C GLU A 23 -9.79 -3.45 2.48
N LEU A 24 -8.54 -3.20 2.09
CA LEU A 24 -8.25 -2.17 1.11
C LEU A 24 -8.56 -2.70 -0.29
N GLU A 25 -9.09 -1.80 -1.12
CA GLU A 25 -9.43 -2.16 -2.49
C GLU A 25 -8.35 -1.69 -3.45
N LEU A 26 -7.48 -2.61 -3.81
CA LEU A 26 -6.39 -2.30 -4.72
C LEU A 26 -6.95 -2.13 -6.13
N LYS A 27 -6.47 -1.08 -6.79
CA LYS A 27 -6.91 -0.78 -8.14
C LYS A 27 -5.70 -0.44 -9.01
N VAL A 28 -5.50 -1.26 -10.03
CA VAL A 28 -4.38 -1.05 -10.94
C VAL A 28 -4.16 0.45 -11.16
N GLY A 29 -3.08 0.95 -10.57
CA GLY A 29 -2.76 2.36 -10.70
C GLY A 29 -2.79 3.05 -9.33
N ASP A 30 -3.72 2.60 -8.50
CA ASP A 30 -3.88 3.16 -7.17
C ASP A 30 -2.54 3.05 -6.43
N ILE A 31 -2.21 4.12 -5.72
CA ILE A 31 -0.97 4.17 -4.96
C ILE A 31 -1.29 4.20 -3.47
N ILE A 32 -0.75 3.22 -2.76
CA ILE A 32 -0.97 3.14 -1.32
C ILE A 32 0.31 3.54 -0.58
N GLU A 33 0.12 4.24 0.52
CA GLU A 33 1.24 4.69 1.33
C GLU A 33 1.49 3.72 2.49
N VAL A 34 2.24 2.67 2.20
CA VAL A 34 2.55 1.67 3.20
C VAL A 34 2.95 2.36 4.50
N VAL A 35 2.07 2.25 5.48
CA VAL A 35 2.31 2.86 6.78
C VAL A 35 2.94 1.83 7.72
N GLY A 36 2.37 0.64 7.71
CA GLY A 36 2.86 -0.45 8.54
C GLY A 36 2.57 -1.80 7.91
N GLU A 37 3.26 -2.82 8.41
CA GLU A 37 3.09 -4.17 7.91
C GLU A 37 2.34 -5.02 8.92
N VAL A 38 1.24 -5.62 8.46
CA VAL A 38 0.43 -6.46 9.32
C VAL A 38 1.18 -7.75 9.62
N GLU A 39 1.34 -8.57 8.58
CA GLU A 39 2.03 -9.84 8.73
C GLU A 39 2.77 -10.18 7.43
N GLU A 40 3.64 -11.18 7.53
CA GLU A 40 4.40 -11.62 6.37
C GLU A 40 3.48 -11.86 5.17
N GLY A 41 3.70 -11.07 4.13
CA GLY A 41 2.89 -11.18 2.93
C GLY A 41 1.70 -10.21 2.97
N TRP A 42 1.48 -9.65 4.15
CA TRP A 42 0.39 -8.70 4.32
C TRP A 42 0.98 -7.40 4.89
N TRP A 43 0.66 -6.31 4.21
CA TRP A 43 1.16 -5.00 4.63
C TRP A 43 -0.06 -4.13 4.96
N GLU A 44 0.23 -2.89 5.30
CA GLU A 44 -0.82 -1.95 5.65
C GLU A 44 -0.46 -0.53 5.17
N GLY A 45 -1.42 0.10 4.51
CA GLY A 45 -1.20 1.44 4.00
C GLY A 45 -2.54 2.17 3.81
N VAL A 46 -2.47 3.29 3.11
CA VAL A 46 -3.66 4.09 2.85
C VAL A 46 -4.02 4.01 1.37
N LEU A 47 -5.25 4.40 1.07
CA LEU A 47 -5.72 4.38 -0.30
C LEU A 47 -6.68 5.55 -0.52
N ASN A 48 -6.23 6.51 -1.31
CA ASN A 48 -7.03 7.68 -1.60
C ASN A 48 -7.64 8.22 -0.30
N GLY A 49 -6.96 7.92 0.79
CA GLY A 49 -7.41 8.37 2.10
C GLY A 49 -7.83 7.19 2.97
N LYS A 50 -8.42 6.19 2.32
CA LYS A 50 -8.88 5.01 3.02
C LYS A 50 -7.67 4.30 3.64
N THR A 51 -7.97 3.29 4.45
CA THR A 51 -6.92 2.53 5.11
C THR A 51 -7.37 1.08 5.32
N GLY A 52 -6.39 0.19 5.44
CA GLY A 52 -6.67 -1.21 5.64
C GLY A 52 -5.45 -2.07 5.32
N MET A 53 -5.61 -3.38 5.49
CA MET A 53 -4.53 -4.31 5.22
C MET A 53 -4.66 -4.90 3.82
N PHE A 54 -3.51 -5.11 3.20
CA PHE A 54 -3.48 -5.68 1.85
C PHE A 54 -2.23 -6.52 1.64
N PRO A 55 -2.33 -7.46 0.67
CA PRO A 55 -1.22 -8.35 0.36
C PRO A 55 -0.14 -7.61 -0.43
N SER A 56 1.10 -7.79 0.01
CA SER A 56 2.23 -7.14 -0.65
C SER A 56 2.77 -8.05 -1.75
N ASN A 57 1.93 -8.96 -2.19
CA ASN A 57 2.31 -9.90 -3.24
C ASN A 57 1.53 -9.56 -4.52
N PHE A 58 0.99 -8.35 -4.56
CA PHE A 58 0.23 -7.91 -5.70
C PHE A 58 0.43 -6.41 -5.94
N ILE A 59 1.64 -5.95 -5.64
CA ILE A 59 1.98 -4.55 -5.83
C ILE A 59 3.41 -4.44 -6.37
N LYS A 60 3.90 -3.21 -6.44
CA LYS A 60 5.24 -2.96 -6.94
C LYS A 60 5.82 -1.73 -6.23
N GLU A 61 6.72 -2.00 -5.30
CA GLU A 61 7.36 -0.93 -4.56
C GLU A 61 7.87 0.15 -5.50
N LEU A 62 8.16 1.30 -4.93
CA LEU A 62 8.67 2.43 -5.72
C LEU A 62 9.70 3.20 -4.89
N SER A 63 10.94 3.17 -5.37
CA SER A 63 12.02 3.86 -4.69
C SER A 63 13.18 4.09 -5.67
N GLY A 64 13.99 5.09 -5.34
CA GLY A 64 15.13 5.43 -6.18
C GLY A 64 16.35 4.57 -5.82
N PRO A 65 17.40 4.70 -6.66
CA PRO A 65 18.63 3.95 -6.44
C PRO A 65 19.43 4.54 -5.28
N SER A 66 20.50 3.84 -4.92
CA SER A 66 21.37 4.28 -3.84
C SER A 66 20.52 4.65 -2.62
N SER A 67 20.11 3.64 -1.88
CA SER A 67 19.29 3.84 -0.70
C SER A 67 19.38 2.62 0.22
N GLY A 68 19.44 2.89 1.51
CA GLY A 68 19.53 1.83 2.51
C GLY A 68 20.54 2.18 3.59
N GLY A 1 -2.60 14.82 1.18
CA GLY A 1 -3.19 13.97 2.21
C GLY A 1 -2.28 13.92 3.45
N SER A 2 -1.06 13.44 3.22
CA SER A 2 -0.09 13.34 4.30
C SER A 2 0.75 14.62 4.39
N SER A 3 0.89 15.11 5.60
CA SER A 3 1.66 16.33 5.83
C SER A 3 3.01 15.98 6.45
N GLY A 4 4.00 15.87 5.59
CA GLY A 4 5.36 15.54 6.04
C GLY A 4 5.57 14.03 6.07
N SER A 5 4.94 13.39 7.03
CA SER A 5 5.05 11.95 7.18
C SER A 5 4.81 11.26 5.84
N SER A 6 5.81 10.51 5.40
CA SER A 6 5.71 9.81 4.13
C SER A 6 6.46 8.47 4.22
N GLY A 7 5.74 7.46 4.70
CA GLY A 7 6.32 6.14 4.84
C GLY A 7 6.77 5.59 3.48
N ARG A 8 6.19 4.45 3.12
CA ARG A 8 6.52 3.82 1.85
C ARG A 8 5.36 3.95 0.88
N ARG A 9 5.67 3.73 -0.40
CA ARG A 9 4.66 3.82 -1.45
C ARG A 9 4.81 2.66 -2.42
N CYS A 10 3.67 2.19 -2.90
CA CYS A 10 3.65 1.07 -3.83
C CYS A 10 2.62 1.39 -4.93
N GLN A 11 2.77 0.70 -6.05
CA GLN A 11 1.86 0.89 -7.17
C GLN A 11 1.09 -0.40 -7.45
N VAL A 12 -0.13 -0.45 -6.92
CA VAL A 12 -0.98 -1.62 -7.10
C VAL A 12 -0.81 -2.14 -8.53
N ALA A 13 -0.13 -3.26 -8.63
CA ALA A 13 0.11 -3.88 -9.93
C ALA A 13 -1.02 -4.85 -10.24
N PHE A 14 -1.87 -5.06 -9.24
CA PHE A 14 -2.99 -5.97 -9.40
C PHE A 14 -4.19 -5.50 -8.56
N SER A 15 -5.31 -5.32 -9.25
CA SER A 15 -6.52 -4.87 -8.58
C SER A 15 -7.02 -5.95 -7.62
N TYR A 16 -7.32 -5.52 -6.41
CA TYR A 16 -7.81 -6.44 -5.39
C TYR A 16 -9.11 -5.92 -4.77
N LEU A 17 -10.12 -6.79 -4.79
CA LEU A 17 -11.42 -6.44 -4.23
C LEU A 17 -11.52 -6.98 -2.80
N PRO A 18 -11.88 -6.06 -1.87
CA PRO A 18 -12.02 -6.44 -0.47
C PRO A 18 -13.30 -7.24 -0.23
N GLN A 19 -13.12 -8.49 0.15
CA GLN A 19 -14.24 -9.38 0.41
C GLN A 19 -14.87 -9.04 1.76
N ASN A 20 -14.33 -8.01 2.40
CA ASN A 20 -14.83 -7.58 3.69
C ASN A 20 -14.87 -6.06 3.73
N ASP A 21 -15.36 -5.54 4.85
CA ASP A 21 -15.46 -4.10 5.04
C ASP A 21 -14.30 -3.62 5.92
N ASP A 22 -13.21 -4.37 5.86
CA ASP A 22 -12.03 -4.04 6.65
C ASP A 22 -10.77 -4.25 5.81
N GLU A 23 -10.99 -4.40 4.51
CA GLU A 23 -9.89 -4.62 3.58
C GLU A 23 -9.76 -3.44 2.63
N LEU A 24 -8.60 -3.36 1.98
CA LEU A 24 -8.34 -2.28 1.05
C LEU A 24 -8.65 -2.76 -0.37
N GLU A 25 -9.06 -1.82 -1.21
CA GLU A 25 -9.40 -2.13 -2.58
C GLU A 25 -8.28 -1.67 -3.53
N LEU A 26 -7.43 -2.62 -3.88
CA LEU A 26 -6.32 -2.32 -4.77
C LEU A 26 -6.84 -2.13 -6.20
N LYS A 27 -6.38 -1.06 -6.83
CA LYS A 27 -6.80 -0.75 -8.18
C LYS A 27 -5.57 -0.40 -9.02
N VAL A 28 -5.32 -1.22 -10.03
CA VAL A 28 -4.19 -1.01 -10.91
C VAL A 28 -3.93 0.50 -11.06
N GLY A 29 -2.83 0.93 -10.48
CA GLY A 29 -2.46 2.33 -10.55
C GLY A 29 -2.50 2.98 -9.15
N ASP A 30 -3.44 2.50 -8.35
CA ASP A 30 -3.60 3.02 -7.00
C ASP A 30 -2.24 3.01 -6.30
N ILE A 31 -1.96 4.08 -5.59
CA ILE A 31 -0.71 4.21 -4.87
C ILE A 31 -0.98 4.19 -3.36
N ILE A 32 -0.78 3.01 -2.77
CA ILE A 32 -1.01 2.84 -1.35
C ILE A 32 0.21 3.34 -0.58
N GLU A 33 -0.02 4.33 0.28
CA GLU A 33 1.05 4.90 1.07
C GLU A 33 1.40 3.98 2.23
N VAL A 34 2.19 2.96 1.91
CA VAL A 34 2.61 1.99 2.92
C VAL A 34 2.98 2.73 4.21
N VAL A 35 2.15 2.55 5.22
CA VAL A 35 2.38 3.19 6.51
C VAL A 35 3.03 2.18 7.46
N GLY A 36 2.62 0.94 7.32
CA GLY A 36 3.16 -0.12 8.16
C GLY A 36 3.04 -1.48 7.46
N GLU A 37 2.94 -2.52 8.28
CA GLU A 37 2.83 -3.87 7.76
C GLU A 37 2.07 -4.75 8.74
N VAL A 38 1.03 -5.39 8.23
CA VAL A 38 0.20 -6.27 9.06
C VAL A 38 1.00 -7.53 9.40
N GLU A 39 1.10 -8.41 8.43
CA GLU A 39 1.83 -9.66 8.62
C GLU A 39 2.47 -10.10 7.30
N GLU A 40 3.19 -11.21 7.37
CA GLU A 40 3.86 -11.75 6.20
C GLU A 40 2.89 -11.85 5.03
N GLY A 41 3.21 -11.14 3.96
CA GLY A 41 2.38 -11.14 2.78
C GLY A 41 1.24 -10.12 2.91
N TRP A 42 1.22 -9.45 4.05
CA TRP A 42 0.19 -8.46 4.32
C TRP A 42 0.88 -7.18 4.82
N TRP A 43 0.60 -6.09 4.13
CA TRP A 43 1.18 -4.81 4.49
C TRP A 43 0.04 -3.86 4.88
N GLU A 44 0.43 -2.74 5.47
CA GLU A 44 -0.56 -1.75 5.89
C GLU A 44 -0.26 -0.40 5.23
N GLY A 45 -1.29 0.14 4.58
CA GLY A 45 -1.15 1.42 3.90
C GLY A 45 -2.52 2.11 3.76
N VAL A 46 -2.51 3.23 3.06
CA VAL A 46 -3.72 3.99 2.84
C VAL A 46 -4.12 3.89 1.36
N LEU A 47 -5.36 4.28 1.10
CA LEU A 47 -5.88 4.24 -0.26
C LEU A 47 -6.91 5.36 -0.44
N ASN A 48 -6.42 6.51 -0.87
CA ASN A 48 -7.28 7.65 -1.08
C ASN A 48 -7.97 8.02 0.23
N GLY A 49 -7.17 8.11 1.27
CA GLY A 49 -7.69 8.45 2.60
C GLY A 49 -8.10 7.20 3.37
N LYS A 50 -8.62 6.23 2.63
CA LYS A 50 -9.05 4.98 3.23
C LYS A 50 -7.84 4.23 3.78
N THR A 51 -8.11 3.10 4.39
CA THR A 51 -7.05 2.29 4.97
C THR A 51 -7.50 0.83 5.10
N GLY A 52 -6.54 -0.03 5.40
CA GLY A 52 -6.82 -1.45 5.56
C GLY A 52 -5.55 -2.28 5.36
N MET A 53 -5.76 -3.58 5.21
CA MET A 53 -4.65 -4.50 5.02
C MET A 53 -4.71 -5.16 3.64
N PHE A 54 -3.65 -4.96 2.87
CA PHE A 54 -3.57 -5.52 1.54
C PHE A 54 -2.33 -6.40 1.38
N PRO A 55 -2.40 -7.32 0.39
CA PRO A 55 -1.29 -8.23 0.12
C PRO A 55 -0.15 -7.49 -0.59
N SER A 56 1.06 -7.79 -0.14
CA SER A 56 2.25 -7.18 -0.73
C SER A 56 2.70 -7.97 -1.95
N ASN A 57 1.99 -9.07 -2.20
CA ASN A 57 2.31 -9.92 -3.34
C ASN A 57 1.51 -9.46 -4.56
N PHE A 58 0.96 -8.27 -4.45
CA PHE A 58 0.17 -7.70 -5.53
C PHE A 58 0.47 -6.21 -5.70
N ILE A 59 1.73 -5.86 -5.49
CA ILE A 59 2.16 -4.47 -5.62
C ILE A 59 3.54 -4.42 -6.26
N LYS A 60 4.10 -3.23 -6.30
CA LYS A 60 5.42 -3.04 -6.87
C LYS A 60 6.11 -1.85 -6.18
N GLU A 61 6.97 -2.19 -5.23
CA GLU A 61 7.69 -1.17 -4.50
C GLU A 61 8.12 -0.03 -5.43
N LEU A 62 8.36 1.12 -4.83
CA LEU A 62 8.78 2.29 -5.60
C LEU A 62 9.77 3.11 -4.77
N SER A 63 10.79 3.60 -5.45
CA SER A 63 11.81 4.40 -4.79
C SER A 63 12.54 5.25 -5.82
N GLY A 64 13.02 6.41 -5.35
CA GLY A 64 13.75 7.32 -6.22
C GLY A 64 12.83 8.43 -6.75
N PRO A 65 13.46 9.57 -7.10
CA PRO A 65 12.72 10.71 -7.62
C PRO A 65 12.27 10.46 -9.07
N SER A 66 11.04 10.85 -9.35
CA SER A 66 10.49 10.68 -10.69
C SER A 66 11.28 11.52 -11.69
N SER A 67 11.43 10.97 -12.89
CA SER A 67 12.16 11.67 -13.94
C SER A 67 11.87 11.01 -15.29
N GLY A 68 12.19 9.73 -15.38
CA GLY A 68 11.97 8.98 -16.60
C GLY A 68 13.17 8.09 -16.93
N GLY A 1 18.44 2.15 18.90
CA GLY A 1 19.03 3.45 19.13
C GLY A 1 18.00 4.57 18.99
N SER A 2 18.02 5.20 17.83
CA SER A 2 17.10 6.29 17.54
C SER A 2 16.52 6.14 16.14
N SER A 3 15.21 6.36 16.05
CA SER A 3 14.53 6.24 14.78
C SER A 3 13.05 6.62 14.94
N GLY A 4 12.39 6.81 13.81
CA GLY A 4 10.98 7.16 13.81
C GLY A 4 10.58 7.81 12.49
N SER A 5 10.51 6.99 11.46
CA SER A 5 10.14 7.46 10.13
C SER A 5 10.03 6.28 9.17
N SER A 6 8.91 5.57 9.28
CA SER A 6 8.67 4.42 8.42
C SER A 6 7.37 4.63 7.64
N GLY A 7 7.46 4.38 6.33
CA GLY A 7 6.31 4.53 5.46
C GLY A 7 6.75 4.76 4.01
N ARG A 8 6.45 3.78 3.18
CA ARG A 8 6.80 3.87 1.77
C ARG A 8 5.54 3.91 0.90
N ARG A 9 5.76 3.85 -0.40
CA ARG A 9 4.65 3.90 -1.34
C ARG A 9 4.79 2.76 -2.37
N CYS A 10 3.64 2.27 -2.81
CA CYS A 10 3.62 1.19 -3.79
C CYS A 10 2.59 1.54 -4.87
N GLN A 11 2.69 0.83 -5.98
CA GLN A 11 1.78 1.05 -7.09
C GLN A 11 1.01 -0.22 -7.41
N VAL A 12 -0.23 -0.27 -6.93
CA VAL A 12 -1.08 -1.43 -7.17
C VAL A 12 -0.90 -1.90 -8.61
N ALA A 13 -0.40 -3.11 -8.74
CA ALA A 13 -0.18 -3.69 -10.06
C ALA A 13 -1.29 -4.71 -10.35
N PHE A 14 -2.02 -5.05 -9.31
CA PHE A 14 -3.11 -6.01 -9.44
C PHE A 14 -4.32 -5.59 -8.60
N SER A 15 -5.45 -5.45 -9.29
CA SER A 15 -6.68 -5.05 -8.64
C SER A 15 -7.13 -6.14 -7.66
N TYR A 16 -7.42 -5.72 -6.43
CA TYR A 16 -7.87 -6.64 -5.41
C TYR A 16 -9.16 -6.15 -4.76
N LEU A 17 -10.19 -6.98 -4.88
CA LEU A 17 -11.49 -6.65 -4.32
C LEU A 17 -11.55 -7.16 -2.87
N PRO A 18 -11.88 -6.22 -1.95
CA PRO A 18 -11.98 -6.56 -0.54
C PRO A 18 -13.26 -7.34 -0.26
N GLN A 19 -13.07 -8.60 0.11
CA GLN A 19 -14.21 -9.47 0.41
C GLN A 19 -14.93 -8.97 1.67
N ASN A 20 -14.32 -7.98 2.31
CA ASN A 20 -14.90 -7.41 3.52
C ASN A 20 -14.82 -5.89 3.45
N ASP A 21 -15.43 -5.25 4.43
CA ASP A 21 -15.44 -3.79 4.48
C ASP A 21 -14.32 -3.32 5.40
N ASP A 22 -13.33 -4.18 5.57
CA ASP A 22 -12.19 -3.86 6.41
C ASP A 22 -10.89 -4.07 5.62
N GLU A 23 -11.06 -4.40 4.35
CA GLU A 23 -9.92 -4.62 3.48
C GLU A 23 -9.76 -3.45 2.50
N LEU A 24 -8.55 -3.34 1.96
CA LEU A 24 -8.26 -2.28 1.01
C LEU A 24 -8.58 -2.76 -0.40
N GLU A 25 -9.03 -1.82 -1.22
CA GLU A 25 -9.39 -2.14 -2.60
C GLU A 25 -8.27 -1.70 -3.54
N LEU A 26 -7.42 -2.65 -3.90
CA LEU A 26 -6.32 -2.38 -4.79
C LEU A 26 -6.86 -2.12 -6.20
N LYS A 27 -6.41 -1.00 -6.77
CA LYS A 27 -6.84 -0.62 -8.10
C LYS A 27 -5.61 -0.28 -8.95
N VAL A 28 -5.39 -1.10 -9.97
CA VAL A 28 -4.26 -0.89 -10.85
C VAL A 28 -4.01 0.60 -11.02
N GLY A 29 -2.93 1.07 -10.41
CA GLY A 29 -2.58 2.47 -10.47
C GLY A 29 -2.59 3.12 -9.09
N ASP A 30 -3.54 2.68 -8.28
CA ASP A 30 -3.69 3.20 -6.93
C ASP A 30 -2.33 3.14 -6.22
N ILE A 31 -2.02 4.22 -5.52
CA ILE A 31 -0.76 4.29 -4.79
C ILE A 31 -1.05 4.23 -3.29
N ILE A 32 -0.77 3.07 -2.72
CA ILE A 32 -0.98 2.87 -1.29
C ILE A 32 0.23 3.37 -0.52
N GLU A 33 0.00 4.40 0.27
CA GLU A 33 1.06 5.00 1.07
C GLU A 33 1.44 4.07 2.23
N VAL A 34 2.20 3.03 1.89
CA VAL A 34 2.64 2.06 2.89
C VAL A 34 2.98 2.80 4.19
N VAL A 35 2.17 2.54 5.20
CA VAL A 35 2.37 3.16 6.49
C VAL A 35 3.10 2.19 7.42
N GLY A 36 2.64 0.94 7.38
CA GLY A 36 3.24 -0.10 8.21
C GLY A 36 3.08 -1.47 7.56
N GLU A 37 3.01 -2.49 8.42
CA GLU A 37 2.85 -3.86 7.94
C GLU A 37 2.13 -4.70 8.99
N VAL A 38 1.25 -5.56 8.51
CA VAL A 38 0.50 -6.43 9.39
C VAL A 38 1.28 -7.72 9.63
N GLU A 39 1.33 -8.55 8.59
CA GLU A 39 2.05 -9.81 8.67
C GLU A 39 2.68 -10.16 7.33
N GLU A 40 3.50 -11.21 7.33
CA GLU A 40 4.16 -11.65 6.12
C GLU A 40 3.16 -11.77 4.98
N GLY A 41 3.42 -11.02 3.91
CA GLY A 41 2.55 -11.05 2.74
C GLY A 41 1.41 -10.05 2.90
N TRP A 42 1.35 -9.45 4.08
CA TRP A 42 0.30 -8.47 4.36
C TRP A 42 0.98 -7.21 4.89
N TRP A 43 0.65 -6.09 4.26
CA TRP A 43 1.21 -4.81 4.65
C TRP A 43 0.05 -3.88 5.05
N GLU A 44 0.42 -2.73 5.57
CA GLU A 44 -0.57 -1.75 6.00
C GLU A 44 -0.29 -0.39 5.35
N GLY A 45 -1.28 0.09 4.61
CA GLY A 45 -1.15 1.36 3.93
C GLY A 45 -2.51 2.05 3.80
N VAL A 46 -2.50 3.18 3.10
CA VAL A 46 -3.73 3.94 2.89
C VAL A 46 -4.12 3.85 1.42
N LEU A 47 -5.37 4.20 1.15
CA LEU A 47 -5.89 4.16 -0.20
C LEU A 47 -6.90 5.30 -0.39
N ASN A 48 -6.53 6.25 -1.24
CA ASN A 48 -7.39 7.39 -1.52
C ASN A 48 -7.91 7.95 -0.20
N GLY A 49 -7.16 7.70 0.86
CA GLY A 49 -7.54 8.19 2.18
C GLY A 49 -7.93 7.02 3.09
N LYS A 50 -8.58 6.03 2.49
CA LYS A 50 -9.01 4.86 3.24
C LYS A 50 -7.79 4.15 3.82
N THR A 51 -8.06 3.08 4.56
CA THR A 51 -7.00 2.30 5.17
C THR A 51 -7.43 0.84 5.33
N GLY A 52 -6.45 -0.02 5.48
CA GLY A 52 -6.71 -1.44 5.64
C GLY A 52 -5.43 -2.26 5.45
N MET A 53 -5.62 -3.56 5.28
CA MET A 53 -4.50 -4.47 5.08
C MET A 53 -4.60 -5.18 3.73
N PHE A 54 -3.60 -4.94 2.89
CA PHE A 54 -3.57 -5.54 1.58
C PHE A 54 -2.33 -6.41 1.41
N PRO A 55 -2.41 -7.37 0.44
CA PRO A 55 -1.31 -8.27 0.17
C PRO A 55 -0.19 -7.55 -0.60
N SER A 56 1.01 -7.61 -0.03
CA SER A 56 2.16 -6.98 -0.65
C SER A 56 2.60 -7.77 -1.87
N ASN A 57 1.95 -8.91 -2.07
CA ASN A 57 2.27 -9.77 -3.20
C ASN A 57 1.45 -9.32 -4.42
N PHE A 58 0.81 -8.18 -4.27
CA PHE A 58 0.01 -7.63 -5.35
C PHE A 58 0.32 -6.15 -5.59
N ILE A 59 1.59 -5.82 -5.39
CA ILE A 59 2.03 -4.44 -5.58
C ILE A 59 3.42 -4.44 -6.21
N LYS A 60 4.00 -3.25 -6.30
CA LYS A 60 5.32 -3.11 -6.89
C LYS A 60 6.03 -1.92 -6.23
N GLU A 61 6.89 -2.25 -5.27
CA GLU A 61 7.64 -1.24 -4.56
C GLU A 61 8.10 -0.14 -5.53
N LEU A 62 8.36 1.04 -4.97
CA LEU A 62 8.82 2.17 -5.76
C LEU A 62 9.81 2.99 -4.95
N SER A 63 11.04 3.05 -5.46
CA SER A 63 12.08 3.80 -4.80
C SER A 63 11.77 5.30 -4.85
N GLY A 64 12.34 6.02 -3.89
CA GLY A 64 12.13 7.46 -3.81
C GLY A 64 13.27 8.14 -3.05
N PRO A 65 13.37 9.48 -3.24
CA PRO A 65 14.40 10.25 -2.58
C PRO A 65 14.06 10.46 -1.10
N SER A 66 14.12 9.37 -0.36
CA SER A 66 13.84 9.41 1.06
C SER A 66 15.00 8.82 1.86
N SER A 67 15.08 9.21 3.12
CA SER A 67 16.13 8.74 3.99
C SER A 67 15.88 9.20 5.43
N GLY A 68 15.55 8.24 6.27
CA GLY A 68 15.28 8.52 7.67
C GLY A 68 14.42 7.42 8.30
N GLY A 1 18.03 -1.18 13.87
CA GLY A 1 18.33 -0.39 12.70
C GLY A 1 17.89 1.07 12.89
N SER A 2 17.43 1.67 11.81
CA SER A 2 16.98 3.04 11.84
C SER A 2 15.78 3.23 10.90
N SER A 3 14.86 4.08 11.33
CA SER A 3 13.67 4.35 10.54
C SER A 3 12.91 3.05 10.28
N GLY A 4 11.76 2.93 10.93
CA GLY A 4 10.93 1.75 10.78
C GLY A 4 9.81 2.00 9.77
N SER A 5 10.19 2.08 8.50
CA SER A 5 9.23 2.31 7.44
C SER A 5 8.33 3.49 7.79
N SER A 6 8.81 4.68 7.48
CA SER A 6 8.05 5.89 7.75
C SER A 6 7.66 6.57 6.45
N GLY A 7 6.42 6.33 6.04
CA GLY A 7 5.90 6.91 4.81
C GLY A 7 6.49 6.20 3.59
N ARG A 8 5.75 5.21 3.11
CA ARG A 8 6.18 4.46 1.95
C ARG A 8 5.09 4.45 0.88
N ARG A 9 5.51 4.33 -0.37
CA ARG A 9 4.58 4.31 -1.48
C ARG A 9 4.86 3.10 -2.38
N CYS A 10 3.78 2.53 -2.90
CA CYS A 10 3.89 1.38 -3.77
C CYS A 10 2.73 1.42 -4.77
N GLN A 11 3.00 0.90 -5.95
CA GLN A 11 2.00 0.87 -7.01
C GLN A 11 1.36 -0.52 -7.09
N VAL A 12 0.10 -0.52 -7.53
CA VAL A 12 -0.64 -1.77 -7.65
C VAL A 12 -0.53 -2.28 -9.09
N ALA A 13 -0.28 -3.58 -9.22
CA ALA A 13 -0.16 -4.19 -10.52
C ALA A 13 -1.39 -5.05 -10.80
N PHE A 14 -2.06 -5.44 -9.72
CA PHE A 14 -3.25 -6.26 -9.83
C PHE A 14 -4.38 -5.73 -8.94
N SER A 15 -5.54 -5.54 -9.55
CA SER A 15 -6.69 -5.03 -8.81
C SER A 15 -7.10 -6.03 -7.74
N TYR A 16 -7.28 -5.52 -6.53
CA TYR A 16 -7.67 -6.35 -5.41
C TYR A 16 -8.97 -5.85 -4.78
N LEU A 17 -9.94 -6.76 -4.72
CA LEU A 17 -11.24 -6.42 -4.16
C LEU A 17 -11.31 -6.93 -2.71
N PRO A 18 -11.74 -6.02 -1.80
CA PRO A 18 -11.85 -6.36 -0.39
C PRO A 18 -13.08 -7.24 -0.15
N GLN A 19 -12.80 -8.48 0.26
CA GLN A 19 -13.87 -9.43 0.53
C GLN A 19 -14.46 -9.18 1.92
N ASN A 20 -14.01 -8.09 2.53
CA ASN A 20 -14.48 -7.73 3.85
C ASN A 20 -14.75 -6.22 3.90
N ASP A 21 -15.23 -5.77 5.06
CA ASP A 21 -15.53 -4.37 5.24
C ASP A 21 -14.42 -3.72 6.09
N ASP A 22 -13.22 -4.25 5.94
CA ASP A 22 -12.08 -3.74 6.68
C ASP A 22 -10.81 -3.93 5.85
N GLU A 23 -11.01 -4.10 4.55
CA GLU A 23 -9.89 -4.29 3.64
C GLU A 23 -9.76 -3.10 2.69
N LEU A 24 -8.70 -3.13 1.91
CA LEU A 24 -8.44 -2.06 0.96
C LEU A 24 -8.74 -2.55 -0.46
N GLU A 25 -9.19 -1.64 -1.29
CA GLU A 25 -9.51 -1.97 -2.68
C GLU A 25 -8.43 -1.43 -3.61
N LEU A 26 -7.54 -2.33 -4.00
CA LEU A 26 -6.45 -1.96 -4.90
C LEU A 26 -7.00 -1.79 -6.32
N LYS A 27 -6.41 -0.85 -7.03
CA LYS A 27 -6.84 -0.58 -8.40
C LYS A 27 -5.60 -0.41 -9.28
N VAL A 28 -5.50 -1.27 -10.29
CA VAL A 28 -4.37 -1.22 -11.21
C VAL A 28 -3.98 0.24 -11.46
N GLY A 29 -2.91 0.65 -10.79
CA GLY A 29 -2.42 2.02 -10.93
C GLY A 29 -2.69 2.83 -9.65
N ASP A 30 -2.85 2.11 -8.56
CA ASP A 30 -3.11 2.74 -7.28
C ASP A 30 -1.77 3.02 -6.58
N ILE A 31 -1.80 4.04 -5.73
CA ILE A 31 -0.61 4.42 -4.99
C ILE A 31 -0.93 4.45 -3.49
N ILE A 32 -0.77 3.30 -2.86
CA ILE A 32 -1.04 3.19 -1.44
C ILE A 32 0.16 3.73 -0.65
N GLU A 33 -0.16 4.43 0.43
CA GLU A 33 0.88 5.00 1.28
C GLU A 33 1.22 4.05 2.42
N VAL A 34 1.92 2.97 2.06
CA VAL A 34 2.32 1.98 3.05
C VAL A 34 2.74 2.68 4.34
N VAL A 35 1.99 2.41 5.40
CA VAL A 35 2.27 3.01 6.69
C VAL A 35 3.03 1.99 7.56
N GLY A 36 2.50 0.78 7.59
CA GLY A 36 3.10 -0.28 8.37
C GLY A 36 2.93 -1.63 7.69
N GLU A 37 2.88 -2.68 8.51
CA GLU A 37 2.72 -4.03 7.99
C GLU A 37 1.86 -4.86 8.95
N VAL A 38 0.94 -5.61 8.36
CA VAL A 38 0.06 -6.45 9.15
C VAL A 38 0.76 -7.76 9.48
N GLU A 39 0.95 -8.58 8.45
CA GLU A 39 1.61 -9.86 8.62
C GLU A 39 2.37 -10.23 7.36
N GLU A 40 3.14 -11.31 7.46
CA GLU A 40 3.93 -11.79 6.33
C GLU A 40 3.04 -11.93 5.08
N GLY A 41 3.32 -11.08 4.10
CA GLY A 41 2.56 -11.10 2.87
C GLY A 41 1.43 -10.07 2.90
N TRP A 42 1.17 -9.55 4.10
CA TRP A 42 0.12 -8.57 4.28
C TRP A 42 0.76 -7.31 4.86
N TRP A 43 0.50 -6.18 4.20
CA TRP A 43 1.04 -4.92 4.64
C TRP A 43 -0.14 -3.99 4.95
N GLU A 44 0.17 -2.92 5.67
CA GLU A 44 -0.85 -1.94 6.04
C GLU A 44 -0.48 -0.56 5.52
N GLY A 45 -1.46 0.08 4.88
CA GLY A 45 -1.25 1.40 4.33
C GLY A 45 -2.58 2.07 4.00
N VAL A 46 -2.48 3.19 3.27
CA VAL A 46 -3.67 3.92 2.88
C VAL A 46 -3.81 3.89 1.36
N LEU A 47 -5.00 4.22 0.90
CA LEU A 47 -5.29 4.23 -0.53
C LEU A 47 -5.71 5.64 -0.95
N ASN A 48 -6.94 5.99 -0.64
CA ASN A 48 -7.47 7.30 -0.98
C ASN A 48 -8.03 7.96 0.28
N GLY A 49 -7.27 7.86 1.36
CA GLY A 49 -7.68 8.44 2.62
C GLY A 49 -8.21 7.38 3.57
N LYS A 50 -8.40 6.18 3.02
CA LYS A 50 -8.90 5.07 3.81
C LYS A 50 -7.73 4.31 4.42
N THR A 51 -7.99 3.06 4.76
CA THR A 51 -6.97 2.21 5.35
C THR A 51 -7.47 0.77 5.47
N GLY A 52 -6.53 -0.17 5.37
CA GLY A 52 -6.86 -1.57 5.46
C GLY A 52 -5.66 -2.44 5.12
N MET A 53 -5.77 -3.72 5.45
CA MET A 53 -4.70 -4.66 5.18
C MET A 53 -4.76 -5.17 3.74
N PHE A 54 -3.62 -5.08 3.07
CA PHE A 54 -3.53 -5.52 1.69
C PHE A 54 -2.29 -6.39 1.46
N PRO A 55 -2.36 -7.25 0.41
CA PRO A 55 -1.26 -8.13 0.09
C PRO A 55 -0.12 -7.37 -0.57
N SER A 56 1.09 -7.63 -0.10
CA SER A 56 2.27 -6.97 -0.63
C SER A 56 2.82 -7.78 -1.81
N ASN A 57 2.09 -8.82 -2.17
CA ASN A 57 2.50 -9.68 -3.27
C ASN A 57 1.69 -9.33 -4.52
N PHE A 58 0.96 -8.22 -4.41
CA PHE A 58 0.14 -7.77 -5.52
C PHE A 58 0.37 -6.29 -5.81
N ILE A 59 1.59 -5.85 -5.55
CA ILE A 59 1.95 -4.46 -5.76
C ILE A 59 3.38 -4.39 -6.31
N LYS A 60 3.89 -3.17 -6.40
CA LYS A 60 5.24 -2.95 -6.90
C LYS A 60 5.82 -1.70 -6.24
N GLU A 61 6.75 -1.94 -5.32
CA GLU A 61 7.39 -0.84 -4.62
C GLU A 61 7.98 0.16 -5.60
N LEU A 62 8.32 1.33 -5.09
CA LEU A 62 8.89 2.37 -5.91
C LEU A 62 9.97 3.12 -5.12
N SER A 63 11.21 2.89 -5.53
CA SER A 63 12.34 3.53 -4.87
C SER A 63 12.68 4.84 -5.58
N GLY A 64 12.10 5.92 -5.09
CA GLY A 64 12.35 7.24 -5.66
C GLY A 64 11.47 7.46 -6.90
N PRO A 65 11.54 8.71 -7.43
CA PRO A 65 10.76 9.07 -8.60
C PRO A 65 11.37 8.46 -9.87
N SER A 66 10.87 7.28 -10.22
CA SER A 66 11.34 6.59 -11.40
C SER A 66 10.53 5.32 -11.64
N SER A 67 10.11 5.14 -12.88
CA SER A 67 9.31 3.98 -13.24
C SER A 67 10.01 3.22 -14.38
N GLY A 68 9.82 1.90 -14.36
CA GLY A 68 10.41 1.05 -15.38
C GLY A 68 11.91 1.31 -15.50
N GLY A 1 1.19 5.80 15.16
CA GLY A 1 0.34 6.77 14.47
C GLY A 1 1.11 7.49 13.37
N SER A 2 0.69 8.72 13.10
CA SER A 2 1.32 9.52 12.07
C SER A 2 2.77 9.83 12.46
N SER A 3 3.56 10.19 11.45
CA SER A 3 4.96 10.50 11.68
C SER A 3 5.47 11.45 10.59
N GLY A 4 6.63 12.02 10.84
CA GLY A 4 7.23 12.93 9.88
C GLY A 4 7.93 12.16 8.76
N SER A 5 9.25 12.05 8.89
CA SER A 5 10.04 11.35 7.90
C SER A 5 9.85 9.84 8.04
N SER A 6 8.66 9.38 7.66
CA SER A 6 8.35 7.98 7.75
C SER A 6 7.10 7.66 6.89
N GLY A 7 7.20 6.56 6.16
CA GLY A 7 6.10 6.16 5.30
C GLY A 7 6.61 5.80 3.90
N ARG A 8 6.27 4.60 3.46
CA ARG A 8 6.68 4.13 2.15
C ARG A 8 5.50 4.19 1.18
N ARG A 9 5.84 4.18 -0.11
CA ARG A 9 4.82 4.22 -1.14
C ARG A 9 5.02 3.06 -2.13
N CYS A 10 3.89 2.53 -2.58
CA CYS A 10 3.93 1.42 -3.51
C CYS A 10 2.68 1.50 -4.40
N GLN A 11 2.81 0.99 -5.61
CA GLN A 11 1.71 1.00 -6.56
C GLN A 11 1.10 -0.40 -6.67
N VAL A 12 -0.10 -0.45 -7.25
CA VAL A 12 -0.79 -1.71 -7.42
C VAL A 12 -0.64 -2.17 -8.87
N ALA A 13 -0.30 -3.44 -9.02
CA ALA A 13 -0.11 -4.02 -10.34
C ALA A 13 -1.27 -4.98 -10.64
N PHE A 14 -1.98 -5.35 -9.58
CA PHE A 14 -3.10 -6.25 -9.71
C PHE A 14 -4.31 -5.75 -8.92
N SER A 15 -5.47 -5.81 -9.57
CA SER A 15 -6.70 -5.37 -8.93
C SER A 15 -7.09 -6.32 -7.81
N TYR A 16 -7.61 -5.75 -6.74
CA TYR A 16 -8.03 -6.55 -5.60
C TYR A 16 -9.30 -5.98 -4.97
N LEU A 17 -10.28 -6.87 -4.77
CA LEU A 17 -11.55 -6.47 -4.19
C LEU A 17 -11.59 -6.91 -2.72
N PRO A 18 -11.94 -5.94 -1.84
CA PRO A 18 -12.03 -6.21 -0.41
C PRO A 18 -13.28 -7.03 -0.08
N GLN A 19 -13.05 -8.24 0.41
CA GLN A 19 -14.15 -9.12 0.77
C GLN A 19 -14.71 -8.74 2.14
N ASN A 20 -14.19 -7.64 2.67
CA ASN A 20 -14.64 -7.15 3.96
C ASN A 20 -14.67 -5.62 3.94
N ASP A 21 -15.14 -5.06 5.04
CA ASP A 21 -15.24 -3.62 5.16
C ASP A 21 -14.04 -3.09 5.97
N ASP A 22 -12.93 -3.79 5.82
CA ASP A 22 -11.71 -3.40 6.53
C ASP A 22 -10.50 -3.70 5.63
N GLU A 23 -10.78 -3.87 4.34
CA GLU A 23 -9.72 -4.16 3.40
C GLU A 23 -9.60 -3.02 2.38
N LEU A 24 -8.55 -3.10 1.58
CA LEU A 24 -8.31 -2.09 0.56
C LEU A 24 -8.78 -2.61 -0.80
N GLU A 25 -9.23 -1.68 -1.62
CA GLU A 25 -9.71 -2.03 -2.96
C GLU A 25 -8.69 -1.60 -4.01
N LEU A 26 -7.88 -2.56 -4.44
CA LEU A 26 -6.87 -2.30 -5.44
C LEU A 26 -7.52 -2.33 -6.83
N LYS A 27 -7.11 -1.38 -7.66
CA LYS A 27 -7.63 -1.29 -9.01
C LYS A 27 -6.48 -1.04 -9.99
N VAL A 28 -5.41 -1.80 -9.80
CA VAL A 28 -4.25 -1.67 -10.66
C VAL A 28 -4.03 -0.20 -11.00
N GLY A 29 -3.18 0.44 -10.21
CA GLY A 29 -2.89 1.85 -10.42
C GLY A 29 -3.25 2.68 -9.19
N ASP A 30 -2.99 2.09 -8.03
CA ASP A 30 -3.28 2.77 -6.77
C ASP A 30 -2.01 2.87 -5.94
N ILE A 31 -1.84 4.01 -5.30
CA ILE A 31 -0.67 4.24 -4.46
C ILE A 31 -1.07 4.16 -2.99
N ILE A 32 -0.57 3.14 -2.33
CA ILE A 32 -0.87 2.93 -0.92
C ILE A 32 0.33 3.38 -0.08
N GLU A 33 0.12 4.46 0.66
CA GLU A 33 1.17 5.01 1.50
C GLU A 33 1.50 4.03 2.63
N VAL A 34 2.27 3.01 2.29
CA VAL A 34 2.66 2.00 3.26
C VAL A 34 2.93 2.68 4.61
N VAL A 35 2.08 2.36 5.57
CA VAL A 35 2.20 2.92 6.90
C VAL A 35 2.85 1.89 7.83
N GLY A 36 2.34 0.66 7.76
CA GLY A 36 2.86 -0.42 8.58
C GLY A 36 2.66 -1.77 7.89
N GLU A 37 2.86 -2.82 8.67
CA GLU A 37 2.71 -4.17 8.15
C GLU A 37 1.95 -5.04 9.15
N VAL A 38 0.93 -5.72 8.63
CA VAL A 38 0.11 -6.58 9.47
C VAL A 38 0.85 -7.89 9.73
N GLU A 39 0.91 -8.71 8.68
CA GLU A 39 1.58 -9.99 8.78
C GLU A 39 2.31 -10.31 7.46
N GLU A 40 3.20 -11.28 7.53
CA GLU A 40 3.96 -11.69 6.37
C GLU A 40 3.03 -11.88 5.17
N GLY A 41 3.30 -11.11 4.12
CA GLY A 41 2.50 -11.18 2.91
C GLY A 41 1.39 -10.12 2.93
N TRP A 42 1.16 -9.56 4.11
CA TRP A 42 0.14 -8.53 4.26
C TRP A 42 0.80 -7.31 4.89
N TRP A 43 0.55 -6.16 4.27
CA TRP A 43 1.11 -4.91 4.75
C TRP A 43 -0.05 -3.98 5.10
N GLU A 44 0.30 -2.82 5.66
CA GLU A 44 -0.69 -1.85 6.04
C GLU A 44 -0.35 -0.47 5.45
N GLY A 45 -1.32 0.09 4.75
CA GLY A 45 -1.13 1.40 4.12
C GLY A 45 -2.47 2.13 3.97
N VAL A 46 -2.41 3.25 3.27
CA VAL A 46 -3.60 4.05 3.04
C VAL A 46 -3.86 4.14 1.54
N LEU A 47 -5.09 3.82 1.16
CA LEU A 47 -5.48 3.88 -0.25
C LEU A 47 -6.30 5.13 -0.49
N ASN A 48 -5.70 6.06 -1.22
CA ASN A 48 -6.37 7.32 -1.54
C ASN A 48 -6.98 7.90 -0.26
N GLY A 49 -6.42 7.49 0.87
CA GLY A 49 -6.90 7.97 2.15
C GLY A 49 -7.44 6.81 3.00
N LYS A 50 -8.20 5.94 2.34
CA LYS A 50 -8.78 4.79 3.01
C LYS A 50 -7.65 3.91 3.56
N THR A 51 -7.99 3.14 4.58
CA THR A 51 -7.02 2.25 5.20
C THR A 51 -7.52 0.80 5.15
N GLY A 52 -6.56 -0.11 5.00
CA GLY A 52 -6.89 -1.52 4.93
C GLY A 52 -5.64 -2.35 4.61
N MET A 53 -5.66 -3.59 5.08
CA MET A 53 -4.54 -4.49 4.86
C MET A 53 -4.65 -5.15 3.47
N PHE A 54 -3.52 -5.15 2.76
CA PHE A 54 -3.48 -5.73 1.44
C PHE A 54 -2.22 -6.59 1.26
N PRO A 55 -2.27 -7.49 0.24
CA PRO A 55 -1.16 -8.37 -0.04
C PRO A 55 -0.02 -7.60 -0.73
N SER A 56 1.18 -7.77 -0.18
CA SER A 56 2.35 -7.10 -0.73
C SER A 56 2.93 -7.93 -1.88
N ASN A 57 2.18 -8.95 -2.27
CA ASN A 57 2.60 -9.83 -3.35
C ASN A 57 1.82 -9.48 -4.62
N PHE A 58 1.19 -8.32 -4.58
CA PHE A 58 0.40 -7.85 -5.71
C PHE A 58 0.53 -6.34 -5.89
N ILE A 59 1.74 -5.84 -5.67
CA ILE A 59 2.01 -4.43 -5.80
C ILE A 59 3.38 -4.22 -6.45
N LYS A 60 3.81 -2.97 -6.48
CA LYS A 60 5.09 -2.63 -7.06
C LYS A 60 5.68 -1.42 -6.33
N GLU A 61 6.69 -1.71 -5.52
CA GLU A 61 7.35 -0.65 -4.76
C GLU A 61 7.82 0.47 -5.70
N LEU A 62 8.17 1.59 -5.09
CA LEU A 62 8.64 2.74 -5.85
C LEU A 62 9.72 3.46 -5.05
N SER A 63 10.19 4.56 -5.62
CA SER A 63 11.23 5.35 -4.98
C SER A 63 11.56 6.57 -5.83
N GLY A 64 12.18 7.56 -5.20
CA GLY A 64 12.57 8.78 -5.89
C GLY A 64 13.96 9.23 -5.47
N PRO A 65 14.36 10.43 -5.98
CA PRO A 65 15.66 10.99 -5.66
C PRO A 65 15.69 11.54 -4.23
N SER A 66 14.69 12.34 -3.92
CA SER A 66 14.59 12.94 -2.60
C SER A 66 15.80 13.84 -2.35
N SER A 67 15.63 14.74 -1.38
CA SER A 67 16.70 15.66 -1.04
C SER A 67 16.98 15.59 0.47
N GLY A 68 15.94 15.87 1.24
CA GLY A 68 16.06 15.84 2.69
C GLY A 68 14.78 15.29 3.34
N GLY A 1 6.00 4.78 15.02
CA GLY A 1 5.11 5.64 14.25
C GLY A 1 5.79 6.16 12.98
N SER A 2 6.43 7.30 13.10
CA SER A 2 7.11 7.90 11.98
C SER A 2 8.45 8.50 12.43
N SER A 3 9.39 8.54 11.51
CA SER A 3 10.71 9.08 11.79
C SER A 3 11.31 9.68 10.53
N GLY A 4 10.86 10.89 10.21
CA GLY A 4 11.34 11.59 9.03
C GLY A 4 10.68 11.05 7.76
N SER A 5 11.04 9.82 7.41
CA SER A 5 10.50 9.19 6.23
C SER A 5 9.62 8.01 6.63
N SER A 6 8.34 8.30 6.83
CA SER A 6 7.40 7.26 7.22
C SER A 6 6.21 7.25 6.26
N GLY A 7 6.11 6.15 5.52
CA GLY A 7 5.03 5.99 4.56
C GLY A 7 5.58 5.61 3.18
N ARG A 8 5.83 4.33 3.01
CA ARG A 8 6.35 3.83 1.74
C ARG A 8 5.24 3.73 0.71
N ARG A 9 5.47 4.37 -0.43
CA ARG A 9 4.50 4.35 -1.51
C ARG A 9 4.76 3.17 -2.45
N CYS A 10 3.69 2.45 -2.75
CA CYS A 10 3.80 1.30 -3.63
C CYS A 10 2.63 1.35 -4.63
N GLN A 11 2.89 0.85 -5.82
CA GLN A 11 1.88 0.83 -6.85
C GLN A 11 1.24 -0.56 -6.95
N VAL A 12 -0.04 -0.57 -7.30
CA VAL A 12 -0.79 -1.80 -7.42
C VAL A 12 -0.74 -2.28 -8.87
N ALA A 13 -0.13 -3.45 -9.06
CA ALA A 13 -0.01 -4.03 -10.39
C ALA A 13 -1.24 -4.90 -10.67
N PHE A 14 -1.90 -5.32 -9.60
CA PHE A 14 -3.07 -6.15 -9.73
C PHE A 14 -4.21 -5.63 -8.84
N SER A 15 -5.33 -5.31 -9.48
CA SER A 15 -6.48 -4.80 -8.76
C SER A 15 -6.99 -5.87 -7.78
N TYR A 16 -7.27 -5.42 -6.57
CA TYR A 16 -7.76 -6.31 -5.52
C TYR A 16 -9.07 -5.78 -4.92
N LEU A 17 -9.97 -6.71 -4.65
CA LEU A 17 -11.25 -6.36 -4.08
C LEU A 17 -11.32 -6.88 -2.64
N PRO A 18 -11.72 -5.97 -1.71
CA PRO A 18 -11.83 -6.32 -0.31
C PRO A 18 -13.08 -7.17 -0.06
N GLN A 19 -12.84 -8.42 0.32
CA GLN A 19 -13.93 -9.33 0.60
C GLN A 19 -14.49 -9.09 2.01
N ASN A 20 -14.00 -8.02 2.63
CA ASN A 20 -14.44 -7.68 3.97
C ASN A 20 -14.60 -6.16 4.07
N ASP A 21 -14.96 -5.71 5.26
CA ASP A 21 -15.15 -4.29 5.50
C ASP A 21 -13.98 -3.75 6.32
N ASP A 22 -12.82 -4.35 6.10
CA ASP A 22 -11.62 -3.94 6.80
C ASP A 22 -10.40 -4.17 5.90
N GLU A 23 -10.67 -4.26 4.61
CA GLU A 23 -9.62 -4.48 3.63
C GLU A 23 -9.51 -3.27 2.70
N LEU A 24 -8.44 -3.27 1.91
CA LEU A 24 -8.20 -2.19 0.97
C LEU A 24 -8.53 -2.68 -0.44
N GLU A 25 -8.98 -1.75 -1.27
CA GLU A 25 -9.34 -2.07 -2.64
C GLU A 25 -8.24 -1.59 -3.60
N LEU A 26 -7.40 -2.54 -3.99
CA LEU A 26 -6.31 -2.22 -4.90
C LEU A 26 -6.85 -2.08 -6.33
N LYS A 27 -6.31 -1.11 -7.03
CA LYS A 27 -6.73 -0.84 -8.40
C LYS A 27 -5.50 -0.55 -9.26
N VAL A 28 -5.30 -1.40 -10.26
CA VAL A 28 -4.18 -1.24 -11.17
C VAL A 28 -3.90 0.25 -11.37
N GLY A 29 -2.90 0.74 -10.66
CA GLY A 29 -2.52 2.14 -10.75
C GLY A 29 -2.87 2.89 -9.47
N ASP A 30 -2.84 2.16 -8.36
CA ASP A 30 -3.16 2.75 -7.07
C ASP A 30 -1.87 2.85 -6.24
N ILE A 31 -1.80 3.92 -5.46
CA ILE A 31 -0.65 4.16 -4.62
C ILE A 31 -1.08 4.14 -3.15
N ILE A 32 -0.62 3.13 -2.44
CA ILE A 32 -0.94 2.99 -1.03
C ILE A 32 0.27 3.37 -0.19
N GLU A 33 0.07 4.39 0.64
CA GLU A 33 1.15 4.87 1.50
C GLU A 33 1.37 3.89 2.66
N VAL A 34 2.05 2.80 2.34
CA VAL A 34 2.34 1.79 3.34
C VAL A 34 2.68 2.46 4.67
N VAL A 35 1.79 2.29 5.64
CA VAL A 35 1.98 2.88 6.96
C VAL A 35 2.71 1.88 7.85
N GLY A 36 2.23 0.64 7.79
CA GLY A 36 2.82 -0.42 8.60
C GLY A 36 2.72 -1.78 7.89
N GLU A 37 3.26 -2.79 8.53
CA GLU A 37 3.23 -4.13 7.98
C GLU A 37 2.35 -5.05 8.83
N VAL A 38 1.15 -5.29 8.34
CA VAL A 38 0.21 -6.15 9.05
C VAL A 38 0.88 -7.48 9.37
N GLU A 39 1.25 -8.18 8.32
CA GLU A 39 1.90 -9.48 8.47
C GLU A 39 2.59 -9.88 7.16
N GLU A 40 3.08 -11.11 7.15
CA GLU A 40 3.77 -11.63 5.97
C GLU A 40 2.77 -11.85 4.83
N GLY A 41 3.07 -11.24 3.70
CA GLY A 41 2.21 -11.35 2.53
C GLY A 41 1.11 -10.28 2.55
N TRP A 42 1.13 -9.47 3.60
CA TRP A 42 0.15 -8.42 3.75
C TRP A 42 0.85 -7.19 4.35
N TRP A 43 0.20 -6.05 4.22
CA TRP A 43 0.74 -4.81 4.74
C TRP A 43 -0.42 -3.89 5.09
N GLU A 44 -0.08 -2.73 5.62
CA GLU A 44 -1.08 -1.75 5.99
C GLU A 44 -0.71 -0.36 5.45
N GLY A 45 -1.67 0.26 4.79
CA GLY A 45 -1.46 1.57 4.21
C GLY A 45 -2.78 2.29 3.98
N VAL A 46 -2.70 3.42 3.30
CA VAL A 46 -3.88 4.21 3.00
C VAL A 46 -4.18 4.13 1.50
N LEU A 47 -5.44 4.38 1.17
CA LEU A 47 -5.88 4.34 -0.22
C LEU A 47 -6.87 5.48 -0.48
N ASN A 48 -6.32 6.60 -0.90
CA ASN A 48 -7.14 7.77 -1.19
C ASN A 48 -7.96 8.13 0.06
N GLY A 49 -7.26 8.21 1.18
CA GLY A 49 -7.91 8.53 2.44
C GLY A 49 -8.36 7.28 3.17
N LYS A 50 -8.65 6.25 2.38
CA LYS A 50 -9.09 4.98 2.94
C LYS A 50 -7.92 4.29 3.63
N THR A 51 -8.22 3.16 4.25
CA THR A 51 -7.21 2.39 4.95
C THR A 51 -7.62 0.92 5.04
N GLY A 52 -6.62 0.08 5.29
CA GLY A 52 -6.87 -1.35 5.40
C GLY A 52 -5.58 -2.15 5.20
N MET A 53 -5.72 -3.46 5.11
CA MET A 53 -4.59 -4.34 4.93
C MET A 53 -4.64 -5.01 3.55
N PHE A 54 -3.63 -4.73 2.76
CA PHE A 54 -3.54 -5.31 1.43
C PHE A 54 -2.34 -6.25 1.30
N PRO A 55 -2.43 -7.17 0.31
CA PRO A 55 -1.36 -8.13 0.08
C PRO A 55 -0.17 -7.46 -0.61
N SER A 56 1.01 -7.71 -0.06
CA SER A 56 2.23 -7.15 -0.60
C SER A 56 2.79 -8.07 -1.68
N ASN A 57 1.95 -8.99 -2.13
CA ASN A 57 2.35 -9.94 -3.16
C ASN A 57 1.61 -9.62 -4.46
N PHE A 58 1.03 -8.43 -4.49
CA PHE A 58 0.29 -7.99 -5.67
C PHE A 58 0.48 -6.49 -5.90
N ILE A 59 1.70 -6.03 -5.61
CA ILE A 59 2.02 -4.62 -5.79
C ILE A 59 3.43 -4.50 -6.35
N LYS A 60 3.90 -3.26 -6.41
CA LYS A 60 5.25 -2.98 -6.91
C LYS A 60 5.80 -1.75 -6.22
N GLU A 61 6.73 -1.98 -5.31
CA GLU A 61 7.36 -0.90 -4.58
C GLU A 61 7.85 0.19 -5.54
N LEU A 62 8.26 1.30 -4.96
CA LEU A 62 8.75 2.42 -5.75
C LEU A 62 9.85 3.14 -4.97
N SER A 63 10.96 3.37 -5.66
CA SER A 63 12.08 4.06 -5.05
C SER A 63 13.10 4.45 -6.12
N GLY A 64 13.23 5.75 -6.33
CA GLY A 64 14.16 6.26 -7.32
C GLY A 64 13.66 7.58 -7.92
N PRO A 65 14.44 8.10 -8.91
CA PRO A 65 14.09 9.34 -9.57
C PRO A 65 12.92 9.13 -10.55
N SER A 66 11.77 9.69 -10.18
CA SER A 66 10.59 9.57 -11.00
C SER A 66 10.15 8.10 -11.09
N SER A 67 8.87 7.88 -10.80
CA SER A 67 8.32 6.54 -10.84
C SER A 67 8.48 5.95 -12.25
N GLY A 68 8.82 4.67 -12.27
CA GLY A 68 9.00 3.97 -13.53
C GLY A 68 9.79 2.68 -13.34
N GLY A 1 18.77 3.56 11.93
CA GLY A 1 17.79 2.71 11.27
C GLY A 1 16.48 2.67 12.04
N SER A 2 15.41 3.03 11.36
CA SER A 2 14.09 3.04 11.97
C SER A 2 14.07 4.01 13.15
N SER A 3 13.52 5.19 12.91
CA SER A 3 13.42 6.20 13.95
C SER A 3 12.68 7.42 13.42
N GLY A 4 13.20 7.98 12.33
CA GLY A 4 12.60 9.14 11.72
C GLY A 4 12.08 8.82 10.32
N SER A 5 13.01 8.43 9.46
CA SER A 5 12.67 8.09 8.09
C SER A 5 11.62 6.97 8.07
N SER A 6 10.37 7.37 7.86
CA SER A 6 9.28 6.42 7.83
C SER A 6 8.29 6.80 6.72
N GLY A 7 7.68 5.78 6.15
CA GLY A 7 6.71 5.98 5.08
C GLY A 7 7.19 5.35 3.77
N ARG A 8 6.39 4.42 3.27
CA ARG A 8 6.71 3.73 2.04
C ARG A 8 5.58 3.90 1.02
N ARG A 9 5.95 3.82 -0.25
CA ARG A 9 4.99 3.97 -1.33
C ARG A 9 5.08 2.79 -2.28
N CYS A 10 3.92 2.38 -2.80
CA CYS A 10 3.87 1.27 -3.72
C CYS A 10 2.68 1.50 -4.67
N GLN A 11 2.86 1.06 -5.91
CA GLN A 11 1.83 1.21 -6.91
C GLN A 11 1.19 -0.15 -7.22
N VAL A 12 -0.10 -0.24 -6.93
CA VAL A 12 -0.83 -1.47 -7.18
C VAL A 12 -0.68 -1.86 -8.65
N ALA A 13 -0.55 -3.16 -8.87
CA ALA A 13 -0.40 -3.68 -10.23
C ALA A 13 -1.56 -4.63 -10.54
N PHE A 14 -2.38 -4.86 -9.52
CA PHE A 14 -3.53 -5.73 -9.67
C PHE A 14 -4.65 -5.34 -8.71
N SER A 15 -5.79 -5.01 -9.30
CA SER A 15 -6.94 -4.61 -8.51
C SER A 15 -7.37 -5.76 -7.60
N TYR A 16 -7.49 -5.44 -6.32
CA TYR A 16 -7.90 -6.43 -5.33
C TYR A 16 -9.23 -6.05 -4.68
N LEU A 17 -10.18 -6.97 -4.80
CA LEU A 17 -11.50 -6.74 -4.24
C LEU A 17 -11.54 -7.28 -2.80
N PRO A 18 -11.89 -6.37 -1.86
CA PRO A 18 -11.96 -6.74 -0.45
C PRO A 18 -13.22 -7.57 -0.17
N GLN A 19 -12.99 -8.83 0.18
CA GLN A 19 -14.09 -9.73 0.48
C GLN A 19 -14.69 -9.40 1.84
N ASN A 20 -14.12 -8.38 2.47
CA ASN A 20 -14.59 -7.96 3.78
C ASN A 20 -14.83 -6.45 3.77
N ASP A 21 -15.16 -5.93 4.94
CA ASP A 21 -15.42 -4.50 5.09
C ASP A 21 -14.29 -3.87 5.91
N ASP A 22 -13.15 -4.53 5.89
CA ASP A 22 -11.99 -4.04 6.63
C ASP A 22 -10.73 -4.22 5.77
N GLU A 23 -10.96 -4.52 4.50
CA GLU A 23 -9.86 -4.72 3.57
C GLU A 23 -9.78 -3.55 2.58
N LEU A 24 -8.57 -3.33 2.07
CA LEU A 24 -8.35 -2.25 1.12
C LEU A 24 -8.62 -2.77 -0.29
N GLU A 25 -9.14 -1.88 -1.11
CA GLU A 25 -9.46 -2.23 -2.49
C GLU A 25 -8.35 -1.74 -3.43
N LEU A 26 -7.47 -2.66 -3.79
CA LEU A 26 -6.36 -2.35 -4.66
C LEU A 26 -6.89 -2.15 -6.09
N LYS A 27 -6.18 -1.31 -6.84
CA LYS A 27 -6.57 -1.03 -8.20
C LYS A 27 -5.32 -0.68 -9.02
N VAL A 28 -4.80 -1.68 -9.71
CA VAL A 28 -3.62 -1.50 -10.53
C VAL A 28 -3.56 -0.06 -11.02
N GLY A 29 -2.73 0.73 -10.35
CA GLY A 29 -2.57 2.13 -10.70
C GLY A 29 -2.76 3.03 -9.47
N ASP A 30 -3.10 2.40 -8.37
CA ASP A 30 -3.31 3.13 -7.12
C ASP A 30 -2.04 3.04 -6.27
N ILE A 31 -1.73 4.16 -5.63
CA ILE A 31 -0.55 4.23 -4.78
C ILE A 31 -0.99 4.23 -3.32
N ILE A 32 -0.46 3.27 -2.57
CA ILE A 32 -0.78 3.15 -1.16
C ILE A 32 0.42 3.59 -0.32
N GLU A 33 0.21 4.63 0.46
CA GLU A 33 1.27 5.17 1.31
C GLU A 33 1.57 4.19 2.45
N VAL A 34 2.24 3.10 2.09
CA VAL A 34 2.59 2.09 3.08
C VAL A 34 3.01 2.77 4.37
N VAL A 35 2.16 2.62 5.38
CA VAL A 35 2.42 3.21 6.69
C VAL A 35 3.13 2.18 7.58
N GLY A 36 2.59 0.96 7.55
CA GLY A 36 3.16 -0.11 8.35
C GLY A 36 2.91 -1.47 7.69
N GLU A 37 2.92 -2.51 8.52
CA GLU A 37 2.70 -3.85 8.03
C GLU A 37 1.93 -4.67 9.05
N VAL A 38 0.99 -5.46 8.56
CA VAL A 38 0.17 -6.29 9.42
C VAL A 38 0.86 -7.65 9.61
N GLU A 39 0.85 -8.44 8.55
CA GLU A 39 1.46 -9.75 8.59
C GLU A 39 2.09 -10.09 7.23
N GLU A 40 2.98 -11.06 7.25
CA GLU A 40 3.65 -11.48 6.03
C GLU A 40 2.68 -11.48 4.85
N GLY A 41 3.19 -11.07 3.70
CA GLY A 41 2.37 -11.01 2.50
C GLY A 41 1.20 -10.05 2.67
N TRP A 42 1.34 -9.18 3.67
CA TRP A 42 0.30 -8.21 3.95
C TRP A 42 0.97 -7.00 4.60
N TRP A 43 0.63 -5.82 4.09
CA TRP A 43 1.18 -4.59 4.61
C TRP A 43 0.02 -3.68 5.01
N GLU A 44 0.37 -2.53 5.58
CA GLU A 44 -0.63 -1.57 6.01
C GLU A 44 -0.33 -0.19 5.41
N GLY A 45 -1.31 0.33 4.69
CA GLY A 45 -1.16 1.64 4.07
C GLY A 45 -2.51 2.31 3.87
N VAL A 46 -2.50 3.41 3.13
CA VAL A 46 -3.72 4.16 2.86
C VAL A 46 -4.05 4.05 1.37
N LEU A 47 -5.29 4.41 1.05
CA LEU A 47 -5.74 4.37 -0.33
C LEU A 47 -6.85 5.41 -0.53
N ASN A 48 -6.49 6.48 -1.21
CA ASN A 48 -7.44 7.55 -1.48
C ASN A 48 -8.11 7.97 -0.17
N GLY A 49 -7.43 7.66 0.93
CA GLY A 49 -7.96 7.99 2.25
C GLY A 49 -8.41 6.73 2.99
N LYS A 50 -8.71 5.69 2.22
CA LYS A 50 -9.15 4.43 2.79
C LYS A 50 -7.94 3.67 3.34
N THR A 51 -8.09 3.21 4.57
CA THR A 51 -7.01 2.46 5.21
C THR A 51 -7.43 1.00 5.42
N GLY A 52 -6.43 0.14 5.49
CA GLY A 52 -6.68 -1.28 5.69
C GLY A 52 -5.40 -2.09 5.44
N MET A 53 -5.59 -3.40 5.36
CA MET A 53 -4.47 -4.31 5.13
C MET A 53 -4.57 -4.94 3.74
N PHE A 54 -3.53 -4.71 2.94
CA PHE A 54 -3.49 -5.25 1.60
C PHE A 54 -2.21 -6.07 1.38
N PRO A 55 -2.28 -6.97 0.36
CA PRO A 55 -1.14 -7.82 0.04
C PRO A 55 -0.04 -7.02 -0.68
N SER A 56 1.19 -7.46 -0.47
CA SER A 56 2.33 -6.80 -1.09
C SER A 56 2.77 -7.59 -2.32
N ASN A 57 2.00 -8.60 -2.65
CA ASN A 57 2.30 -9.43 -3.81
C ASN A 57 1.61 -8.86 -5.04
N PHE A 58 0.44 -8.27 -4.80
CA PHE A 58 -0.33 -7.68 -5.88
C PHE A 58 0.06 -6.22 -6.10
N ILE A 59 1.30 -5.91 -5.72
CA ILE A 59 1.80 -4.56 -5.87
C ILE A 59 3.27 -4.61 -6.32
N LYS A 60 3.89 -3.44 -6.32
CA LYS A 60 5.28 -3.36 -6.72
C LYS A 60 5.91 -2.12 -6.07
N GLU A 61 6.72 -2.37 -5.05
CA GLU A 61 7.38 -1.29 -4.34
C GLU A 61 8.02 -0.32 -5.32
N LEU A 62 8.28 0.88 -4.83
CA LEU A 62 8.90 1.91 -5.66
C LEU A 62 9.88 2.72 -4.81
N SER A 63 11.06 2.93 -5.38
CA SER A 63 12.10 3.68 -4.69
C SER A 63 13.25 3.98 -5.66
N GLY A 64 14.17 4.81 -5.18
CA GLY A 64 15.32 5.19 -5.98
C GLY A 64 16.58 4.47 -5.50
N PRO A 65 17.68 4.62 -6.30
CA PRO A 65 18.94 4.00 -5.98
C PRO A 65 19.63 4.74 -4.83
N SER A 66 20.22 3.95 -3.94
CA SER A 66 20.92 4.52 -2.79
C SER A 66 22.32 4.99 -3.21
N SER A 67 23.09 4.04 -3.73
CA SER A 67 24.44 4.34 -4.17
C SER A 67 25.26 4.87 -3.00
N GLY A 68 26.05 3.98 -2.41
CA GLY A 68 26.89 4.34 -1.28
C GLY A 68 27.40 3.10 -0.54
N GLY A 1 -1.92 24.07 11.77
CA GLY A 1 -1.96 22.81 11.04
C GLY A 1 -0.59 22.47 10.44
N SER A 2 0.15 21.64 11.15
CA SER A 2 1.47 21.23 10.70
C SER A 2 1.55 19.71 10.65
N SER A 3 1.97 19.20 9.50
CA SER A 3 2.11 17.77 9.32
C SER A 3 3.36 17.46 8.50
N GLY A 4 3.84 16.23 8.64
CA GLY A 4 5.02 15.79 7.92
C GLY A 4 5.25 14.30 8.08
N SER A 5 4.46 13.53 7.34
CA SER A 5 4.56 12.08 7.39
C SER A 5 5.18 11.55 6.10
N SER A 6 6.16 10.67 6.26
CA SER A 6 6.84 10.08 5.11
C SER A 6 7.06 8.59 5.34
N GLY A 7 6.08 7.80 4.95
CA GLY A 7 6.15 6.36 5.10
C GLY A 7 6.69 5.69 3.84
N ARG A 8 6.00 4.66 3.40
CA ARG A 8 6.39 3.93 2.22
C ARG A 8 5.28 3.99 1.16
N ARG A 9 5.71 4.07 -0.10
CA ARG A 9 4.77 4.14 -1.20
C ARG A 9 4.95 2.95 -2.13
N CYS A 10 3.84 2.45 -2.65
CA CYS A 10 3.87 1.31 -3.56
C CYS A 10 2.68 1.43 -4.51
N GLN A 11 2.90 0.95 -5.73
CA GLN A 11 1.85 0.99 -6.74
C GLN A 11 1.17 -0.37 -6.86
N VAL A 12 -0.11 -0.33 -7.20
CA VAL A 12 -0.88 -1.55 -7.34
C VAL A 12 -0.80 -2.02 -8.80
N ALA A 13 -0.27 -3.23 -8.96
CA ALA A 13 -0.13 -3.82 -10.28
C ALA A 13 -1.33 -4.70 -10.57
N PHE A 14 -1.95 -5.18 -9.50
CA PHE A 14 -3.12 -6.03 -9.63
C PHE A 14 -4.24 -5.59 -8.69
N SER A 15 -5.37 -5.25 -9.30
CA SER A 15 -6.52 -4.80 -8.52
C SER A 15 -6.99 -5.92 -7.59
N TYR A 16 -7.40 -5.52 -6.39
CA TYR A 16 -7.87 -6.47 -5.40
C TYR A 16 -9.15 -5.98 -4.74
N LEU A 17 -10.20 -6.78 -4.87
CA LEU A 17 -11.48 -6.43 -4.28
C LEU A 17 -11.55 -6.96 -2.86
N PRO A 18 -11.88 -6.05 -1.91
CA PRO A 18 -11.97 -6.42 -0.51
C PRO A 18 -13.26 -7.20 -0.23
N GLN A 19 -13.08 -8.47 0.13
CA GLN A 19 -14.21 -9.33 0.41
C GLN A 19 -14.82 -8.97 1.78
N ASN A 20 -14.22 -7.97 2.41
CA ASN A 20 -14.69 -7.53 3.71
C ASN A 20 -14.81 -6.00 3.71
N ASP A 21 -15.11 -5.46 4.88
CA ASP A 21 -15.25 -4.02 5.03
C ASP A 21 -14.08 -3.48 5.86
N ASP A 22 -12.99 -4.23 5.84
CA ASP A 22 -11.81 -3.84 6.58
C ASP A 22 -10.57 -4.07 5.71
N GLU A 23 -10.82 -4.32 4.44
CA GLU A 23 -9.74 -4.55 3.50
C GLU A 23 -9.61 -3.38 2.53
N LEU A 24 -8.45 -3.30 1.90
CA LEU A 24 -8.19 -2.22 0.96
C LEU A 24 -8.52 -2.70 -0.46
N GLU A 25 -8.97 -1.77 -1.28
CA GLU A 25 -9.32 -2.08 -2.65
C GLU A 25 -8.20 -1.66 -3.60
N LEU A 26 -7.40 -2.63 -3.97
CA LEU A 26 -6.29 -2.39 -4.87
C LEU A 26 -6.81 -2.17 -6.29
N LYS A 27 -6.28 -1.16 -6.94
CA LYS A 27 -6.69 -0.83 -8.30
C LYS A 27 -5.45 -0.49 -9.13
N VAL A 28 -5.22 -1.30 -10.16
CA VAL A 28 -4.08 -1.08 -11.04
C VAL A 28 -3.85 0.42 -11.21
N GLY A 29 -2.81 0.90 -10.54
CA GLY A 29 -2.48 2.32 -10.60
C GLY A 29 -2.52 2.96 -9.22
N ASP A 30 -3.47 2.51 -8.42
CA ASP A 30 -3.62 3.03 -7.08
C ASP A 30 -2.29 2.92 -6.33
N ILE A 31 -2.02 3.93 -5.53
CA ILE A 31 -0.78 3.97 -4.76
C ILE A 31 -1.11 4.02 -3.27
N ILE A 32 -0.71 2.97 -2.57
CA ILE A 32 -0.96 2.89 -1.14
C ILE A 32 0.29 3.36 -0.38
N GLU A 33 0.05 4.13 0.67
CA GLU A 33 1.13 4.65 1.48
C GLU A 33 1.40 3.71 2.66
N VAL A 34 2.11 2.63 2.36
CA VAL A 34 2.44 1.65 3.37
C VAL A 34 2.82 2.37 4.67
N VAL A 35 1.94 2.25 5.66
CA VAL A 35 2.17 2.90 6.94
C VAL A 35 2.96 1.94 7.85
N GLY A 36 2.60 0.67 7.76
CA GLY A 36 3.25 -0.34 8.57
C GLY A 36 3.20 -1.71 7.88
N GLU A 37 3.43 -2.75 8.66
CA GLU A 37 3.41 -4.11 8.15
C GLU A 37 2.51 -4.99 9.01
N VAL A 38 1.34 -5.30 8.47
CA VAL A 38 0.39 -6.13 9.18
C VAL A 38 1.03 -7.48 9.49
N GLU A 39 1.45 -8.16 8.42
CA GLU A 39 2.07 -9.47 8.56
C GLU A 39 2.75 -9.87 7.25
N GLU A 40 3.23 -11.10 7.23
CA GLU A 40 3.90 -11.63 6.04
C GLU A 40 2.89 -11.84 4.92
N GLY A 41 3.16 -11.19 3.79
CA GLY A 41 2.29 -11.31 2.63
C GLY A 41 1.20 -10.23 2.65
N TRP A 42 1.20 -9.46 3.73
CA TRP A 42 0.23 -8.39 3.88
C TRP A 42 0.95 -7.17 4.47
N TRP A 43 0.31 -6.03 4.35
CA TRP A 43 0.87 -4.79 4.87
C TRP A 43 -0.28 -3.87 5.27
N GLU A 44 0.08 -2.67 5.70
CA GLU A 44 -0.91 -1.69 6.11
C GLU A 44 -0.58 -0.31 5.52
N GLY A 45 -1.51 0.20 4.74
CA GLY A 45 -1.33 1.49 4.10
C GLY A 45 -2.68 2.20 3.91
N VAL A 46 -2.62 3.30 3.18
CA VAL A 46 -3.83 4.07 2.91
C VAL A 46 -4.17 3.96 1.42
N LEU A 47 -5.41 4.32 1.10
CA LEU A 47 -5.88 4.26 -0.27
C LEU A 47 -6.89 5.38 -0.51
N ASN A 48 -6.48 6.34 -1.33
CA ASN A 48 -7.33 7.47 -1.64
C ASN A 48 -7.91 8.04 -0.35
N GLY A 49 -7.21 7.78 0.74
CA GLY A 49 -7.64 8.26 2.05
C GLY A 49 -8.08 7.11 2.94
N LYS A 50 -8.63 6.09 2.31
CA LYS A 50 -9.09 4.92 3.04
C LYS A 50 -7.90 4.19 3.63
N THR A 51 -8.19 3.19 4.46
CA THR A 51 -7.15 2.41 5.09
C THR A 51 -7.54 0.93 5.14
N GLY A 52 -6.54 0.09 5.40
CA GLY A 52 -6.77 -1.34 5.47
C GLY A 52 -5.49 -2.11 5.17
N MET A 53 -5.58 -3.43 5.31
CA MET A 53 -4.44 -4.29 5.06
C MET A 53 -4.56 -4.97 3.68
N PHE A 54 -3.50 -4.81 2.89
CA PHE A 54 -3.48 -5.40 1.56
C PHE A 54 -2.29 -6.34 1.40
N PRO A 55 -2.41 -7.26 0.40
CA PRO A 55 -1.35 -8.22 0.14
C PRO A 55 -0.17 -7.55 -0.57
N SER A 56 1.01 -7.79 -0.02
CA SER A 56 2.22 -7.21 -0.59
C SER A 56 2.74 -8.09 -1.73
N ASN A 57 1.92 -9.07 -2.09
CA ASN A 57 2.28 -10.00 -3.15
C ASN A 57 1.45 -9.68 -4.40
N PHE A 58 1.00 -8.44 -4.46
CA PHE A 58 0.19 -7.99 -5.59
C PHE A 58 0.38 -6.48 -5.83
N ILE A 59 1.59 -6.03 -5.59
CA ILE A 59 1.91 -4.62 -5.78
C ILE A 59 3.31 -4.49 -6.39
N LYS A 60 3.77 -3.25 -6.46
CA LYS A 60 5.09 -2.98 -7.02
C LYS A 60 5.70 -1.76 -6.33
N GLU A 61 6.66 -2.03 -5.46
CA GLU A 61 7.32 -0.97 -4.73
C GLU A 61 7.78 0.14 -5.68
N LEU A 62 8.24 1.23 -5.10
CA LEU A 62 8.72 2.36 -5.88
C LEU A 62 9.93 2.99 -5.18
N SER A 63 10.89 3.39 -6.00
CA SER A 63 12.10 4.01 -5.48
C SER A 63 12.18 5.46 -5.94
N GLY A 64 11.96 6.36 -4.99
CA GLY A 64 12.00 7.79 -5.29
C GLY A 64 13.30 8.15 -6.03
N PRO A 65 13.43 9.47 -6.33
CA PRO A 65 14.61 9.96 -7.04
C PRO A 65 15.82 10.00 -6.11
N SER A 66 15.64 10.66 -4.97
CA SER A 66 16.72 10.78 -4.00
C SER A 66 16.13 10.97 -2.60
N SER A 67 15.33 12.02 -2.46
CA SER A 67 14.70 12.31 -1.18
C SER A 67 15.77 12.63 -0.14
N GLY A 68 15.98 13.92 0.07
CA GLY A 68 16.97 14.38 1.03
C GLY A 68 17.80 15.53 0.47
#